data_8SWW
#
_entry.id   8SWW
#
_cell.length_a   1.00
_cell.length_b   1.00
_cell.length_c   1.00
_cell.angle_alpha   90.00
_cell.angle_beta   90.00
_cell.angle_gamma   90.00
#
_symmetry.space_group_name_H-M   'P 1'
#
loop_
_entity.id
_entity.type
_entity.pdbx_description
1 polymer 'Surface protein gp120'
2 polymer 'Transmembrane protein gp41'
3 polymer 'NHP polyclonal antibody IF3 Heavy Chain'
4 polymer 'NHP polyclonal antibody IF3 Light Chain'
5 branched 2-acetamido-2-deoxy-beta-D-glucopyranose-(1-4)-2-acetamido-2-deoxy-beta-D-glucopyranose
6 branched beta-D-mannopyranose-(1-4)-2-acetamido-2-deoxy-beta-D-glucopyranose-(1-4)-2-acetamido-2-deoxy-beta-D-glucopyranose
7 branched alpha-D-mannopyranose-(1-3)-beta-D-mannopyranose-(1-4)-2-acetamido-2-deoxy-beta-D-glucopyranose-(1-4)-2-acetamido-2-deoxy-beta-D-glucopyranose
8 non-polymer 2-acetamido-2-deoxy-beta-D-glucopyranose
#
loop_
_entity_poly.entity_id
_entity_poly.type
_entity_poly.pdbx_seq_one_letter_code
_entity_poly.pdbx_strand_id
1 'polypeptide(L)'
;MDAMKRGLCCVLLLCGAVFVSPSQEIHARFRRGARAENLWVTVYYGVPVWKDAETTLFCASDAKAYETKKHNVWATHCCV
PTDPNPQEIHLENVTEEFNMWKNNMVEQMHTDIISLWDQSLKPCVKLTPLCVTLQCTNVTNNITDDMRGELKNCSFNMTT
ELRDKKQKVYSLFYRLDVVQINENQGNRSNNSNKEYRLINCNTSAITQACPKVSFEPIPIHYCAPAGFAILKCKDKKFNG
TGPCTNVSTVQCTHGIKPVVSTQLLLNGSLAEEEVIIRSENITNNAKNILVQLNESVQINCTRPNNNTRKSIRIGPGQWF
YATGDIIGDIRQAHCNVSKATWNETLGKVVKQLRKHFGNNTIIRFANSSGGDLEVTTHSFNCGGEFFYCNTSGLFNSTWI
SNTSVQGSNSTGSNDSITLPCRIKQIINMWQRIGQAMYAPPIQGVIRCVSNITGLILTRDGGSTNSTTETFRPGGGDMRD
NWRSELYKYKVVKIEPLGVAPTRCKRRVVGRRRRRR
;
A,E,F
2 'polypeptide(L)'
;AVGIGAVFLGFLGAAGSTMGAASMTLTVQARNLLSGIVQQQSNLLRAPECQQHLLKLTVWGIKQLQARVLAVERYLRDQQ
LLGIWGCSGKLICCTNVPWNSTWSNRNLSEIWDNMTWLQWDKEISNYTQIIYGLLEESQNQQEKNEQDLLALD
;
B,C,D
3 'polypeptide(L)'
;(UNK)(UNK)(UNK)(UNK)(UNK)(UNK)(UNK)(UNK)(UNK)(UNK)(UNK)(UNK)(UNK)(UNK)(UNK)(UNK)
(UNK)(UNK)(UNK)(UNK)(UNK)(UNK)(UNK)(UNK)(UNK)(UNK)(UNK)(UNK)(UNK)(UNK)(UNK)(UNK)
(UNK)(UNK)(UNK)(UNK)(UNK)(UNK)(UNK)(UNK)(UNK)(UNK)(UNK)(UNK)(UNK)(UNK)(UNK)(UNK)
(UNK)(UNK)(UNK)(UNK)(UNK)(UNK)(UNK)(UNK)(UNK)(UNK)(UNK)(UNK)(UNK)(UNK)(UNK)(UNK)
(UNK)(UNK)(UNK)(UNK)(UNK)(UNK)(UNK)(UNK)(UNK)(UNK)(UNK)(UNK)(UNK)(UNK)(UNK)(UNK)
(UNK)(UNK)(UNK)(UNK)(UNK)(UNK)(UNK)(UNK)(UNK)(UNK)(UNK)(UNK)(UNK)(UNK)(UNK)(UNK)
(UNK)(UNK)(UNK)(UNK)(UNK)(UNK)(UNK)(UNK)(UNK)(UNK)(UNK)(UNK)(UNK)(UNK)(UNK)
;
H
4 'polypeptide(L)'
;(UNK)(UNK)(UNK)(UNK)(UNK)(UNK)(UNK)(UNK)(UNK)(UNK)(UNK)(UNK)(UNK)(UNK)(UNK)(UNK)
(UNK)(UNK)(UNK)(UNK)(UNK)(UNK)(UNK)(UNK)(UNK)(UNK)(UNK)(UNK)(UNK)(UNK)(UNK)(UNK)
(UNK)(UNK)(UNK)(UNK)(UNK)(UNK)(UNK)(UNK)(UNK)(UNK)(UNK)(UNK)(UNK)(UNK)(UNK)(UNK)
(UNK)(UNK)(UNK)(UNK)(UNK)(UNK)(UNK)(UNK)(UNK)(UNK)(UNK)(UNK)(UNK)(UNK)(UNK)(UNK)
(UNK)(UNK)(UNK)(UNK)(UNK)(UNK)(UNK)(UNK)(UNK)(UNK)(UNK)(UNK)(UNK)(UNK)(UNK)(UNK)
(UNK)(UNK)(UNK)(UNK)(UNK)(UNK)(UNK)(UNK)(UNK)(UNK)(UNK)(UNK)(UNK)(UNK)(UNK)(UNK)
(UNK)(UNK)(UNK)(UNK)(UNK)(UNK)(UNK)(UNK)(UNK)(UNK)(UNK)(UNK)(UNK)(UNK)(UNK)(UNK)
(UNK)
;
L
#
loop_
_chem_comp.id
_chem_comp.type
_chem_comp.name
_chem_comp.formula
BMA D-saccharide, beta linking beta-D-mannopyranose 'C6 H12 O6'
MAN D-saccharide, alpha linking alpha-D-mannopyranose 'C6 H12 O6'
NAG D-saccharide, beta linking 2-acetamido-2-deoxy-beta-D-glucopyranose 'C8 H15 N O6'
#
# COMPACT_ATOMS: atom_id res chain seq x y z
N ASN A 38 32.11 28.66 -43.23
CA ASN A 38 32.21 29.28 -41.91
C ASN A 38 30.87 29.18 -41.12
N LEU A 39 30.34 27.95 -40.99
CA LEU A 39 29.10 27.65 -40.27
C LEU A 39 29.41 26.97 -38.95
N TRP A 40 28.60 27.29 -37.95
CA TRP A 40 28.79 26.83 -36.57
C TRP A 40 27.56 26.28 -35.88
N VAL A 41 27.79 25.38 -34.95
CA VAL A 41 26.75 24.78 -34.12
C VAL A 41 26.22 25.74 -33.08
N THR A 42 24.91 25.77 -32.96
CA THR A 42 24.25 26.55 -31.94
C THR A 42 23.19 25.65 -31.34
N VAL A 43 22.97 25.74 -30.06
CA VAL A 43 22.01 24.89 -29.37
C VAL A 43 20.74 25.62 -28.99
N TYR A 44 19.60 25.03 -29.32
CA TYR A 44 18.31 25.62 -29.03
C TYR A 44 17.44 24.84 -28.09
N TYR A 45 17.01 25.46 -27.02
CA TYR A 45 16.14 24.74 -26.13
C TYR A 45 14.75 25.33 -26.28
N GLY A 46 13.75 24.46 -26.42
CA GLY A 46 12.38 24.91 -26.61
C GLY A 46 11.95 24.71 -28.05
N VAL A 47 12.54 23.75 -28.71
CA VAL A 47 12.25 23.40 -30.08
C VAL A 47 10.95 22.56 -30.24
N PRO A 48 10.00 22.92 -31.13
CA PRO A 48 8.73 22.24 -31.34
C PRO A 48 8.84 20.95 -32.11
N VAL A 49 9.46 19.97 -31.49
CA VAL A 49 9.67 18.65 -32.04
C VAL A 49 9.14 17.57 -31.13
N TRP A 50 8.51 16.56 -31.72
CA TRP A 50 7.98 15.45 -30.97
C TRP A 50 8.07 14.13 -31.69
N LYS A 51 8.01 13.06 -30.92
CA LYS A 51 8.09 11.69 -31.44
C LYS A 51 6.96 10.80 -30.91
N ASP A 52 6.61 9.78 -31.67
CA ASP A 52 5.58 8.86 -31.20
C ASP A 52 6.02 8.25 -29.89
N ALA A 53 5.11 8.09 -28.91
CA ALA A 53 5.55 7.50 -27.66
C ALA A 53 4.52 6.68 -26.95
N GLU A 54 5.00 5.73 -26.17
CA GLU A 54 4.15 4.90 -25.34
C GLU A 54 4.46 5.16 -23.88
N THR A 55 3.57 5.85 -23.22
CA THR A 55 3.81 6.20 -21.83
C THR A 55 2.61 5.94 -20.99
N THR A 56 2.74 6.25 -19.73
CA THR A 56 1.66 6.10 -18.79
C THR A 56 0.92 7.40 -18.65
N LEU A 57 -0.37 7.39 -18.90
CA LEU A 57 -1.16 8.59 -18.77
C LEU A 57 -1.79 8.61 -17.41
N PHE A 58 -2.10 9.78 -16.89
CA PHE A 58 -2.76 9.76 -15.61
C PHE A 58 -4.23 9.93 -15.88
N CYS A 59 -5.07 9.44 -14.96
CA CYS A 59 -6.53 9.47 -15.05
C CYS A 59 -7.04 10.64 -14.22
N ALA A 60 -7.96 11.42 -14.80
CA ALA A 60 -8.50 12.60 -14.14
C ALA A 60 -10.00 12.78 -14.37
N SER A 61 -10.64 13.57 -13.50
CA SER A 61 -12.08 13.83 -13.56
C SER A 61 -12.36 15.27 -13.17
N ASP A 62 -13.58 15.76 -13.31
CA ASP A 62 -13.78 17.16 -12.97
C ASP A 62 -13.95 17.33 -11.47
N ALA A 63 -14.21 18.56 -11.02
CA ALA A 63 -14.25 18.89 -9.60
C ALA A 63 -15.59 18.63 -8.94
N LYS A 64 -16.57 18.19 -9.70
CA LYS A 64 -17.88 17.92 -9.15
C LYS A 64 -18.08 16.42 -9.05
N ALA A 65 -17.41 15.68 -9.92
CA ALA A 65 -17.57 14.25 -9.98
C ALA A 65 -17.31 13.58 -8.65
N TYR A 66 -16.32 14.06 -7.88
CA TYR A 66 -16.02 13.40 -6.62
C TYR A 66 -16.73 14.00 -5.43
N GLU A 67 -17.62 14.95 -5.69
CA GLU A 67 -18.39 15.57 -4.64
C GLU A 67 -19.78 14.94 -4.68
N THR A 68 -20.24 14.65 -5.90
CA THR A 68 -21.54 14.04 -6.10
C THR A 68 -21.46 12.53 -6.06
N LYS A 69 -20.53 11.93 -6.82
CA LYS A 69 -20.43 10.50 -6.89
C LYS A 69 -19.49 10.01 -5.80
N LYS A 70 -19.99 10.12 -4.59
CA LYS A 70 -19.22 9.92 -3.38
C LYS A 70 -18.56 8.58 -3.22
N HIS A 71 -19.19 7.52 -3.69
CA HIS A 71 -18.60 6.21 -3.51
C HIS A 71 -18.42 5.49 -4.82
N ASN A 72 -18.22 6.28 -5.86
CA ASN A 72 -17.99 5.80 -7.20
C ASN A 72 -16.53 5.51 -7.44
N VAL A 73 -16.20 4.33 -7.91
CA VAL A 73 -14.79 3.99 -8.07
C VAL A 73 -14.09 4.90 -9.03
N TRP A 74 -14.80 5.38 -10.02
CA TRP A 74 -14.14 6.18 -10.99
C TRP A 74 -13.76 7.52 -10.41
N ALA A 75 -14.69 8.14 -9.69
CA ALA A 75 -14.45 9.44 -9.09
C ALA A 75 -13.44 9.33 -7.95
N THR A 76 -13.48 8.20 -7.24
CA THR A 76 -12.61 7.97 -6.12
C THR A 76 -11.17 7.83 -6.52
N HIS A 77 -10.91 7.05 -7.57
CA HIS A 77 -9.53 6.85 -7.96
C HIS A 77 -8.96 7.85 -8.98
N CYS A 78 -9.77 8.34 -9.95
CA CYS A 78 -9.36 9.32 -10.96
C CYS A 78 -9.74 10.65 -10.35
N CYS A 79 -9.02 10.93 -9.28
CA CYS A 79 -9.30 12.03 -8.37
C CYS A 79 -8.64 13.33 -8.70
N VAL A 80 -7.81 13.35 -9.72
CA VAL A 80 -7.12 14.57 -10.07
C VAL A 80 -8.11 15.48 -10.76
N PRO A 81 -8.37 16.70 -10.30
CA PRO A 81 -9.30 17.59 -10.95
C PRO A 81 -8.80 17.97 -12.32
N THR A 82 -9.70 17.98 -13.28
CA THR A 82 -9.38 18.45 -14.62
C THR A 82 -10.54 19.14 -15.27
N ASP A 83 -10.32 19.43 -16.54
CA ASP A 83 -11.22 20.13 -17.45
C ASP A 83 -11.73 21.50 -17.01
N PRO A 84 -10.89 22.44 -16.50
CA PRO A 84 -11.32 23.79 -16.19
C PRO A 84 -11.56 24.57 -17.48
N ASN A 85 -10.89 24.09 -18.52
CA ASN A 85 -10.87 24.61 -19.87
C ASN A 85 -10.02 23.68 -20.72
N PRO A 86 -10.58 22.75 -21.49
CA PRO A 86 -9.83 21.78 -22.29
C PRO A 86 -9.32 22.48 -23.54
N GLN A 87 -8.41 23.41 -23.32
CA GLN A 87 -7.92 24.29 -24.36
C GLN A 87 -7.06 23.57 -25.37
N GLU A 88 -7.38 23.78 -26.65
CA GLU A 88 -6.61 23.20 -27.73
C GLU A 88 -5.64 24.20 -28.30
N ILE A 89 -4.52 23.70 -28.79
CA ILE A 89 -3.59 24.51 -29.53
C ILE A 89 -3.61 24.09 -30.98
N HIS A 90 -4.09 24.92 -31.87
CA HIS A 90 -4.19 24.51 -33.25
C HIS A 90 -2.80 24.40 -33.86
N LEU A 91 -2.49 23.33 -34.60
CA LEU A 91 -1.16 23.27 -35.19
C LEU A 91 -1.19 23.64 -36.66
N GLU A 92 -0.85 24.87 -36.97
CA GLU A 92 -0.95 25.26 -38.36
C GLU A 92 0.09 24.51 -39.14
N ASN A 93 -0.33 24.02 -40.30
CA ASN A 93 0.46 23.28 -41.27
C ASN A 93 1.08 22.00 -40.76
N VAL A 94 0.44 21.31 -39.83
CA VAL A 94 0.98 20.04 -39.40
C VAL A 94 0.18 18.86 -39.85
N THR A 95 0.84 17.94 -40.52
CA THR A 95 0.21 16.71 -40.95
C THR A 95 0.74 15.65 -40.03
N GLU A 96 -0.15 14.86 -39.47
CA GLU A 96 0.24 13.87 -38.50
C GLU A 96 -0.42 12.54 -38.83
N GLU A 97 0.33 11.45 -38.76
CA GLU A 97 -0.23 10.13 -39.01
C GLU A 97 -0.78 9.46 -37.75
N PHE A 98 -2.03 9.02 -37.84
CA PHE A 98 -2.74 8.37 -36.75
C PHE A 98 -3.09 6.92 -37.09
N ASN A 99 -3.22 6.08 -36.06
CA ASN A 99 -3.65 4.69 -36.26
C ASN A 99 -4.41 4.17 -35.05
N MET A 100 -5.73 4.11 -35.14
CA MET A 100 -6.53 3.74 -33.99
C MET A 100 -6.39 2.29 -33.58
N TRP A 101 -5.86 1.45 -34.44
CA TRP A 101 -5.79 0.05 -34.10
C TRP A 101 -4.45 -0.34 -33.53
N LYS A 102 -3.55 0.64 -33.36
CA LYS A 102 -2.23 0.41 -32.80
C LYS A 102 -2.00 1.42 -31.68
N ASN A 103 -3.09 1.96 -31.18
CA ASN A 103 -3.08 3.01 -30.17
C ASN A 103 -2.90 2.51 -28.74
N ASN A 104 -1.78 2.84 -28.15
CA ASN A 104 -1.44 2.41 -26.80
C ASN A 104 -2.40 2.97 -25.77
N MET A 105 -3.10 4.06 -26.09
CA MET A 105 -4.02 4.63 -25.13
C MET A 105 -5.14 3.66 -24.87
N VAL A 106 -5.49 2.86 -25.88
CA VAL A 106 -6.56 1.91 -25.77
C VAL A 106 -6.11 0.79 -24.90
N GLU A 107 -4.89 0.34 -25.11
CA GLU A 107 -4.44 -0.76 -24.30
C GLU A 107 -4.31 -0.31 -22.85
N GLN A 108 -3.84 0.92 -22.61
CA GLN A 108 -3.76 1.34 -21.23
C GLN A 108 -5.12 1.40 -20.62
N MET A 109 -6.11 1.96 -21.32
CA MET A 109 -7.41 2.05 -20.70
C MET A 109 -7.92 0.68 -20.40
N HIS A 110 -7.76 -0.26 -21.31
CA HIS A 110 -8.26 -1.58 -21.07
C HIS A 110 -7.68 -2.12 -19.79
N THR A 111 -6.38 -2.04 -19.63
CA THR A 111 -5.77 -2.54 -18.42
C THR A 111 -6.23 -1.80 -17.17
N ASP A 112 -6.35 -0.47 -17.22
CA ASP A 112 -6.77 0.29 -16.04
C ASP A 112 -8.17 -0.10 -15.60
N ILE A 113 -9.06 -0.36 -16.55
CA ILE A 113 -10.43 -0.75 -16.21
C ILE A 113 -10.41 -2.08 -15.51
N ILE A 114 -9.63 -3.03 -16.02
CA ILE A 114 -9.60 -4.35 -15.42
C ILE A 114 -9.01 -4.29 -14.04
N SER A 115 -7.90 -3.56 -13.90
CA SER A 115 -7.22 -3.51 -12.64
C SER A 115 -8.09 -2.91 -11.56
N LEU A 116 -8.77 -1.81 -11.87
CA LEU A 116 -9.61 -1.21 -10.87
C LEU A 116 -10.74 -2.12 -10.48
N TRP A 117 -11.33 -2.77 -11.46
CA TRP A 117 -12.44 -3.65 -11.19
C TRP A 117 -12.01 -4.74 -10.21
N ASP A 118 -10.88 -5.40 -10.51
CA ASP A 118 -10.44 -6.48 -9.66
C ASP A 118 -10.04 -6.02 -8.29
N GLN A 119 -9.44 -4.85 -8.18
CA GLN A 119 -9.07 -4.38 -6.86
C GLN A 119 -10.29 -4.11 -6.03
N SER A 120 -11.33 -3.60 -6.67
CA SER A 120 -12.55 -3.22 -5.97
C SER A 120 -13.22 -4.42 -5.34
N LEU A 121 -13.08 -5.60 -5.94
CA LEU A 121 -13.69 -6.80 -5.37
C LEU A 121 -12.84 -7.53 -4.34
N LYS A 122 -11.59 -7.15 -4.13
CA LYS A 122 -10.77 -7.95 -3.23
C LYS A 122 -11.30 -8.06 -1.81
N PRO A 123 -11.80 -7.01 -1.16
CA PRO A 123 -12.29 -7.07 0.19
C PRO A 123 -13.75 -7.52 0.35
N CYS A 124 -14.41 -8.01 -0.74
CA CYS A 124 -15.82 -8.36 -0.73
C CYS A 124 -16.02 -9.80 -0.29
N VAL A 125 -17.22 -10.10 0.13
CA VAL A 125 -17.59 -11.39 0.66
C VAL A 125 -17.49 -12.50 -0.36
N LYS A 126 -16.83 -13.60 0.03
CA LYS A 126 -16.68 -14.75 -0.84
C LYS A 126 -17.82 -15.70 -0.57
N LEU A 127 -18.60 -15.97 -1.58
CA LEU A 127 -19.78 -16.79 -1.41
C LEU A 127 -19.51 -18.25 -1.61
N THR A 128 -18.68 -18.80 -0.75
CA THR A 128 -18.33 -20.19 -0.85
C THR A 128 -19.31 -21.11 -0.09
N PRO A 129 -20.07 -20.64 0.93
CA PRO A 129 -21.09 -21.39 1.63
C PRO A 129 -22.24 -21.76 0.71
N LEU A 130 -22.31 -21.15 -0.46
CA LEU A 130 -23.40 -21.46 -1.36
C LEU A 130 -23.15 -22.66 -2.29
N CYS A 131 -21.92 -23.25 -2.31
CA CYS A 131 -21.60 -24.40 -3.15
C CYS A 131 -21.96 -25.71 -2.45
N VAL A 132 -23.26 -25.86 -2.34
CA VAL A 132 -23.93 -27.00 -1.78
C VAL A 132 -25.01 -27.40 -2.74
N THR A 133 -25.52 -28.61 -2.63
CA THR A 133 -26.61 -28.99 -3.50
C THR A 133 -27.85 -28.17 -3.13
N LEU A 134 -28.50 -27.61 -4.13
CA LEU A 134 -29.72 -26.83 -3.91
C LEU A 134 -30.90 -27.67 -4.31
N GLN A 135 -32.02 -27.51 -3.65
CA GLN A 135 -33.24 -28.18 -4.09
C GLN A 135 -34.14 -27.08 -4.61
N CYS A 136 -34.63 -27.17 -5.86
CA CYS A 136 -35.38 -26.08 -6.49
C CYS A 136 -36.73 -26.52 -7.02
N THR A 137 -37.64 -25.58 -7.02
CA THR A 137 -38.93 -25.72 -7.65
C THR A 137 -39.16 -24.50 -8.53
N ASN A 138 -40.16 -24.54 -9.41
CA ASN A 138 -40.52 -23.43 -10.31
C ASN A 138 -41.36 -22.40 -9.54
N VAL A 139 -41.18 -21.10 -9.89
CA VAL A 139 -42.06 -20.03 -9.39
C VAL A 139 -43.21 -19.97 -10.36
N THR A 140 -44.41 -20.21 -9.87
CA THR A 140 -45.60 -20.23 -10.71
C THR A 140 -46.62 -19.21 -10.25
N ASN A 141 -46.18 -18.32 -9.39
CA ASN A 141 -47.07 -17.36 -8.77
C ASN A 141 -47.27 -16.10 -9.59
N ASN A 142 -48.41 -15.97 -10.24
CA ASN A 142 -48.72 -14.82 -11.07
C ASN A 142 -47.66 -14.54 -12.13
N ILE A 143 -47.21 -15.59 -12.81
CA ILE A 143 -46.19 -15.43 -13.83
C ILE A 143 -46.79 -15.39 -15.21
N THR A 144 -46.19 -14.59 -16.08
CA THR A 144 -46.63 -14.61 -17.47
C THR A 144 -46.12 -15.82 -18.22
N ASP A 145 -46.65 -16.01 -19.42
CA ASP A 145 -46.33 -17.15 -20.28
C ASP A 145 -44.96 -17.07 -20.90
N ASP A 146 -44.39 -15.90 -20.86
CA ASP A 146 -43.09 -15.63 -21.45
C ASP A 146 -41.97 -16.03 -20.49
N MET A 147 -42.32 -16.41 -19.26
CA MET A 147 -41.32 -16.74 -18.27
C MET A 147 -41.57 -18.04 -17.55
N ARG A 148 -42.24 -18.99 -18.17
CA ARG A 148 -42.46 -20.19 -17.43
C ARG A 148 -41.15 -20.92 -17.37
N GLY A 149 -40.76 -21.29 -16.16
CA GLY A 149 -39.52 -22.01 -15.91
C GLY A 149 -38.31 -21.08 -15.79
N GLU A 150 -38.53 -19.76 -15.93
CA GLU A 150 -37.48 -18.75 -15.86
C GLU A 150 -36.95 -18.50 -14.46
N LEU A 151 -37.82 -18.53 -13.46
CA LEU A 151 -37.38 -18.26 -12.12
C LEU A 151 -37.52 -19.49 -11.29
N LYS A 152 -36.51 -19.74 -10.49
CA LYS A 152 -36.55 -20.88 -9.61
C LYS A 152 -36.43 -20.48 -8.16
N ASN A 153 -37.21 -21.15 -7.31
CA ASN A 153 -37.23 -21.00 -5.87
C ASN A 153 -36.43 -22.15 -5.26
N CYS A 154 -35.22 -21.85 -4.79
CA CYS A 154 -34.24 -22.81 -4.33
C CYS A 154 -34.08 -22.72 -2.84
N SER A 155 -33.82 -23.86 -2.22
CA SER A 155 -33.54 -23.90 -0.81
C SER A 155 -32.40 -24.84 -0.52
N PHE A 156 -31.69 -24.54 0.53
CA PHE A 156 -30.53 -25.33 0.87
C PHE A 156 -30.16 -25.22 2.34
N ASN A 157 -29.29 -26.14 2.81
CA ASN A 157 -28.75 -26.15 4.17
C ASN A 157 -27.44 -25.35 4.22
N MET A 158 -27.48 -24.13 4.79
CA MET A 158 -26.35 -23.21 4.89
C MET A 158 -25.63 -23.46 6.22
N THR A 159 -24.28 -23.38 6.24
CA THR A 159 -23.39 -23.54 7.41
C THR A 159 -23.97 -22.90 8.71
N ASP A 164 -21.20 -26.89 13.32
CA ASP A 164 -22.11 -27.64 14.19
C ASP A 164 -23.61 -27.34 13.97
N LYS A 165 -23.93 -26.27 13.20
CA LYS A 165 -25.29 -25.81 12.90
C LYS A 165 -25.52 -25.72 11.40
N LYS A 166 -26.77 -25.96 11.01
CA LYS A 166 -27.22 -25.80 9.65
C LYS A 166 -28.52 -25.03 9.66
N GLN A 167 -28.69 -24.15 8.70
CA GLN A 167 -29.92 -23.40 8.59
C GLN A 167 -30.52 -23.53 7.22
N LYS A 168 -31.76 -23.97 7.17
CA LYS A 168 -32.39 -24.08 5.89
C LYS A 168 -32.81 -22.68 5.46
N VAL A 169 -32.39 -22.28 4.28
CA VAL A 169 -32.69 -20.97 3.75
C VAL A 169 -33.23 -21.10 2.37
N TYR A 170 -33.86 -20.06 1.86
CA TYR A 170 -34.31 -20.10 0.48
C TYR A 170 -34.17 -18.76 -0.17
N SER A 171 -34.10 -18.79 -1.50
CA SER A 171 -34.03 -17.59 -2.32
C SER A 171 -34.45 -17.82 -3.75
N LEU A 172 -34.68 -16.74 -4.48
CA LEU A 172 -34.98 -16.93 -5.89
C LEU A 172 -33.74 -16.73 -6.73
N PHE A 173 -33.65 -17.52 -7.78
CA PHE A 173 -32.60 -17.43 -8.77
C PHE A 173 -33.13 -17.41 -10.17
N TYR A 174 -32.38 -16.81 -11.06
CA TYR A 174 -32.75 -16.84 -12.45
C TYR A 174 -32.24 -18.14 -13.04
N ARG A 175 -32.97 -18.68 -14.00
CA ARG A 175 -32.60 -19.91 -14.66
C ARG A 175 -31.18 -19.96 -15.14
N LEU A 176 -30.64 -18.87 -15.64
CA LEU A 176 -29.31 -18.87 -16.22
C LEU A 176 -28.19 -19.16 -15.23
N ASP A 177 -28.43 -18.94 -13.96
CA ASP A 177 -27.40 -19.11 -12.94
C ASP A 177 -27.43 -20.48 -12.28
N VAL A 178 -28.41 -21.29 -12.62
CA VAL A 178 -28.57 -22.54 -11.91
C VAL A 178 -28.57 -23.75 -12.86
N VAL A 179 -27.72 -24.73 -12.57
CA VAL A 179 -27.64 -25.93 -13.41
C VAL A 179 -28.04 -27.18 -12.69
N GLN A 180 -28.82 -27.99 -13.39
CA GLN A 180 -29.33 -29.23 -12.83
C GLN A 180 -28.21 -30.26 -12.65
N ILE A 181 -28.25 -31.01 -11.54
CA ILE A 181 -27.30 -32.04 -11.13
C ILE A 181 -28.01 -32.95 -10.12
N LYS A 194 -34.76 -32.94 -8.68
CA LYS A 194 -34.74 -31.47 -8.76
C LYS A 194 -33.56 -30.86 -7.96
N GLU A 195 -32.37 -31.50 -8.08
CA GLU A 195 -31.10 -31.08 -7.47
C GLU A 195 -30.37 -30.21 -8.45
N TYR A 196 -29.91 -29.06 -7.97
CA TYR A 196 -29.21 -28.05 -8.74
C TYR A 196 -27.98 -27.50 -8.04
N ARG A 197 -27.08 -26.92 -8.80
CA ARG A 197 -25.97 -26.19 -8.21
C ARG A 197 -25.80 -24.89 -8.97
N LEU A 198 -25.03 -23.97 -8.42
CA LEU A 198 -24.78 -22.74 -9.14
C LEU A 198 -23.75 -22.95 -10.22
N ILE A 199 -23.84 -22.16 -11.27
CA ILE A 199 -22.83 -22.17 -12.31
C ILE A 199 -21.60 -21.57 -11.73
N ASN A 200 -20.43 -21.85 -12.30
CA ASN A 200 -19.20 -21.27 -11.75
C ASN A 200 -19.01 -21.56 -10.26
N CYS A 201 -19.30 -22.82 -9.86
CA CYS A 201 -19.16 -23.35 -8.51
C CYS A 201 -18.17 -24.51 -8.55
N ASN A 202 -17.81 -24.94 -9.75
CA ASN A 202 -16.88 -26.03 -9.87
C ASN A 202 -15.54 -25.60 -10.43
N THR A 203 -15.44 -24.39 -10.98
CA THR A 203 -14.21 -23.92 -11.56
C THR A 203 -13.61 -22.69 -10.91
N SER A 204 -14.40 -21.95 -10.14
CA SER A 204 -13.96 -20.70 -9.58
C SER A 204 -14.76 -20.33 -8.36
N ALA A 205 -14.29 -19.35 -7.59
CA ALA A 205 -15.05 -18.89 -6.45
C ALA A 205 -15.94 -17.76 -6.90
N ILE A 206 -17.08 -17.61 -6.25
CA ILE A 206 -17.97 -16.52 -6.58
C ILE A 206 -17.85 -15.42 -5.55
N THR A 207 -17.51 -14.23 -5.98
CA THR A 207 -17.35 -13.11 -5.06
C THR A 207 -18.55 -12.20 -5.18
N GLN A 208 -19.14 -11.82 -4.06
CA GLN A 208 -20.27 -10.92 -4.11
C GLN A 208 -19.78 -9.54 -4.34
N ALA A 209 -20.34 -8.82 -5.26
CA ALA A 209 -19.90 -7.45 -5.42
C ALA A 209 -20.31 -6.67 -4.19
N CYS A 210 -19.47 -5.74 -3.71
CA CYS A 210 -19.78 -4.90 -2.54
C CYS A 210 -20.85 -3.85 -2.91
N PRO A 211 -21.97 -3.78 -2.19
CA PRO A 211 -23.07 -2.87 -2.44
C PRO A 211 -22.72 -1.42 -2.13
N LYS A 212 -21.62 -1.19 -1.44
CA LYS A 212 -21.25 0.16 -1.08
C LYS A 212 -20.43 0.86 -2.12
N VAL A 213 -20.04 0.16 -3.17
CA VAL A 213 -19.22 0.81 -4.16
C VAL A 213 -19.94 0.83 -5.49
N SER A 214 -19.97 1.99 -6.11
CA SER A 214 -20.63 2.12 -7.38
C SER A 214 -19.67 2.07 -8.55
N PHE A 215 -20.11 1.42 -9.60
CA PHE A 215 -19.35 1.36 -10.82
C PHE A 215 -19.96 2.19 -11.93
N GLU A 216 -20.94 3.02 -11.57
CA GLU A 216 -21.62 3.82 -12.58
C GLU A 216 -20.62 4.66 -13.35
N PRO A 217 -20.52 4.54 -14.67
CA PRO A 217 -19.59 5.27 -15.48
C PRO A 217 -19.74 6.77 -15.34
N ILE A 218 -18.63 7.47 -15.26
CA ILE A 218 -18.62 8.92 -15.20
C ILE A 218 -17.61 9.23 -16.27
N PRO A 219 -17.54 10.40 -16.85
CA PRO A 219 -16.51 10.71 -17.82
C PRO A 219 -15.13 10.60 -17.20
N ILE A 220 -14.23 9.99 -17.95
CA ILE A 220 -12.84 9.85 -17.61
C ILE A 220 -11.95 10.56 -18.58
N HIS A 221 -11.04 11.38 -18.08
CA HIS A 221 -10.15 12.07 -18.96
C HIS A 221 -8.77 11.49 -18.81
N TYR A 222 -8.12 11.16 -19.90
CA TYR A 222 -6.73 10.73 -19.79
C TYR A 222 -5.91 11.96 -20.04
N CYS A 223 -4.87 12.20 -19.22
CA CYS A 223 -4.03 13.40 -19.27
C CYS A 223 -2.55 13.07 -19.42
N ALA A 224 -1.88 13.86 -20.24
CA ALA A 224 -0.47 13.68 -20.46
C ALA A 224 0.35 14.12 -19.24
N PRO A 225 1.41 13.38 -18.86
CA PRO A 225 2.40 13.77 -17.90
C PRO A 225 3.20 14.89 -18.51
N ALA A 226 3.83 15.72 -17.71
CA ALA A 226 4.65 16.74 -18.35
C ALA A 226 5.74 16.04 -19.15
N GLY A 227 6.08 16.63 -20.30
CA GLY A 227 7.06 16.07 -21.21
C GLY A 227 6.35 15.39 -22.37
N PHE A 228 5.04 15.23 -22.23
CA PHE A 228 4.19 14.60 -23.22
C PHE A 228 3.02 15.47 -23.63
N ALA A 229 2.48 15.17 -24.78
CA ALA A 229 1.31 15.87 -25.24
C ALA A 229 0.41 14.94 -26.01
N ILE A 230 -0.87 15.26 -26.06
CA ILE A 230 -1.79 14.43 -26.82
C ILE A 230 -2.27 15.17 -28.04
N LEU A 231 -2.13 14.56 -29.18
CA LEU A 231 -2.56 15.22 -30.38
C LEU A 231 -3.91 14.72 -30.79
N LYS A 232 -4.75 15.61 -31.27
CA LYS A 232 -6.05 15.26 -31.76
C LYS A 232 -6.18 15.42 -33.24
N CYS A 233 -6.89 14.49 -33.88
CA CYS A 233 -7.27 14.57 -35.28
C CYS A 233 -8.65 15.21 -35.36
N LYS A 234 -8.73 16.39 -35.96
CA LYS A 234 -10.00 17.07 -36.04
C LYS A 234 -10.63 16.89 -37.39
N ASP A 235 -9.98 16.17 -38.27
CA ASP A 235 -10.58 16.01 -39.57
C ASP A 235 -11.90 15.35 -39.37
N LYS A 236 -12.91 15.85 -40.01
CA LYS A 236 -14.19 15.22 -39.91
C LYS A 236 -14.10 14.09 -40.87
N LYS A 237 -14.87 13.05 -40.63
CA LYS A 237 -14.89 11.90 -41.51
C LYS A 237 -13.54 11.21 -41.55
N PHE A 238 -12.87 11.14 -40.41
CA PHE A 238 -11.60 10.46 -40.29
C PHE A 238 -11.87 8.99 -40.01
N ASN A 239 -11.23 8.10 -40.77
CA ASN A 239 -11.50 6.68 -40.67
C ASN A 239 -10.54 5.88 -39.81
N GLY A 240 -9.87 6.55 -38.90
CA GLY A 240 -9.01 5.85 -37.94
C GLY A 240 -7.59 5.57 -38.39
N THR A 241 -7.24 5.98 -39.58
CA THR A 241 -5.90 5.70 -40.03
C THR A 241 -5.37 6.62 -41.08
N GLY A 242 -4.06 6.77 -41.08
CA GLY A 242 -3.39 7.52 -42.11
C GLY A 242 -3.24 8.96 -41.68
N PRO A 243 -2.80 9.84 -42.57
CA PRO A 243 -2.52 11.21 -42.28
C PRO A 243 -3.81 11.93 -41.99
N CYS A 244 -3.73 12.93 -41.11
CA CYS A 244 -4.77 13.83 -40.69
C CYS A 244 -4.19 15.21 -40.86
N THR A 245 -4.92 16.12 -41.49
CA THR A 245 -4.34 17.44 -41.70
C THR A 245 -4.87 18.52 -40.79
N ASN A 246 -6.02 18.35 -40.19
CA ASN A 246 -6.48 19.35 -39.25
C ASN A 246 -6.14 18.78 -37.85
N VAL A 247 -5.03 19.23 -37.26
CA VAL A 247 -4.53 18.64 -36.03
C VAL A 247 -4.32 19.68 -34.94
N SER A 248 -4.65 19.32 -33.70
CA SER A 248 -4.43 20.23 -32.58
C SER A 248 -3.89 19.51 -31.36
N THR A 249 -3.27 20.26 -30.46
CA THR A 249 -2.70 19.67 -29.26
C THR A 249 -3.48 19.95 -28.00
N VAL A 250 -3.69 18.92 -27.20
CA VAL A 250 -4.38 19.05 -25.93
C VAL A 250 -3.65 18.44 -24.76
N GLN A 251 -4.00 18.89 -23.56
CA GLN A 251 -3.48 18.27 -22.35
C GLN A 251 -4.13 16.94 -21.97
N CYS A 252 -5.47 16.81 -22.21
CA CYS A 252 -6.30 15.68 -21.80
C CYS A 252 -7.34 15.35 -22.87
N THR A 253 -7.89 14.14 -22.79
CA THR A 253 -8.97 13.70 -23.66
C THR A 253 -10.27 14.36 -23.23
N HIS A 254 -11.32 14.23 -24.05
CA HIS A 254 -12.60 14.90 -23.81
C HIS A 254 -13.50 14.37 -22.71
N GLY A 255 -13.22 13.20 -22.25
CA GLY A 255 -14.03 12.57 -21.21
C GLY A 255 -14.83 11.44 -21.78
N ILE A 256 -14.39 10.24 -21.47
CA ILE A 256 -15.00 9.03 -21.96
C ILE A 256 -15.66 8.27 -20.86
N LYS A 257 -16.92 7.93 -21.02
CA LYS A 257 -17.56 7.14 -19.99
C LYS A 257 -17.20 5.68 -20.23
N PRO A 258 -16.66 4.95 -19.26
CA PRO A 258 -16.28 3.56 -19.39
C PRO A 258 -17.48 2.65 -19.32
N VAL A 259 -18.33 2.75 -20.32
CA VAL A 259 -19.54 1.96 -20.43
C VAL A 259 -19.21 0.62 -21.04
N VAL A 260 -19.68 -0.44 -20.43
CA VAL A 260 -19.41 -1.78 -20.93
C VAL A 260 -20.63 -2.40 -21.58
N SER A 261 -20.54 -2.73 -22.86
CA SER A 261 -21.63 -3.34 -23.60
C SER A 261 -21.10 -4.10 -24.79
N THR A 262 -21.95 -4.94 -25.38
CA THR A 262 -21.56 -5.61 -26.61
C THR A 262 -22.57 -5.32 -27.70
N GLN A 263 -22.18 -5.50 -28.96
CA GLN A 263 -23.05 -5.28 -30.14
C GLN A 263 -23.48 -3.81 -30.35
N LEU A 264 -24.16 -3.22 -29.38
CA LEU A 264 -24.55 -1.81 -29.48
C LEU A 264 -23.81 -1.02 -28.42
N LEU A 265 -23.14 0.02 -28.88
CA LEU A 265 -22.36 0.88 -28.03
C LEU A 265 -23.21 2.01 -27.56
N LEU A 266 -23.31 2.12 -26.25
CA LEU A 266 -24.15 3.10 -25.61
C LEU A 266 -23.36 4.26 -25.01
N ASN A 267 -24.00 5.44 -24.99
CA ASN A 267 -23.60 6.71 -24.38
C ASN A 267 -22.22 7.23 -24.80
N GLY A 268 -21.84 7.07 -26.08
CA GLY A 268 -20.57 7.53 -26.65
C GLY A 268 -20.79 8.83 -27.40
N SER A 269 -19.82 9.21 -28.19
CA SER A 269 -19.93 10.42 -28.94
C SER A 269 -20.50 10.15 -30.32
N LEU A 270 -21.03 11.19 -30.94
CA LEU A 270 -21.58 11.08 -32.28
C LEU A 270 -20.70 11.68 -33.33
N ALA A 271 -20.82 11.16 -34.54
CA ALA A 271 -20.12 11.69 -35.69
C ALA A 271 -20.70 13.04 -36.01
N GLU A 272 -19.86 13.96 -36.49
CA GLU A 272 -20.31 15.31 -36.82
C GLU A 272 -21.21 15.47 -38.04
N GLU A 273 -20.93 14.74 -39.12
CA GLU A 273 -21.70 14.92 -40.35
C GLU A 273 -22.38 13.69 -40.93
N GLU A 274 -21.74 12.54 -40.81
CA GLU A 274 -22.24 11.35 -41.46
C GLU A 274 -21.82 10.13 -40.70
N VAL A 275 -22.46 9.01 -40.97
CA VAL A 275 -22.07 7.78 -40.34
C VAL A 275 -20.70 7.37 -40.82
N ILE A 276 -19.81 7.04 -39.90
CA ILE A 276 -18.47 6.68 -40.32
C ILE A 276 -18.19 5.22 -40.08
N ILE A 277 -17.77 4.54 -41.12
CA ILE A 277 -17.48 3.12 -41.04
C ILE A 277 -15.98 2.94 -40.87
N ARG A 278 -15.53 2.30 -39.79
CA ARG A 278 -14.10 2.15 -39.58
C ARG A 278 -13.68 0.71 -39.33
N SER A 279 -12.62 0.27 -39.98
CA SER A 279 -12.10 -1.08 -39.71
C SER A 279 -10.64 -1.15 -40.04
N GLU A 280 -9.93 -2.08 -39.40
CA GLU A 280 -8.51 -2.27 -39.64
C GLU A 280 -8.24 -2.68 -41.08
N ASN A 281 -9.13 -3.51 -41.61
CA ASN A 281 -9.07 -3.99 -42.98
C ASN A 281 -10.47 -4.35 -43.43
N ILE A 282 -11.12 -3.45 -44.16
CA ILE A 282 -12.52 -3.65 -44.51
C ILE A 282 -12.75 -4.77 -45.49
N THR A 283 -11.69 -5.26 -46.11
CA THR A 283 -11.86 -6.32 -47.08
C THR A 283 -11.63 -7.66 -46.43
N ASN A 284 -11.34 -7.67 -45.14
CA ASN A 284 -11.15 -8.91 -44.43
C ASN A 284 -12.48 -9.32 -43.82
N ASN A 285 -12.52 -10.47 -43.17
CA ASN A 285 -13.71 -10.94 -42.47
C ASN A 285 -13.39 -11.18 -41.02
N ALA A 286 -12.11 -11.13 -40.70
CA ALA A 286 -11.63 -11.37 -39.35
C ALA A 286 -11.64 -10.11 -38.51
N LYS A 287 -12.00 -9.00 -39.11
CA LYS A 287 -11.96 -7.73 -38.42
C LYS A 287 -13.36 -7.21 -38.16
N ASN A 288 -13.52 -6.48 -37.07
CA ASN A 288 -14.81 -5.90 -36.77
C ASN A 288 -14.93 -4.55 -37.43
N ILE A 289 -16.14 -4.16 -37.72
CA ILE A 289 -16.43 -2.87 -38.27
C ILE A 289 -17.10 -2.00 -37.24
N LEU A 290 -16.51 -0.87 -36.94
CA LEU A 290 -17.08 -0.01 -35.94
C LEU A 290 -17.85 1.05 -36.67
N VAL A 291 -19.11 1.19 -36.36
CA VAL A 291 -19.93 2.17 -37.02
C VAL A 291 -20.26 3.28 -36.08
N GLN A 292 -19.83 4.48 -36.38
CA GLN A 292 -20.15 5.59 -35.50
C GLN A 292 -21.33 6.32 -36.07
N LEU A 293 -22.38 6.44 -35.29
CA LEU A 293 -23.58 7.03 -35.80
C LEU A 293 -23.51 8.55 -35.77
N ASN A 294 -24.23 9.18 -36.71
CA ASN A 294 -24.44 10.61 -36.89
C ASN A 294 -25.47 11.19 -35.88
N GLU A 295 -26.47 10.37 -35.47
CA GLU A 295 -27.56 10.71 -34.53
C GLU A 295 -27.66 9.57 -33.57
N SER A 296 -28.05 9.85 -32.33
CA SER A 296 -28.27 8.81 -31.36
C SER A 296 -29.63 8.15 -31.54
N VAL A 297 -29.75 6.91 -31.10
CA VAL A 297 -31.04 6.23 -31.09
C VAL A 297 -31.40 5.96 -29.65
N GLN A 298 -32.55 6.41 -29.24
CA GLN A 298 -32.90 6.24 -27.84
C GLN A 298 -33.43 4.86 -27.58
N ILE A 299 -32.90 4.22 -26.55
CA ILE A 299 -33.35 2.90 -26.14
C ILE A 299 -33.82 2.93 -24.66
N ASN A 300 -35.07 2.53 -24.39
CA ASN A 300 -35.74 2.54 -23.08
C ASN A 300 -35.84 1.12 -22.52
N CYS A 301 -35.09 0.81 -21.44
CA CYS A 301 -35.01 -0.53 -20.87
C CYS A 301 -35.61 -0.61 -19.48
N THR A 302 -36.22 -1.76 -19.20
CA THR A 302 -36.76 -1.98 -17.89
C THR A 302 -36.78 -3.42 -17.41
N ARG A 303 -36.77 -3.54 -16.10
CA ARG A 303 -36.89 -4.78 -15.36
C ARG A 303 -38.11 -4.54 -14.50
N PRO A 304 -39.32 -4.83 -14.99
CA PRO A 304 -40.60 -4.45 -14.41
C PRO A 304 -40.94 -5.08 -13.08
N ASN A 305 -40.27 -6.16 -12.72
CA ASN A 305 -40.56 -6.86 -11.49
C ASN A 305 -40.07 -6.10 -10.30
N ASN A 306 -40.94 -5.94 -9.32
CA ASN A 306 -40.59 -5.24 -8.08
C ASN A 306 -39.99 -6.24 -7.13
N ASN A 307 -38.69 -6.21 -7.00
CA ASN A 307 -38.03 -7.22 -6.20
C ASN A 307 -37.74 -6.77 -4.78
N THR A 308 -37.60 -7.76 -3.90
CA THR A 308 -37.19 -7.49 -2.54
C THR A 308 -35.83 -8.13 -2.26
N ARG A 309 -35.20 -7.71 -1.17
CA ARG A 309 -33.89 -8.22 -0.78
C ARG A 309 -33.94 -8.99 0.51
N LYS A 310 -33.32 -10.16 0.53
CA LYS A 310 -33.25 -10.98 1.71
C LYS A 310 -31.84 -11.08 2.24
N SER A 311 -31.58 -10.44 3.37
CA SER A 311 -30.22 -10.39 3.90
C SER A 311 -29.94 -11.60 4.78
N ILE A 312 -28.91 -12.35 4.44
CA ILE A 312 -28.51 -13.53 5.18
C ILE A 312 -27.12 -13.40 5.75
N ARG A 313 -26.94 -13.59 7.04
CA ARG A 313 -25.60 -13.46 7.58
C ARG A 313 -24.89 -14.79 7.43
N ILE A 314 -23.68 -14.78 6.87
CA ILE A 314 -22.94 -16.01 6.65
C ILE A 314 -21.59 -16.02 7.36
N GLY A 315 -21.40 -15.08 8.25
CA GLY A 315 -20.15 -14.97 9.00
C GLY A 315 -20.11 -13.68 9.81
N PRO A 316 -18.99 -13.35 10.43
CA PRO A 316 -18.81 -12.23 11.33
C PRO A 316 -18.79 -10.91 10.59
N GLY A 317 -19.97 -10.44 10.20
CA GLY A 317 -20.12 -9.22 9.41
C GLY A 317 -20.09 -9.52 7.93
N GLN A 318 -20.22 -10.80 7.62
CA GLN A 318 -20.19 -11.25 6.26
C GLN A 318 -21.60 -11.49 5.80
N TRP A 319 -22.15 -10.61 5.00
CA TRP A 319 -23.52 -10.78 4.59
C TRP A 319 -23.67 -11.14 3.12
N PHE A 320 -24.63 -11.99 2.86
CA PHE A 320 -25.04 -12.41 1.53
C PHE A 320 -26.39 -11.83 1.19
N TYR A 321 -26.52 -11.28 -0.01
CA TYR A 321 -27.79 -10.69 -0.35
C TYR A 321 -28.49 -11.51 -1.40
N ALA A 322 -29.61 -12.09 -1.02
CA ALA A 322 -30.36 -12.97 -1.88
C ALA A 322 -31.62 -12.31 -2.39
N THR A 323 -32.12 -12.75 -3.53
CA THR A 323 -33.41 -12.23 -3.96
C THR A 323 -34.44 -12.83 -3.04
N GLY A 324 -35.31 -12.00 -2.51
CA GLY A 324 -36.33 -12.45 -1.58
C GLY A 324 -37.55 -12.98 -2.29
N ASP A 325 -38.42 -12.08 -2.72
CA ASP A 325 -39.59 -12.46 -3.47
C ASP A 325 -39.96 -11.33 -4.42
N ILE A 326 -41.01 -11.52 -5.21
CA ILE A 326 -41.43 -10.52 -6.16
C ILE A 326 -42.82 -10.00 -5.84
N ILE A 327 -42.93 -8.70 -5.76
CA ILE A 327 -44.19 -8.08 -5.48
C ILE A 327 -44.96 -7.84 -6.76
N GLY A 328 -46.16 -8.36 -6.82
CA GLY A 328 -46.99 -8.18 -8.00
C GLY A 328 -46.68 -9.20 -9.07
N ASP A 329 -47.17 -8.94 -10.27
CA ASP A 329 -47.03 -9.85 -11.39
C ASP A 329 -45.59 -9.99 -11.81
N ILE A 330 -45.24 -11.16 -12.32
CA ILE A 330 -43.90 -11.38 -12.80
C ILE A 330 -43.88 -11.29 -14.32
N ARG A 331 -43.14 -10.31 -14.83
CA ARG A 331 -43.10 -10.00 -16.25
C ARG A 331 -41.68 -10.01 -16.81
N GLN A 332 -41.59 -10.14 -18.13
CA GLN A 332 -40.30 -10.20 -18.81
C GLN A 332 -39.62 -8.84 -18.95
N ALA A 333 -38.32 -8.80 -18.69
CA ALA A 333 -37.52 -7.60 -18.87
C ALA A 333 -37.43 -7.32 -20.35
N HIS A 334 -37.38 -6.06 -20.73
CA HIS A 334 -37.32 -5.73 -22.14
C HIS A 334 -36.77 -4.34 -22.42
N CYS A 335 -36.37 -4.07 -23.69
CA CYS A 335 -35.92 -2.76 -24.18
C CYS A 335 -36.70 -2.32 -25.42
N ASN A 336 -37.05 -1.06 -25.48
CA ASN A 336 -37.74 -0.50 -26.63
C ASN A 336 -36.87 0.52 -27.37
N VAL A 337 -36.96 0.52 -28.72
CA VAL A 337 -36.38 1.57 -29.57
C VAL A 337 -37.46 2.05 -30.49
N SER A 338 -37.36 3.27 -30.96
CA SER A 338 -38.32 3.77 -31.93
C SER A 338 -38.14 3.02 -33.21
N LYS A 339 -39.22 2.54 -33.78
CA LYS A 339 -39.10 1.78 -35.00
C LYS A 339 -38.70 2.65 -36.13
N ALA A 340 -39.29 3.83 -36.20
CA ALA A 340 -38.98 4.73 -37.28
C ALA A 340 -37.54 5.20 -37.20
N THR A 341 -37.06 5.48 -35.99
CA THR A 341 -35.71 5.96 -35.86
C THR A 341 -34.74 4.89 -36.23
N TRP A 342 -34.98 3.67 -35.77
CA TRP A 342 -34.07 2.61 -36.10
C TRP A 342 -34.03 2.41 -37.59
N ASN A 343 -35.19 2.41 -38.25
CA ASN A 343 -35.18 2.19 -39.69
C ASN A 343 -34.36 3.24 -40.42
N GLU A 344 -34.52 4.52 -40.06
CA GLU A 344 -33.74 5.54 -40.75
C GLU A 344 -32.28 5.39 -40.44
N THR A 345 -31.96 5.07 -39.20
CA THR A 345 -30.59 4.95 -38.77
C THR A 345 -29.91 3.84 -39.51
N LEU A 346 -30.59 2.72 -39.65
CA LEU A 346 -29.97 1.62 -40.32
C LEU A 346 -29.80 1.96 -41.78
N GLY A 347 -30.75 2.67 -42.37
CA GLY A 347 -30.61 3.05 -43.77
C GLY A 347 -29.37 3.94 -44.00
N LYS A 348 -29.08 4.84 -43.05
CA LYS A 348 -27.90 5.71 -43.14
C LYS A 348 -26.63 4.88 -43.10
N VAL A 349 -26.63 3.84 -42.27
CA VAL A 349 -25.48 2.97 -42.16
C VAL A 349 -25.27 2.27 -43.47
N VAL A 350 -26.35 1.82 -44.10
CA VAL A 350 -26.19 1.16 -45.38
C VAL A 350 -25.65 2.12 -46.44
N LYS A 351 -26.18 3.34 -46.51
CA LYS A 351 -25.69 4.27 -47.53
C LYS A 351 -24.19 4.48 -47.47
N GLN A 352 -23.64 4.55 -46.26
CA GLN A 352 -22.21 4.78 -46.08
C GLN A 352 -21.39 3.50 -46.08
N LEU A 353 -22.07 2.36 -46.23
CA LEU A 353 -21.43 1.07 -46.23
C LEU A 353 -21.27 0.64 -47.67
N ARG A 354 -22.25 0.98 -48.52
CA ARG A 354 -22.23 0.64 -49.95
C ARG A 354 -20.98 1.17 -50.62
N LYS A 355 -20.44 2.26 -50.12
CA LYS A 355 -19.25 2.87 -50.70
C LYS A 355 -18.07 1.91 -50.76
N HIS A 356 -18.06 0.90 -49.89
CA HIS A 356 -16.96 -0.05 -49.86
C HIS A 356 -17.30 -1.38 -50.50
N PHE A 357 -18.57 -1.58 -50.85
CA PHE A 357 -19.05 -2.86 -51.36
C PHE A 357 -19.68 -2.82 -52.75
N GLY A 358 -20.06 -1.62 -53.21
CA GLY A 358 -20.71 -1.40 -54.50
C GLY A 358 -22.13 -0.88 -54.33
N ASN A 359 -22.58 -0.01 -55.22
CA ASN A 359 -23.91 0.56 -55.11
C ASN A 359 -24.95 -0.28 -55.84
N ASN A 360 -24.53 -1.44 -56.30
CA ASN A 360 -25.38 -2.41 -56.93
C ASN A 360 -25.28 -3.70 -56.14
N THR A 361 -24.75 -3.62 -54.92
CA THR A 361 -24.55 -4.76 -54.04
C THR A 361 -25.66 -4.78 -53.02
N ILE A 362 -26.20 -5.95 -52.78
CA ILE A 362 -27.27 -6.08 -51.80
C ILE A 362 -26.71 -6.17 -50.41
N ILE A 363 -27.25 -5.37 -49.51
CA ILE A 363 -26.79 -5.42 -48.14
C ILE A 363 -27.88 -5.93 -47.24
N ARG A 364 -27.60 -7.03 -46.57
CA ARG A 364 -28.58 -7.56 -45.66
C ARG A 364 -28.02 -7.64 -44.27
N PHE A 365 -28.91 -7.51 -43.32
CA PHE A 365 -28.57 -7.65 -41.93
C PHE A 365 -29.21 -8.88 -41.40
N ALA A 366 -28.47 -9.52 -40.53
CA ALA A 366 -28.92 -10.73 -39.91
C ALA A 366 -28.46 -10.70 -38.47
N ASN A 367 -29.07 -11.54 -37.61
CA ASN A 367 -28.73 -11.62 -36.20
C ASN A 367 -27.44 -12.44 -36.00
N SER A 368 -26.99 -12.53 -34.74
CA SER A 368 -25.76 -13.18 -34.33
C SER A 368 -25.72 -14.69 -34.47
N SER A 369 -24.50 -15.18 -34.50
CA SER A 369 -24.19 -16.60 -34.58
C SER A 369 -24.32 -17.18 -33.20
N GLY A 370 -24.22 -18.49 -33.06
CA GLY A 370 -24.34 -19.04 -31.72
C GLY A 370 -23.08 -18.76 -30.92
N GLY A 371 -23.18 -18.99 -29.61
CA GLY A 371 -22.07 -18.74 -28.70
C GLY A 371 -22.67 -18.35 -27.36
N ASP A 372 -21.83 -17.92 -26.42
CA ASP A 372 -22.33 -17.55 -25.10
C ASP A 372 -23.08 -16.23 -25.19
N LEU A 373 -23.91 -15.94 -24.20
CA LEU A 373 -24.74 -14.75 -24.21
C LEU A 373 -23.91 -13.50 -24.28
N GLU A 374 -22.69 -13.54 -23.77
CA GLU A 374 -21.85 -12.38 -23.77
C GLU A 374 -21.57 -11.87 -25.17
N VAL A 375 -21.59 -12.74 -26.17
CA VAL A 375 -21.32 -12.30 -27.53
C VAL A 375 -22.52 -12.40 -28.44
N THR A 376 -23.50 -13.24 -28.10
CA THR A 376 -24.65 -13.38 -28.98
C THR A 376 -25.75 -12.39 -28.69
N THR A 377 -25.75 -11.80 -27.49
CA THR A 377 -26.77 -10.85 -27.09
C THR A 377 -26.19 -9.50 -26.72
N HIS A 378 -27.06 -8.53 -26.53
CA HIS A 378 -26.65 -7.21 -26.14
C HIS A 378 -26.31 -7.17 -24.68
N SER A 379 -25.07 -7.48 -24.34
CA SER A 379 -24.70 -7.46 -22.94
C SER A 379 -24.82 -6.03 -22.53
N PHE A 380 -25.50 -5.79 -21.42
CA PHE A 380 -25.79 -4.45 -20.96
C PHE A 380 -26.06 -4.28 -19.46
N ASN A 381 -25.55 -3.21 -18.88
CA ASN A 381 -25.74 -2.91 -17.45
C ASN A 381 -26.71 -1.73 -17.24
N CYS A 382 -27.91 -1.97 -16.65
CA CYS A 382 -28.99 -0.99 -16.46
C CYS A 382 -29.41 -0.93 -15.00
N GLY A 383 -29.07 0.15 -14.33
CA GLY A 383 -29.46 0.32 -12.93
C GLY A 383 -28.57 -0.47 -12.00
N GLY A 384 -27.57 -1.12 -12.56
CA GLY A 384 -26.67 -1.98 -11.83
C GLY A 384 -27.04 -3.44 -12.07
N GLU A 385 -28.15 -3.69 -12.76
CA GLU A 385 -28.55 -5.05 -13.05
C GLU A 385 -27.92 -5.49 -14.38
N PHE A 386 -27.69 -6.79 -14.55
CA PHE A 386 -27.10 -7.29 -15.78
C PHE A 386 -28.07 -7.94 -16.74
N PHE A 387 -28.23 -7.30 -17.89
CA PHE A 387 -29.14 -7.66 -18.96
C PHE A 387 -28.46 -8.28 -20.15
N TYR A 388 -29.15 -9.20 -20.79
CA TYR A 388 -28.72 -9.85 -22.02
C TYR A 388 -29.85 -9.82 -23.05
N CYS A 389 -29.96 -8.74 -23.86
CA CYS A 389 -31.10 -8.51 -24.76
C CYS A 389 -30.89 -9.18 -26.12
N ASN A 390 -31.97 -9.71 -26.66
CA ASN A 390 -31.97 -10.52 -27.88
C ASN A 390 -31.37 -9.81 -29.13
N THR A 391 -31.87 -8.61 -29.51
CA THR A 391 -31.49 -7.80 -30.72
C THR A 391 -31.89 -8.35 -32.10
N SER A 392 -32.46 -9.54 -32.21
CA SER A 392 -32.75 -10.07 -33.55
C SER A 392 -33.82 -9.27 -34.24
N GLY A 393 -34.55 -8.47 -33.49
CA GLY A 393 -35.57 -7.62 -34.06
C GLY A 393 -34.97 -6.36 -34.66
N LEU A 394 -33.68 -6.11 -34.43
CA LEU A 394 -33.02 -4.93 -34.94
C LEU A 394 -32.25 -5.22 -36.21
N PHE A 395 -31.72 -6.43 -36.31
CA PHE A 395 -30.90 -6.80 -37.46
C PHE A 395 -31.53 -7.93 -38.27
N ASN A 396 -32.60 -7.59 -38.99
CA ASN A 396 -33.42 -8.52 -39.77
C ASN A 396 -34.02 -7.81 -41.00
N SER A 397 -33.21 -7.55 -42.05
CA SER A 397 -33.68 -6.82 -43.27
C SER A 397 -32.77 -6.98 -44.47
N THR A 398 -33.32 -6.72 -45.66
CA THR A 398 -32.51 -6.70 -46.88
C THR A 398 -32.70 -5.37 -47.59
N TRP A 399 -31.59 -4.70 -47.87
CA TRP A 399 -31.59 -3.40 -48.51
C TRP A 399 -31.19 -3.44 -49.98
N ILE A 400 -32.12 -3.03 -50.82
CA ILE A 400 -31.94 -3.03 -52.26
C ILE A 400 -31.87 -1.59 -52.77
N SER A 401 -30.84 -1.26 -53.59
CA SER A 401 -30.61 0.04 -54.20
C SER A 401 -31.86 0.58 -54.93
N ASN A 414 -47.18 -0.20 -32.59
CA ASN A 414 -47.02 0.04 -34.03
C ASN A 414 -45.72 0.78 -34.39
N ASP A 415 -45.28 1.73 -33.54
CA ASP A 415 -44.11 2.59 -33.72
C ASP A 415 -42.87 2.22 -32.94
N SER A 416 -42.80 1.02 -32.37
CA SER A 416 -41.63 0.63 -31.61
C SER A 416 -41.27 -0.83 -31.72
N ILE A 417 -40.01 -1.12 -31.45
CA ILE A 417 -39.51 -2.47 -31.48
C ILE A 417 -39.18 -2.92 -30.10
N THR A 418 -39.80 -4.02 -29.67
CA THR A 418 -39.54 -4.52 -28.32
C THR A 418 -38.60 -5.69 -28.35
N LEU A 419 -37.53 -5.58 -27.60
CA LEU A 419 -36.54 -6.60 -27.50
C LEU A 419 -36.66 -7.28 -26.14
N PRO A 420 -36.90 -8.58 -26.04
CA PRO A 420 -36.98 -9.29 -24.80
C PRO A 420 -35.58 -9.34 -24.26
N CYS A 421 -35.39 -9.34 -22.92
CA CYS A 421 -34.09 -9.40 -22.25
C CYS A 421 -34.05 -10.42 -21.12
N ARG A 422 -32.92 -11.10 -21.00
CA ARG A 422 -32.72 -11.98 -19.88
C ARG A 422 -31.89 -11.31 -18.82
N ILE A 423 -32.06 -11.74 -17.58
CA ILE A 423 -31.30 -11.21 -16.46
C ILE A 423 -30.43 -12.31 -15.88
N LYS A 424 -29.18 -12.01 -15.57
CA LYS A 424 -28.29 -13.02 -15.00
C LYS A 424 -27.58 -12.45 -13.79
N GLN A 425 -27.41 -13.22 -12.71
CA GLN A 425 -26.71 -12.70 -11.54
C GLN A 425 -25.25 -13.14 -11.39
N ILE A 426 -24.84 -14.26 -11.98
CA ILE A 426 -23.44 -14.66 -11.82
C ILE A 426 -22.72 -14.30 -13.11
N ILE A 427 -21.87 -13.31 -13.02
CA ILE A 427 -21.24 -12.71 -14.17
C ILE A 427 -19.75 -13.00 -14.30
N ASN A 428 -19.34 -13.48 -15.45
CA ASN A 428 -17.93 -13.71 -15.70
C ASN A 428 -17.43 -12.58 -16.57
N MET A 429 -16.80 -11.59 -15.97
CA MET A 429 -16.42 -10.43 -16.76
C MET A 429 -15.10 -10.54 -17.47
N TRP A 430 -14.99 -9.74 -18.51
CA TRP A 430 -13.80 -9.52 -19.31
C TRP A 430 -13.32 -10.77 -20.00
N GLN A 431 -14.25 -11.69 -20.24
CA GLN A 431 -14.04 -12.97 -20.90
C GLN A 431 -13.09 -13.89 -20.15
N ARG A 432 -12.92 -13.67 -18.86
CA ARG A 432 -12.09 -14.52 -18.06
C ARG A 432 -12.95 -15.64 -17.53
N ILE A 433 -12.34 -16.78 -17.21
CA ILE A 433 -13.12 -17.87 -16.66
C ILE A 433 -12.72 -18.30 -15.26
N GLY A 434 -11.65 -17.75 -14.70
CA GLY A 434 -11.19 -18.19 -13.38
C GLY A 434 -11.80 -17.41 -12.22
N GLN A 435 -12.63 -16.44 -12.53
CA GLN A 435 -13.27 -15.57 -11.57
C GLN A 435 -14.74 -15.47 -11.89
N ALA A 436 -15.54 -15.21 -10.88
CA ALA A 436 -16.96 -14.96 -11.10
C ALA A 436 -17.43 -13.97 -10.08
N MET A 437 -18.37 -13.13 -10.48
CA MET A 437 -18.95 -12.15 -9.60
C MET A 437 -20.42 -12.36 -9.43
N TYR A 438 -20.91 -12.18 -8.23
CA TYR A 438 -22.34 -12.24 -7.99
C TYR A 438 -22.87 -10.85 -7.78
N ALA A 439 -23.89 -10.52 -8.53
CA ALA A 439 -24.50 -9.22 -8.43
C ALA A 439 -25.65 -9.26 -7.43
N PRO A 440 -25.61 -8.52 -6.31
CA PRO A 440 -26.64 -8.48 -5.32
C PRO A 440 -27.88 -8.01 -6.04
N PRO A 441 -29.07 -8.39 -5.60
CA PRO A 441 -30.31 -7.99 -6.16
C PRO A 441 -30.54 -6.55 -5.88
N ILE A 442 -31.27 -5.92 -6.78
CA ILE A 442 -31.68 -4.55 -6.67
C ILE A 442 -33.14 -4.53 -6.41
N GLN A 443 -33.53 -3.80 -5.38
CA GLN A 443 -34.90 -3.73 -4.96
C GLN A 443 -35.69 -2.77 -5.80
N GLY A 444 -36.98 -3.00 -5.88
CA GLY A 444 -37.83 -2.11 -6.62
C GLY A 444 -37.78 -2.44 -8.09
N VAL A 445 -38.08 -1.45 -8.91
CA VAL A 445 -38.22 -1.60 -10.35
C VAL A 445 -37.15 -0.80 -11.05
N ILE A 446 -36.51 -1.40 -12.04
CA ILE A 446 -35.45 -0.74 -12.76
C ILE A 446 -35.86 -0.21 -14.09
N ARG A 447 -35.55 1.05 -14.32
CA ARG A 447 -35.79 1.68 -15.59
C ARG A 447 -34.60 2.57 -15.91
N CYS A 448 -34.13 2.58 -17.18
CA CYS A 448 -33.07 3.47 -17.65
C CYS A 448 -33.29 3.81 -19.11
N VAL A 449 -32.72 4.92 -19.53
CA VAL A 449 -32.77 5.32 -20.90
C VAL A 449 -31.37 5.56 -21.37
N SER A 450 -30.99 4.90 -22.43
CA SER A 450 -29.63 5.03 -22.95
C SER A 450 -29.65 5.50 -24.40
N ASN A 451 -28.51 6.04 -24.86
CA ASN A 451 -28.29 6.48 -26.24
C ASN A 451 -27.41 5.49 -27.01
N ILE A 452 -27.91 4.93 -28.14
CA ILE A 452 -27.09 4.06 -29.01
C ILE A 452 -26.34 5.01 -29.89
N THR A 453 -25.01 4.97 -29.79
CA THR A 453 -24.16 5.91 -30.50
C THR A 453 -23.31 5.20 -31.53
N GLY A 454 -23.25 3.88 -31.45
CA GLY A 454 -22.48 3.16 -32.44
C GLY A 454 -22.79 1.69 -32.42
N LEU A 455 -22.43 1.02 -33.50
CA LEU A 455 -22.70 -0.39 -33.67
C LEU A 455 -21.41 -1.16 -33.89
N ILE A 456 -21.35 -2.41 -33.47
CA ILE A 456 -20.22 -3.21 -33.90
C ILE A 456 -20.74 -4.32 -34.79
N LEU A 457 -20.32 -4.30 -36.05
CA LEU A 457 -20.78 -5.27 -37.03
C LEU A 457 -19.66 -6.14 -37.53
N THR A 458 -20.00 -7.35 -37.95
CA THR A 458 -19.02 -8.21 -38.57
C THR A 458 -19.57 -8.59 -39.93
N ARG A 459 -18.73 -9.12 -40.80
CA ARG A 459 -19.19 -9.47 -42.13
C ARG A 459 -18.91 -10.93 -42.45
N ASP A 460 -19.93 -11.62 -42.95
CA ASP A 460 -19.78 -13.02 -43.32
C ASP A 460 -18.88 -13.19 -44.51
N GLY A 461 -18.10 -14.25 -44.55
CA GLY A 461 -17.27 -14.48 -45.74
C GLY A 461 -18.01 -15.30 -46.76
N GLY A 462 -17.33 -15.67 -47.86
CA GLY A 462 -17.92 -16.49 -48.92
C GLY A 462 -18.71 -15.69 -49.96
N SER A 463 -18.70 -14.35 -49.83
CA SER A 463 -19.43 -13.43 -50.70
C SER A 463 -18.87 -13.36 -52.10
N THR A 464 -17.72 -13.96 -52.32
CA THR A 464 -17.11 -13.99 -53.62
C THR A 464 -18.14 -14.54 -54.60
N ASN A 465 -18.84 -15.62 -54.22
CA ASN A 465 -19.81 -16.19 -55.14
C ASN A 465 -21.18 -15.58 -54.91
N SER A 466 -21.25 -14.26 -55.00
CA SER A 466 -22.50 -13.53 -54.75
C SER A 466 -22.48 -12.07 -55.14
N THR A 467 -23.65 -11.46 -55.03
CA THR A 467 -23.86 -10.03 -55.23
C THR A 467 -24.44 -9.43 -53.96
N THR A 468 -24.43 -10.22 -52.88
CA THR A 468 -24.98 -9.86 -51.58
C THR A 468 -23.97 -10.05 -50.46
N GLU A 469 -23.90 -9.07 -49.57
CA GLU A 469 -23.06 -9.12 -48.39
C GLU A 469 -23.94 -9.19 -47.15
N THR A 470 -23.52 -9.95 -46.14
CA THR A 470 -24.28 -10.06 -44.91
C THR A 470 -23.53 -9.51 -43.72
N PHE A 471 -24.20 -8.63 -43.00
CA PHE A 471 -23.63 -8.03 -41.82
C PHE A 471 -24.40 -8.47 -40.60
N ARG A 472 -23.67 -8.76 -39.54
CA ARG A 472 -24.28 -9.22 -38.32
C ARG A 472 -23.74 -8.44 -37.16
N PRO A 473 -24.47 -8.26 -36.08
CA PRO A 473 -23.96 -7.64 -34.90
C PRO A 473 -23.03 -8.60 -34.27
N GLY A 474 -22.01 -8.12 -33.60
CA GLY A 474 -21.17 -9.04 -32.86
C GLY A 474 -19.87 -8.43 -32.41
N GLY A 475 -19.12 -9.20 -31.64
CA GLY A 475 -17.84 -8.77 -31.12
C GLY A 475 -17.95 -8.44 -29.64
N GLY A 476 -17.04 -8.99 -28.85
CA GLY A 476 -17.06 -8.77 -27.39
C GLY A 476 -15.66 -8.59 -26.80
N ASP A 477 -14.70 -8.14 -27.60
CA ASP A 477 -13.31 -7.97 -27.15
C ASP A 477 -13.08 -6.82 -26.17
N MET A 478 -14.06 -5.92 -26.03
CA MET A 478 -14.00 -4.74 -25.17
C MET A 478 -13.08 -3.64 -25.63
N ARG A 479 -11.91 -3.94 -26.13
CA ARG A 479 -11.03 -2.89 -26.57
C ARG A 479 -11.72 -2.03 -27.62
N ASP A 480 -12.55 -2.63 -28.45
CA ASP A 480 -13.26 -1.93 -29.50
C ASP A 480 -14.21 -0.87 -28.96
N ASN A 481 -14.64 -1.02 -27.72
CA ASN A 481 -15.56 -0.06 -27.16
C ASN A 481 -14.82 1.19 -26.77
N TRP A 482 -13.50 1.12 -26.71
CA TRP A 482 -12.68 2.24 -26.32
C TRP A 482 -11.98 2.76 -27.54
N ARG A 483 -11.73 1.89 -28.52
CA ARG A 483 -11.15 2.36 -29.76
C ARG A 483 -12.10 3.33 -30.40
N SER A 484 -13.39 3.11 -30.22
CA SER A 484 -14.41 3.96 -30.77
C SER A 484 -14.42 5.38 -30.21
N GLU A 485 -13.77 5.64 -29.07
CA GLU A 485 -13.71 6.99 -28.52
C GLU A 485 -12.30 7.59 -28.58
N LEU A 486 -11.29 6.74 -28.48
CA LEU A 486 -9.91 7.17 -28.45
C LEU A 486 -9.25 7.22 -29.82
N TYR A 487 -10.01 6.97 -30.87
CA TYR A 487 -9.48 6.91 -32.22
C TYR A 487 -8.87 8.20 -32.71
N LYS A 488 -9.25 9.32 -32.15
CA LYS A 488 -8.74 10.58 -32.62
C LYS A 488 -7.55 11.04 -31.82
N TYR A 489 -7.11 10.28 -30.83
CA TYR A 489 -6.00 10.76 -30.02
C TYR A 489 -4.71 10.00 -30.24
N LYS A 490 -3.60 10.73 -30.17
CA LYS A 490 -2.26 10.15 -30.24
C LYS A 490 -1.35 10.71 -29.16
N VAL A 491 -0.49 9.89 -28.57
CA VAL A 491 0.45 10.39 -27.57
C VAL A 491 1.84 10.60 -28.14
N VAL A 492 2.39 11.80 -27.93
CA VAL A 492 3.73 12.07 -28.41
C VAL A 492 4.62 12.61 -27.32
N LYS A 493 5.89 12.29 -27.40
CA LYS A 493 6.91 12.75 -26.49
C LYS A 493 7.49 14.02 -27.01
N ILE A 494 7.67 15.01 -26.16
CA ILE A 494 8.24 16.26 -26.58
C ILE A 494 9.74 16.19 -26.42
N GLU A 495 10.46 16.62 -27.45
CA GLU A 495 11.92 16.62 -27.48
C GLU A 495 12.40 18.05 -27.69
N PRO A 496 12.48 18.88 -26.64
CA PRO A 496 12.71 20.30 -26.68
C PRO A 496 14.12 20.72 -27.03
N LEU A 497 15.07 19.79 -27.03
CA LEU A 497 16.43 20.20 -27.27
C LEU A 497 16.91 19.96 -28.70
N GLY A 498 17.17 21.05 -29.42
CA GLY A 498 17.65 20.97 -30.79
C GLY A 498 19.13 21.16 -30.71
N VAL A 499 19.89 20.51 -31.58
CA VAL A 499 21.33 20.65 -31.43
C VAL A 499 22.04 21.55 -32.39
N ALA A 500 21.65 21.57 -33.65
CA ALA A 500 22.49 22.36 -34.52
C ALA A 500 21.89 22.93 -35.79
N PRO A 501 20.93 23.85 -35.74
CA PRO A 501 20.32 24.49 -36.88
C PRO A 501 21.36 25.16 -37.74
N THR A 502 22.48 25.50 -37.12
CA THR A 502 23.66 26.09 -37.71
C THR A 502 23.57 27.60 -37.98
N ARG A 503 24.42 28.39 -37.30
CA ARG A 503 24.35 29.85 -37.43
C ARG A 503 25.60 30.74 -37.16
N CYS A 504 26.27 30.66 -35.96
CA CYS A 504 27.30 31.61 -35.52
C CYS A 504 28.37 31.00 -34.62
N LYS A 505 29.51 31.68 -34.51
CA LYS A 505 30.55 31.29 -33.57
C LYS A 505 30.44 32.15 -32.33
N ARG A 506 30.20 31.54 -31.14
CA ARG A 506 30.03 32.23 -29.83
C ARG A 506 29.34 33.60 -29.91
N PHE B 11 1.03 26.32 -26.98
CA PHE B 11 2.19 25.51 -26.68
C PHE B 11 2.96 25.21 -27.98
N LEU B 12 2.67 24.09 -28.70
CA LEU B 12 3.38 23.73 -29.96
C LEU B 12 2.73 24.52 -31.06
N GLY B 13 2.93 25.81 -31.02
CA GLY B 13 2.21 26.72 -31.87
C GLY B 13 2.67 26.84 -33.31
N ALA B 14 3.72 26.14 -33.71
CA ALA B 14 4.12 26.36 -35.08
C ALA B 14 4.86 25.23 -35.75
N ALA B 15 4.70 25.22 -37.07
CA ALA B 15 5.46 24.43 -38.01
C ALA B 15 5.89 25.35 -39.14
N GLY B 16 6.01 26.64 -38.80
CA GLY B 16 6.34 27.71 -39.75
C GLY B 16 7.83 27.81 -40.10
N SER B 17 8.34 26.71 -40.64
CA SER B 17 9.75 26.53 -40.98
C SER B 17 10.54 26.57 -39.67
N THR B 18 11.86 26.45 -39.74
CA THR B 18 12.72 26.51 -38.54
C THR B 18 12.91 27.94 -38.12
N MET B 19 11.82 28.58 -37.75
CA MET B 19 11.80 29.97 -37.36
C MET B 19 12.68 30.19 -36.13
N GLY B 20 12.29 29.59 -35.00
CA GLY B 20 13.08 29.63 -33.77
C GLY B 20 12.94 30.91 -32.95
N ALA B 21 12.10 31.82 -33.41
CA ALA B 21 11.90 33.14 -32.80
C ALA B 21 10.97 33.12 -31.61
N ALA B 22 10.40 31.98 -31.31
CA ALA B 22 9.46 31.89 -30.21
C ALA B 22 9.64 30.60 -29.48
N SER B 23 10.86 30.33 -29.02
CA SER B 23 11.16 29.09 -28.30
C SER B 23 10.73 29.19 -26.84
N MET B 24 10.43 30.41 -26.40
CA MET B 24 10.01 30.67 -25.04
C MET B 24 8.74 29.96 -24.69
N THR B 25 7.87 29.76 -25.66
CA THR B 25 6.61 29.11 -25.45
C THR B 25 6.76 27.69 -24.95
N LEU B 26 7.80 26.97 -25.37
CA LEU B 26 7.85 25.59 -24.98
C LEU B 26 8.65 25.40 -23.72
N THR B 27 8.96 26.51 -23.06
CA THR B 27 9.67 26.45 -21.81
C THR B 27 8.67 26.17 -20.74
N VAL B 28 7.39 26.07 -21.10
CA VAL B 28 6.39 25.70 -20.13
C VAL B 28 6.62 24.27 -19.66
N GLN B 29 7.43 23.50 -20.39
CA GLN B 29 7.72 22.14 -19.96
C GLN B 29 8.80 22.16 -18.90
N ALA B 30 9.35 23.34 -18.64
CA ALA B 30 10.34 23.56 -17.61
C ALA B 30 9.63 24.12 -16.37
N ARG B 31 8.28 24.18 -16.43
CA ARG B 31 7.41 24.63 -15.34
C ARG B 31 6.57 23.43 -14.92
N ASN B 32 7.01 22.28 -15.36
CA ASN B 32 6.34 21.01 -15.18
C ASN B 32 6.10 20.54 -13.77
N LEU B 33 6.95 20.92 -12.86
CA LEU B 33 6.75 20.50 -11.50
C LEU B 33 5.97 21.59 -10.79
N LEU B 34 6.14 22.84 -11.23
CA LEU B 34 5.44 23.94 -10.61
C LEU B 34 3.94 23.76 -10.77
N SER B 35 3.55 23.21 -11.91
CA SER B 35 2.14 22.95 -12.22
C SER B 35 1.47 21.79 -11.45
N GLY B 36 2.26 20.96 -10.70
CA GLY B 36 1.77 19.83 -9.93
C GLY B 36 1.20 20.34 -8.61
N LEU B 57 -4.47 3.71 -0.15
CA LEU B 57 -4.40 2.49 -0.94
C LEU B 57 -3.62 2.72 -2.25
N THR B 58 -2.40 2.14 -2.34
CA THR B 58 -1.54 2.22 -3.53
C THR B 58 -1.40 0.87 -4.17
N VAL B 59 -1.92 0.75 -5.39
CA VAL B 59 -1.86 -0.51 -6.12
C VAL B 59 -1.24 -0.28 -7.51
N TRP B 60 -1.92 0.53 -8.32
CA TRP B 60 -1.46 0.93 -9.65
C TRP B 60 -0.85 2.29 -9.52
N GLY B 61 -0.80 2.75 -8.28
CA GLY B 61 -0.24 4.05 -7.93
C GLY B 61 1.24 4.02 -8.17
N ILE B 62 1.77 2.82 -8.34
CA ILE B 62 3.16 2.59 -8.63
C ILE B 62 3.41 3.13 -10.01
N LYS B 63 2.49 2.92 -10.94
CA LYS B 63 2.72 3.39 -12.29
C LYS B 63 2.73 4.91 -12.26
N GLN B 64 1.86 5.47 -11.43
CA GLN B 64 1.79 6.91 -11.34
C GLN B 64 3.03 7.44 -10.63
N LEU B 65 3.57 6.68 -9.67
CA LEU B 65 4.78 7.07 -8.98
C LEU B 65 5.96 7.00 -9.94
N GLN B 66 5.99 5.97 -10.79
CA GLN B 66 7.06 5.86 -11.76
C GLN B 66 7.00 7.04 -12.69
N ALA B 67 5.79 7.47 -13.08
CA ALA B 67 5.66 8.60 -13.96
C ALA B 67 6.21 9.87 -13.32
N ARG B 68 5.97 10.07 -12.03
CA ARG B 68 6.50 11.27 -11.38
C ARG B 68 8.02 11.22 -11.35
N VAL B 69 8.58 10.05 -11.07
CA VAL B 69 10.01 9.94 -11.02
C VAL B 69 10.62 10.19 -12.39
N LEU B 70 10.03 9.64 -13.43
CA LEU B 70 10.59 9.86 -14.74
C LEU B 70 10.47 11.31 -15.15
N ALA B 71 9.38 12.00 -14.79
CA ALA B 71 9.30 13.39 -15.16
C ALA B 71 10.46 14.16 -14.55
N VAL B 72 10.81 13.82 -13.31
CA VAL B 72 11.94 14.47 -12.68
C VAL B 72 13.23 14.12 -13.38
N GLU B 73 13.44 12.85 -13.72
CA GLU B 73 14.68 12.53 -14.39
C GLU B 73 14.81 13.21 -15.73
N ARG B 74 13.73 13.31 -16.50
CA ARG B 74 13.87 13.96 -17.79
C ARG B 74 14.26 15.41 -17.62
N TYR B 75 13.65 16.07 -16.65
CA TYR B 75 14.00 17.46 -16.40
C TYR B 75 15.45 17.60 -16.06
N LEU B 76 15.93 16.79 -15.13
CA LEU B 76 17.29 16.91 -14.69
C LEU B 76 18.27 16.52 -15.76
N ARG B 77 17.94 15.56 -16.61
CA ARG B 77 18.90 15.20 -17.63
C ARG B 77 19.06 16.32 -18.63
N ASP B 78 17.98 17.01 -19.01
CA ASP B 78 18.19 18.11 -19.94
C ASP B 78 19.01 19.20 -19.30
N GLN B 79 18.79 19.46 -18.02
CA GLN B 79 19.54 20.52 -17.40
C GLN B 79 20.99 20.12 -17.24
N GLN B 80 21.27 18.85 -16.94
CA GLN B 80 22.64 18.44 -16.81
C GLN B 80 23.37 18.59 -18.11
N LEU B 81 22.71 18.23 -19.19
CA LEU B 81 23.34 18.26 -20.47
C LEU B 81 23.62 19.71 -20.90
N LEU B 82 22.69 20.62 -20.66
CA LEU B 82 22.98 21.99 -21.03
C LEU B 82 24.11 22.52 -20.18
N GLY B 83 24.17 22.09 -18.93
CA GLY B 83 25.23 22.51 -18.03
C GLY B 83 26.59 22.04 -18.50
N ILE B 84 26.72 20.75 -18.82
CA ILE B 84 28.01 20.19 -19.18
C ILE B 84 28.52 20.80 -20.48
N TRP B 85 27.63 21.24 -21.36
CA TRP B 85 28.01 21.89 -22.60
C TRP B 85 28.27 23.38 -22.47
N GLY B 86 28.01 23.96 -21.30
CA GLY B 86 28.17 25.40 -21.14
C GLY B 86 27.02 26.28 -21.67
N CYS B 87 25.78 25.74 -21.80
CA CYS B 87 24.60 26.42 -22.32
C CYS B 87 23.54 26.64 -21.22
N SER B 88 23.85 26.31 -20.00
CA SER B 88 22.84 26.42 -18.97
C SER B 88 22.38 27.84 -18.75
N GLY B 89 21.08 27.98 -18.56
CA GLY B 89 20.45 29.24 -18.28
C GLY B 89 20.03 29.99 -19.53
N LYS B 90 20.39 29.47 -20.69
CA LYS B 90 20.06 30.14 -21.95
C LYS B 90 19.13 29.32 -22.81
N LEU B 91 18.38 29.97 -23.68
CA LEU B 91 17.57 29.21 -24.63
C LEU B 91 18.32 29.12 -25.94
N ILE B 92 19.06 30.17 -26.29
CA ILE B 92 19.83 30.14 -27.53
C ILE B 92 21.32 30.24 -27.19
N CYS B 93 22.08 29.15 -27.40
CA CYS B 93 23.50 29.03 -27.05
C CYS B 93 24.36 28.94 -28.31
N CYS B 94 25.17 29.96 -28.51
CA CYS B 94 26.03 30.03 -29.69
C CYS B 94 27.35 29.43 -29.19
N THR B 95 27.84 28.35 -29.82
CA THR B 95 29.02 27.65 -29.30
C THR B 95 30.25 27.59 -30.22
N ASN B 96 31.24 26.79 -29.82
CA ASN B 96 32.54 26.64 -30.51
C ASN B 96 32.73 25.40 -31.39
N VAL B 97 31.68 24.67 -31.69
CA VAL B 97 31.84 23.51 -32.55
C VAL B 97 31.42 23.89 -33.97
N PRO B 98 32.29 23.75 -34.98
CA PRO B 98 32.02 24.09 -36.37
C PRO B 98 31.05 23.10 -36.95
N TRP B 99 30.26 23.54 -37.91
CA TRP B 99 29.34 22.65 -38.57
C TRP B 99 30.02 21.88 -39.72
N ASN B 100 29.84 20.54 -39.76
CA ASN B 100 30.42 19.66 -40.79
C ASN B 100 29.45 19.36 -41.94
N SER B 101 30.02 19.18 -43.14
CA SER B 101 29.34 18.86 -44.41
C SER B 101 28.99 17.39 -44.48
N THR B 102 29.54 16.66 -43.52
CA THR B 102 29.36 15.23 -43.39
C THR B 102 28.12 14.95 -42.58
N TRP B 103 27.54 16.02 -42.01
CA TRP B 103 26.35 15.90 -41.22
C TRP B 103 25.21 16.35 -42.11
N SER B 104 25.30 17.59 -42.57
CA SER B 104 24.30 18.11 -43.47
C SER B 104 24.88 19.21 -44.31
N ASN B 105 24.64 19.15 -45.61
CA ASN B 105 25.18 20.18 -46.47
C ASN B 105 24.08 20.77 -47.32
N ARG B 106 23.22 21.55 -46.66
CA ARG B 106 22.08 22.18 -47.31
C ARG B 106 22.21 23.70 -47.26
N ASN B 107 23.39 24.18 -46.92
CA ASN B 107 23.67 25.59 -46.80
C ASN B 107 22.70 26.17 -45.78
N LEU B 108 22.22 27.40 -45.98
CA LEU B 108 21.35 27.95 -44.96
C LEU B 108 19.91 28.22 -45.33
N SER B 109 19.58 28.72 -46.51
CA SER B 109 18.17 29.08 -46.69
C SER B 109 17.28 27.86 -46.64
N GLU B 110 17.83 26.76 -47.11
CA GLU B 110 17.15 25.49 -47.14
C GLU B 110 16.76 25.01 -45.76
N ILE B 111 17.54 25.37 -44.73
CA ILE B 111 17.27 24.83 -43.42
C ILE B 111 16.80 25.92 -42.46
N TRP B 112 16.50 27.09 -42.99
CA TRP B 112 16.02 28.22 -42.20
C TRP B 112 14.71 28.79 -42.70
N ASP B 113 14.59 29.01 -44.01
CA ASP B 113 13.37 29.59 -44.52
C ASP B 113 12.38 28.54 -45.04
N ASN B 114 12.89 27.44 -45.59
CA ASN B 114 12.02 26.43 -46.21
C ASN B 114 11.74 25.12 -45.45
N MET B 115 12.54 24.80 -44.45
CA MET B 115 12.42 23.53 -43.73
C MET B 115 11.85 23.76 -42.35
N THR B 116 11.07 22.80 -41.82
CA THR B 116 10.50 22.87 -40.47
C THR B 116 11.37 22.18 -39.45
N TRP B 117 11.06 22.39 -38.18
CA TRP B 117 11.86 21.76 -37.13
C TRP B 117 11.73 20.27 -37.11
N LEU B 118 10.56 19.76 -37.47
CA LEU B 118 10.38 18.34 -37.48
C LEU B 118 11.22 17.76 -38.60
N GLN B 119 11.25 18.44 -39.75
CA GLN B 119 12.05 17.97 -40.87
C GLN B 119 13.52 18.07 -40.59
N TRP B 120 13.93 19.14 -39.92
CA TRP B 120 15.31 19.32 -39.58
C TRP B 120 15.75 18.22 -38.65
N ASP B 121 14.93 17.91 -37.65
CA ASP B 121 15.33 16.86 -36.74
C ASP B 121 15.50 15.56 -37.51
N LYS B 122 14.66 15.31 -38.52
CA LYS B 122 14.85 14.10 -39.29
C LYS B 122 16.19 14.14 -40.04
N GLU B 123 16.55 15.29 -40.61
CA GLU B 123 17.79 15.40 -41.38
C GLU B 123 19.02 15.16 -40.54
N ILE B 124 18.99 15.58 -39.29
CA ILE B 124 20.12 15.36 -38.43
C ILE B 124 19.78 14.41 -37.31
N SER B 125 18.82 13.50 -37.57
CA SER B 125 18.43 12.47 -36.62
C SER B 125 19.60 11.56 -36.22
N ASN B 126 20.46 11.19 -37.20
CA ASN B 126 21.66 10.38 -37.01
C ASN B 126 22.75 11.29 -36.47
N TYR B 127 23.85 10.71 -35.94
CA TYR B 127 25.04 11.42 -35.39
C TYR B 127 24.74 12.58 -34.42
N THR B 128 23.73 12.42 -33.57
CA THR B 128 23.47 13.48 -32.63
C THR B 128 24.38 13.28 -31.47
N GLN B 129 24.81 12.04 -31.27
CA GLN B 129 25.74 11.69 -30.22
C GLN B 129 27.13 12.19 -30.57
N ILE B 130 27.32 12.50 -31.84
CA ILE B 130 28.59 12.99 -32.30
C ILE B 130 28.61 14.44 -31.98
N ILE B 131 27.54 15.14 -32.33
CA ILE B 131 27.54 16.55 -32.08
C ILE B 131 27.59 16.75 -30.57
N TYR B 132 26.81 15.98 -29.81
CA TYR B 132 26.82 16.13 -28.37
C TYR B 132 28.20 15.85 -27.79
N GLY B 133 28.89 14.81 -28.26
CA GLY B 133 30.21 14.53 -27.72
C GLY B 133 31.17 15.67 -27.98
N LEU B 134 31.07 16.27 -29.17
CA LEU B 134 31.95 17.39 -29.49
C LEU B 134 31.66 18.58 -28.61
N LEU B 135 30.40 18.80 -28.28
CA LEU B 135 30.07 19.93 -27.44
C LEU B 135 30.69 19.76 -26.06
N GLU B 136 30.70 18.54 -25.52
CA GLU B 136 31.32 18.32 -24.21
C GLU B 136 32.82 18.55 -24.25
N GLU B 137 33.47 18.12 -25.34
CA GLU B 137 34.92 18.28 -25.43
C GLU B 137 35.26 19.75 -25.48
N SER B 138 34.46 20.52 -26.20
CA SER B 138 34.69 21.94 -26.33
C SER B 138 34.57 22.64 -25.00
N GLN B 139 33.54 22.30 -24.21
CA GLN B 139 33.43 22.98 -22.94
C GLN B 139 34.54 22.60 -22.00
N ASN B 140 35.01 21.35 -22.04
CA ASN B 140 36.11 21.00 -21.17
C ASN B 140 37.34 21.83 -21.50
N GLN B 141 37.58 22.06 -22.79
CA GLN B 141 38.73 22.86 -23.18
C GLN B 141 38.54 24.29 -22.72
N GLN B 142 37.32 24.81 -22.81
CA GLN B 142 37.12 26.18 -22.39
C GLN B 142 37.38 26.33 -20.91
N GLU B 143 37.01 25.35 -20.11
CA GLU B 143 37.28 25.47 -18.68
C GLU B 143 38.76 25.34 -18.34
N LYS B 144 39.49 24.42 -18.97
CA LYS B 144 40.88 24.25 -18.57
C LYS B 144 41.69 25.48 -18.96
N ASN B 145 41.24 26.20 -19.97
CA ASN B 145 41.95 27.39 -20.42
C ASN B 145 41.68 28.60 -19.54
N GLU B 146 40.72 28.49 -18.62
CA GLU B 146 40.39 29.58 -17.70
C GLU B 146 40.83 29.34 -16.24
N GLN B 147 40.78 28.05 -15.78
CA GLN B 147 41.05 27.61 -14.41
C GLN B 147 42.49 27.12 -14.32
N PHE C 11 35.32 5.46 -17.91
CA PHE C 11 34.61 6.07 -16.79
C PHE C 11 35.63 6.38 -15.68
N LEU C 12 36.10 5.35 -14.94
CA LEU C 12 37.09 5.49 -13.85
C LEU C 12 38.47 5.14 -14.36
N GLY C 13 38.62 5.06 -15.67
CA GLY C 13 39.92 4.70 -16.25
C GLY C 13 41.04 5.62 -15.76
N ALA C 14 40.72 6.88 -15.45
CA ALA C 14 41.69 7.85 -14.97
C ALA C 14 42.00 7.71 -13.49
N ALA C 15 41.37 6.78 -12.80
CA ALA C 15 41.56 6.64 -11.36
C ALA C 15 43.00 6.42 -10.94
N GLY C 16 43.80 5.74 -11.75
CA GLY C 16 45.19 5.53 -11.36
C GLY C 16 46.14 6.62 -11.89
N SER C 17 45.59 7.62 -12.58
CA SER C 17 46.39 8.68 -13.16
C SER C 17 46.61 9.73 -12.09
N THR C 18 47.50 10.68 -12.35
CA THR C 18 47.74 11.70 -11.36
C THR C 18 46.64 12.73 -11.29
N MET C 19 46.65 13.51 -10.22
CA MET C 19 45.60 14.48 -10.03
C MET C 19 45.41 15.46 -11.16
N GLY C 20 46.51 15.92 -11.77
CA GLY C 20 46.41 16.86 -12.85
C GLY C 20 46.11 16.22 -14.20
N ALA C 21 46.10 14.89 -14.25
CA ALA C 21 45.82 14.17 -15.47
C ALA C 21 44.33 13.88 -15.55
N ALA C 22 43.79 13.55 -14.38
CA ALA C 22 42.42 13.13 -14.18
C ALA C 22 41.45 14.26 -14.37
N SER C 23 41.97 15.47 -14.44
CA SER C 23 41.20 16.67 -14.61
C SER C 23 40.59 16.69 -16.00
N MET C 24 41.09 15.85 -16.90
CA MET C 24 40.59 15.82 -18.25
C MET C 24 39.42 14.85 -18.44
N THR C 25 39.02 14.16 -17.37
CA THR C 25 37.92 13.21 -17.45
C THR C 25 36.76 13.61 -16.57
N LEU C 26 36.71 14.88 -16.18
CA LEU C 26 35.64 15.32 -15.31
C LEU C 26 34.31 15.22 -16.03
N THR C 27 34.31 15.48 -17.34
CA THR C 27 33.07 15.40 -18.10
C THR C 27 32.63 13.97 -18.22
N VAL C 28 33.61 13.09 -18.34
CA VAL C 28 33.34 11.68 -18.54
C VAL C 28 32.61 11.12 -17.36
N GLN C 29 33.05 11.47 -16.17
CA GLN C 29 32.36 10.98 -15.01
C GLN C 29 31.06 11.69 -14.75
N ALA C 30 30.99 13.00 -15.00
CA ALA C 30 29.77 13.73 -14.73
C ALA C 30 28.63 13.15 -15.55
N ARG C 31 28.95 12.71 -16.76
CA ARG C 31 27.93 12.16 -17.63
C ARG C 31 27.19 11.00 -17.05
N ASN C 32 27.83 10.17 -16.23
CA ASN C 32 27.16 8.99 -15.73
C ASN C 32 26.83 9.02 -14.27
N LEU C 33 26.78 10.18 -13.66
CA LEU C 33 26.43 10.20 -12.25
C LEU C 33 24.93 10.20 -12.01
N LEU C 34 24.14 10.58 -13.00
CA LEU C 34 22.71 10.65 -12.85
C LEU C 34 22.07 9.40 -13.44
N SER C 35 22.53 8.98 -14.60
CA SER C 35 22.00 7.80 -15.26
C SER C 35 23.09 7.15 -16.12
N GLY C 36 22.90 5.84 -16.45
CA GLY C 36 23.78 5.06 -17.29
C GLY C 36 23.25 3.63 -17.30
N THR C 58 7.54 -9.00 -9.03
CA THR C 58 7.63 -7.55 -9.08
C THR C 58 8.68 -6.94 -8.08
N VAL C 59 9.59 -7.78 -7.51
CA VAL C 59 10.64 -7.35 -6.57
C VAL C 59 11.68 -6.53 -7.32
N TRP C 60 11.92 -6.90 -8.57
CA TRP C 60 12.90 -6.17 -9.33
C TRP C 60 12.36 -4.80 -9.65
N GLY C 61 11.06 -4.71 -9.85
CA GLY C 61 10.42 -3.45 -10.18
C GLY C 61 10.59 -2.45 -9.05
N ILE C 62 10.30 -2.89 -7.81
CA ILE C 62 10.44 -1.95 -6.72
C ILE C 62 11.90 -1.58 -6.49
N LYS C 63 12.83 -2.52 -6.68
CA LYS C 63 14.23 -2.14 -6.50
C LYS C 63 14.67 -1.09 -7.48
N GLN C 64 14.22 -1.21 -8.74
CA GLN C 64 14.61 -0.24 -9.75
C GLN C 64 14.05 1.14 -9.45
N LEU C 65 12.81 1.19 -8.95
CA LEU C 65 12.24 2.49 -8.65
C LEU C 65 12.98 3.11 -7.49
N GLN C 66 13.33 2.31 -6.48
CA GLN C 66 14.05 2.85 -5.35
C GLN C 66 15.43 3.33 -5.78
N ALA C 67 16.08 2.60 -6.68
CA ALA C 67 17.38 3.00 -7.16
C ALA C 67 17.33 4.31 -7.92
N ARG C 68 16.28 4.51 -8.73
CA ARG C 68 16.18 5.76 -9.47
C ARG C 68 15.99 6.93 -8.53
N VAL C 69 15.19 6.75 -7.48
CA VAL C 69 14.97 7.85 -6.57
C VAL C 69 16.27 8.20 -5.88
N LEU C 70 17.04 7.20 -5.47
CA LEU C 70 18.31 7.47 -4.81
C LEU C 70 19.24 8.23 -5.71
N ALA C 71 19.32 7.84 -6.99
CA ALA C 71 20.23 8.51 -7.89
C ALA C 71 19.93 9.99 -7.97
N VAL C 72 18.66 10.33 -8.01
CA VAL C 72 18.30 11.71 -8.08
C VAL C 72 18.66 12.43 -6.80
N GLU C 73 18.37 11.84 -5.65
CA GLU C 73 18.65 12.51 -4.40
C GLU C 73 20.13 12.78 -4.23
N ARG C 74 20.99 11.83 -4.60
CA ARG C 74 22.39 12.08 -4.42
C ARG C 74 22.89 13.15 -5.37
N TYR C 75 22.40 13.09 -6.61
CA TYR C 75 22.79 14.06 -7.61
C TYR C 75 22.45 15.45 -7.14
N LEU C 76 21.23 15.65 -6.68
CA LEU C 76 20.82 16.96 -6.27
C LEU C 76 21.60 17.44 -5.06
N ARG C 77 21.92 16.57 -4.11
CA ARG C 77 22.68 17.08 -2.98
C ARG C 77 24.01 17.65 -3.43
N ASP C 78 24.68 17.00 -4.38
CA ASP C 78 25.95 17.55 -4.82
C ASP C 78 25.77 18.84 -5.62
N GLN C 79 24.73 18.91 -6.43
CA GLN C 79 24.56 20.12 -7.21
C GLN C 79 24.15 21.30 -6.34
N GLN C 80 23.34 21.07 -5.29
CA GLN C 80 22.96 22.18 -4.44
C GLN C 80 24.19 22.72 -3.77
N LEU C 81 25.07 21.84 -3.34
CA LEU C 81 26.25 22.27 -2.65
C LEU C 81 27.10 23.13 -3.55
N LEU C 82 27.25 22.76 -4.82
CA LEU C 82 28.02 23.62 -5.71
C LEU C 82 27.31 24.94 -5.86
N GLY C 83 25.98 24.92 -5.89
CA GLY C 83 25.22 26.16 -5.99
C GLY C 83 25.48 27.07 -4.81
N ILE C 84 25.48 26.53 -3.60
CA ILE C 84 25.72 27.32 -2.39
C ILE C 84 27.10 27.94 -2.44
N TRP C 85 28.08 27.19 -2.91
CA TRP C 85 29.44 27.68 -3.02
C TRP C 85 29.64 28.64 -4.19
N GLY C 86 28.61 28.84 -5.01
CA GLY C 86 28.70 29.71 -6.19
C GLY C 86 29.39 29.10 -7.42
N CYS C 87 29.39 27.75 -7.55
CA CYS C 87 30.04 26.96 -8.59
C CYS C 87 29.04 26.23 -9.49
N SER C 88 27.81 26.70 -9.48
CA SER C 88 26.83 26.01 -10.29
C SER C 88 27.17 26.09 -11.76
N GLY C 89 27.02 24.97 -12.46
CA GLY C 89 27.25 24.93 -13.89
C GLY C 89 28.70 24.77 -14.31
N LYS C 90 29.62 24.57 -13.37
CA LYS C 90 31.02 24.44 -13.74
C LYS C 90 31.60 23.16 -13.20
N LEU C 91 32.52 22.54 -13.95
CA LEU C 91 33.16 21.35 -13.41
C LEU C 91 34.35 21.78 -12.57
N ILE C 92 34.95 22.92 -12.92
CA ILE C 92 36.08 23.44 -12.15
C ILE C 92 35.77 24.91 -11.80
N CYS C 93 35.91 25.29 -10.51
CA CYS C 93 35.71 26.68 -10.05
C CYS C 93 36.73 27.05 -8.97
N CYS C 94 37.16 28.30 -8.99
CA CYS C 94 38.07 28.80 -7.99
C CYS C 94 37.29 29.64 -7.00
N THR C 95 37.68 29.62 -5.75
CA THR C 95 37.00 30.51 -4.83
C THR C 95 37.89 31.34 -4.00
N ASN C 96 37.30 32.23 -3.22
CA ASN C 96 38.06 33.15 -2.39
C ASN C 96 38.33 32.55 -1.01
N VAL C 97 38.99 31.42 -1.01
CA VAL C 97 39.40 30.74 0.19
C VAL C 97 40.85 30.32 0.04
N PRO C 98 41.79 30.88 0.80
CA PRO C 98 43.19 30.54 0.78
C PRO C 98 43.33 29.13 1.26
N TRP C 99 44.34 28.44 0.79
CA TRP C 99 44.56 27.10 1.28
C TRP C 99 45.25 27.25 2.62
N ASN C 100 44.72 26.65 3.65
CA ASN C 100 45.34 26.74 4.96
C ASN C 100 46.54 25.83 4.95
N SER C 101 47.65 26.32 5.46
CA SER C 101 48.90 25.57 5.54
C SER C 101 48.84 24.37 6.46
N THR C 102 47.81 24.27 7.29
CA THR C 102 47.69 23.14 8.18
C THR C 102 46.93 21.97 7.56
N TRP C 103 46.29 22.18 6.40
CA TRP C 103 45.51 21.10 5.79
C TRP C 103 46.42 20.10 5.11
N SER C 104 47.52 20.57 4.55
CA SER C 104 48.47 19.71 3.88
C SER C 104 49.83 20.37 3.85
N ASN C 105 50.87 19.59 3.70
CA ASN C 105 52.22 20.13 3.61
C ASN C 105 52.94 19.48 2.47
N ARG C 106 52.56 19.86 1.27
CA ARG C 106 53.09 19.24 0.08
C ARG C 106 53.19 20.31 -1.02
N ASN C 107 54.21 20.20 -1.92
CA ASN C 107 54.43 21.12 -3.05
C ASN C 107 53.44 20.85 -4.19
N LEU C 108 53.13 21.88 -5.05
CA LEU C 108 52.21 21.68 -6.20
C LEU C 108 52.77 20.66 -7.20
N SER C 109 54.09 20.57 -7.28
CA SER C 109 54.75 19.60 -8.14
C SER C 109 54.62 18.17 -7.59
N GLU C 110 54.23 18.07 -6.32
CA GLU C 110 54.01 16.85 -5.57
C GLU C 110 52.51 16.54 -5.44
N ILE C 111 51.66 17.56 -5.59
CA ILE C 111 50.21 17.41 -5.48
C ILE C 111 49.56 17.17 -6.81
N TRP C 112 49.91 17.94 -7.82
CA TRP C 112 49.24 17.76 -9.10
C TRP C 112 49.88 16.69 -9.95
N ASP C 113 51.02 16.20 -9.49
CA ASP C 113 51.72 15.11 -10.11
C ASP C 113 52.21 14.26 -8.97
N ASN C 114 52.86 13.15 -9.25
CA ASN C 114 53.42 12.25 -8.24
C ASN C 114 52.40 11.61 -7.26
N MET C 115 51.11 11.72 -7.53
CA MET C 115 50.06 11.10 -6.71
C MET C 115 48.72 11.24 -7.42
N THR C 116 47.72 10.48 -6.97
CA THR C 116 46.37 10.57 -7.51
C THR C 116 45.33 11.10 -6.52
N TRP C 117 44.09 11.23 -7.02
CA TRP C 117 42.97 11.74 -6.24
C TRP C 117 42.52 10.83 -5.13
N LEU C 118 42.69 9.53 -5.28
CA LEU C 118 42.31 8.62 -4.22
C LEU C 118 43.20 8.85 -3.01
N GLN C 119 44.47 9.09 -3.28
CA GLN C 119 45.44 9.30 -2.23
C GLN C 119 45.22 10.63 -1.57
N TRP C 120 44.94 11.63 -2.39
CA TRP C 120 44.70 12.97 -1.91
C TRP C 120 43.49 13.00 -1.02
N ASP C 121 42.41 12.35 -1.47
CA ASP C 121 41.20 12.35 -0.70
C ASP C 121 41.47 11.77 0.68
N LYS C 122 42.26 10.69 0.76
CA LYS C 122 42.55 10.18 2.07
C LYS C 122 43.42 11.15 2.89
N GLU C 123 44.42 11.76 2.26
CA GLU C 123 45.32 12.64 3.00
C GLU C 123 44.66 13.83 3.64
N ILE C 124 43.65 14.41 3.01
CA ILE C 124 43.01 15.57 3.61
C ILE C 124 41.60 15.27 4.07
N SER C 125 41.30 13.99 4.28
CA SER C 125 39.93 13.59 4.63
C SER C 125 39.32 14.28 5.84
N ASN C 126 40.10 14.49 6.91
CA ASN C 126 39.66 15.04 8.21
C ASN C 126 39.34 16.55 8.15
N TYR C 127 39.60 17.23 7.01
CA TYR C 127 39.36 18.65 6.82
C TYR C 127 38.25 18.90 5.84
N THR C 128 37.63 17.85 5.30
CA THR C 128 36.65 18.09 4.25
C THR C 128 35.51 18.98 4.70
N GLN C 129 35.00 18.74 5.89
CA GLN C 129 33.87 19.49 6.43
C GLN C 129 34.26 20.91 6.85
N ILE C 130 35.56 21.15 7.00
CA ILE C 130 36.04 22.45 7.40
C ILE C 130 36.11 23.27 6.16
N ILE C 131 36.68 22.67 5.13
CA ILE C 131 36.86 23.39 3.91
C ILE C 131 35.49 23.69 3.37
N TYR C 132 34.57 22.72 3.40
CA TYR C 132 33.25 22.99 2.89
C TYR C 132 32.57 24.10 3.67
N GLY C 133 32.69 24.14 4.99
CA GLY C 133 32.06 25.22 5.71
C GLY C 133 32.63 26.57 5.29
N LEU C 134 33.95 26.63 5.08
CA LEU C 134 34.59 27.86 4.66
C LEU C 134 34.13 28.27 3.28
N LEU C 135 33.92 27.29 2.40
CA LEU C 135 33.48 27.62 1.06
C LEU C 135 32.09 28.24 1.12
N GLU C 136 31.21 27.72 1.98
CA GLU C 136 29.86 28.26 2.08
C GLU C 136 29.88 29.68 2.62
N GLU C 137 30.75 29.93 3.60
CA GLU C 137 30.82 31.25 4.18
C GLU C 137 31.42 32.26 3.22
N SER C 138 32.44 31.86 2.47
CA SER C 138 33.06 32.78 1.55
C SER C 138 32.07 33.22 0.51
N GLN C 139 31.28 32.29 -0.03
CA GLN C 139 30.29 32.71 -1.00
C GLN C 139 29.20 33.54 -0.36
N ASN C 140 28.80 33.23 0.87
CA ASN C 140 27.77 34.04 1.49
C ASN C 140 28.21 35.49 1.55
N GLN C 141 29.50 35.71 1.87
CA GLN C 141 30.01 37.07 1.91
C GLN C 141 30.09 37.68 0.52
N GLN C 142 30.49 36.89 -0.46
CA GLN C 142 30.59 37.44 -1.80
C GLN C 142 29.25 37.87 -2.32
N GLU C 143 28.22 37.13 -1.99
CA GLU C 143 26.89 37.45 -2.46
C GLU C 143 26.27 38.63 -1.71
N LYS C 144 26.43 38.73 -0.38
CA LYS C 144 25.76 39.84 0.29
C LYS C 144 26.43 41.15 -0.11
N ASN C 145 27.71 41.08 -0.48
CA ASN C 145 28.46 42.26 -0.87
C ASN C 145 27.95 42.86 -2.16
N GLU C 146 27.20 42.10 -2.94
CA GLU C 146 26.67 42.61 -4.20
C GLU C 146 25.28 43.29 -4.09
N GLN C 147 24.66 43.31 -2.87
CA GLN C 147 23.35 43.89 -2.51
C GLN C 147 22.23 42.95 -2.95
N GLU D 37 53.36 31.81 0.43
CA GLU D 37 52.58 30.60 0.18
C GLU D 37 51.77 30.77 -1.12
N ASN D 38 50.67 31.58 -1.07
CA ASN D 38 49.72 31.93 -2.14
C ASN D 38 49.01 30.77 -2.87
N LEU D 39 48.51 29.79 -2.11
CA LEU D 39 47.74 28.71 -2.71
C LEU D 39 46.31 28.91 -2.33
N TRP D 40 45.41 28.61 -3.25
CA TRP D 40 43.97 28.81 -3.08
C TRP D 40 43.14 27.58 -3.34
N VAL D 41 42.00 27.48 -2.67
CA VAL D 41 41.14 26.31 -2.84
C VAL D 41 40.38 26.37 -4.16
N THR D 42 40.50 25.27 -4.91
CA THR D 42 39.80 25.07 -6.17
C THR D 42 38.98 23.79 -6.06
N VAL D 43 37.74 23.90 -6.49
CA VAL D 43 36.78 22.82 -6.39
C VAL D 43 36.59 22.09 -7.71
N TYR D 44 36.72 20.76 -7.66
CA TYR D 44 36.59 19.92 -8.83
C TYR D 44 35.43 18.93 -8.75
N TYR D 45 34.56 18.95 -9.75
CA TYR D 45 33.42 18.03 -9.79
C TYR D 45 33.61 17.04 -10.92
N GLY D 46 33.46 15.74 -10.63
CA GLY D 46 33.72 14.69 -11.61
C GLY D 46 35.05 13.98 -11.31
N VAL D 47 35.52 14.09 -10.08
CA VAL D 47 36.76 13.49 -9.58
C VAL D 47 36.68 11.97 -9.39
N PRO D 48 37.62 11.15 -9.92
CA PRO D 48 37.58 9.69 -9.86
C PRO D 48 37.92 9.06 -8.52
N VAL D 49 37.08 9.29 -7.53
CA VAL D 49 37.29 8.70 -6.22
C VAL D 49 36.07 7.97 -5.70
N TRP D 50 36.29 7.06 -4.76
CA TRP D 50 35.22 6.26 -4.20
C TRP D 50 35.47 5.72 -2.80
N LYS D 51 34.39 5.25 -2.19
CA LYS D 51 34.40 4.58 -0.89
C LYS D 51 33.59 3.28 -0.91
N ASP D 52 33.91 2.33 -0.05
CA ASP D 52 33.10 1.11 0.00
C ASP D 52 31.67 1.46 0.36
N ALA D 53 30.70 0.80 -0.27
CA ALA D 53 29.32 1.13 0.08
C ALA D 53 28.33 0.02 -0.12
N GLU D 54 27.23 0.10 0.60
CA GLU D 54 26.15 -0.85 0.44
C GLU D 54 24.99 -0.21 -0.29
N THR D 55 24.61 -0.77 -1.43
CA THR D 55 23.49 -0.22 -2.16
C THR D 55 22.62 -1.32 -2.69
N THR D 56 21.57 -0.92 -3.38
CA THR D 56 20.65 -1.85 -4.01
C THR D 56 21.12 -2.17 -5.41
N LEU D 57 21.22 -3.44 -5.72
CA LEU D 57 21.60 -3.86 -7.05
C LEU D 57 20.37 -4.37 -7.73
N PHE D 58 20.28 -4.21 -9.03
CA PHE D 58 19.14 -4.71 -9.77
C PHE D 58 19.54 -5.77 -10.78
N CYS D 59 18.55 -6.58 -11.23
CA CYS D 59 18.67 -7.68 -12.17
C CYS D 59 18.73 -7.23 -13.62
N ALA D 60 19.59 -7.93 -14.35
CA ALA D 60 19.64 -7.85 -15.79
C ALA D 60 19.90 -9.26 -16.32
N SER D 61 19.34 -9.56 -17.49
CA SER D 61 19.55 -10.88 -18.08
C SER D 61 19.39 -10.88 -19.59
N ASP D 62 19.93 -11.92 -20.23
CA ASP D 62 19.82 -12.08 -21.68
C ASP D 62 18.53 -12.86 -22.05
N ALA D 63 18.30 -13.07 -23.36
CA ALA D 63 17.17 -13.80 -23.96
C ALA D 63 17.24 -15.28 -23.57
N HIS D 71 8.17 -18.11 -17.84
CA HIS D 71 7.52 -18.22 -16.53
C HIS D 71 8.50 -18.63 -15.38
N ASN D 72 9.81 -18.37 -15.58
CA ASN D 72 10.91 -18.65 -14.66
C ASN D 72 10.93 -17.70 -13.46
N VAL D 73 11.16 -18.24 -12.27
CA VAL D 73 11.14 -17.44 -11.05
C VAL D 73 12.36 -16.56 -10.91
N TRP D 74 13.35 -16.77 -11.74
CA TRP D 74 14.54 -15.99 -11.64
C TRP D 74 14.50 -14.80 -12.59
N ALA D 75 13.39 -14.63 -13.32
CA ALA D 75 13.29 -13.51 -14.24
C ALA D 75 11.93 -12.84 -14.14
N THR D 76 11.42 -12.77 -12.92
CA THR D 76 10.08 -12.25 -12.64
C THR D 76 10.00 -10.76 -12.86
N HIS D 77 9.78 -10.40 -14.11
CA HIS D 77 9.83 -9.02 -14.62
C HIS D 77 11.23 -8.42 -14.58
N CYS D 78 12.27 -9.24 -14.89
CA CYS D 78 13.66 -8.80 -14.98
C CYS D 78 13.79 -8.29 -16.42
N CYS D 79 13.09 -7.20 -16.68
CA CYS D 79 13.01 -6.63 -18.02
C CYS D 79 14.10 -5.61 -18.23
N VAL D 80 15.31 -6.07 -18.02
CA VAL D 80 16.51 -5.28 -18.18
C VAL D 80 17.49 -6.12 -18.97
N PRO D 81 17.94 -5.67 -20.14
CA PRO D 81 18.89 -6.37 -20.97
C PRO D 81 20.25 -6.23 -20.38
N THR D 82 21.15 -7.14 -20.69
CA THR D 82 22.52 -6.93 -20.31
C THR D 82 23.16 -6.30 -21.49
N ASP D 83 24.31 -5.71 -21.29
CA ASP D 83 25.01 -5.18 -22.43
C ASP D 83 25.46 -6.36 -23.29
N PRO D 84 25.52 -6.23 -24.63
CA PRO D 84 26.08 -7.21 -25.55
C PRO D 84 27.59 -7.29 -25.34
N ASN D 85 28.10 -6.24 -24.73
CA ASN D 85 29.48 -6.07 -24.36
C ASN D 85 29.56 -5.31 -23.06
N PRO D 86 29.51 -5.97 -21.89
CA PRO D 86 29.57 -5.36 -20.58
C PRO D 86 31.01 -5.03 -20.34
N GLN D 87 31.51 -4.09 -21.12
CA GLN D 87 32.90 -3.77 -21.22
C GLN D 87 33.53 -3.37 -19.92
N GLU D 88 34.65 -4.03 -19.65
CA GLU D 88 35.45 -3.77 -18.47
C GLU D 88 36.33 -2.56 -18.72
N ILE D 89 36.47 -1.72 -17.72
CA ILE D 89 37.39 -0.61 -17.83
C ILE D 89 38.56 -0.90 -16.95
N HIS D 90 39.70 -1.19 -17.54
CA HIS D 90 40.82 -1.59 -16.70
C HIS D 90 41.36 -0.41 -15.94
N LEU D 91 41.72 -0.59 -14.67
CA LEU D 91 42.28 0.53 -13.96
C LEU D 91 43.78 0.39 -13.81
N GLU D 92 44.52 1.11 -14.63
CA GLU D 92 45.95 0.95 -14.58
C GLU D 92 46.43 1.60 -13.30
N ASN D 93 47.44 0.98 -12.64
CA ASN D 93 48.10 1.46 -11.41
C ASN D 93 47.16 1.54 -10.17
N VAL D 94 45.95 0.91 -10.21
CA VAL D 94 45.04 0.87 -9.05
C VAL D 94 45.11 -0.44 -8.35
N THR D 95 45.35 -0.37 -7.06
CA THR D 95 45.37 -1.52 -6.19
C THR D 95 44.27 -1.28 -5.22
N GLU D 96 43.44 -2.28 -4.99
CA GLU D 96 42.32 -2.11 -4.09
C GLU D 96 42.13 -3.34 -3.23
N GLU D 97 41.55 -3.16 -2.04
CA GLU D 97 41.31 -4.25 -1.13
C GLU D 97 39.94 -4.91 -1.26
N PHE D 98 39.99 -6.23 -1.40
CA PHE D 98 38.82 -7.04 -1.54
C PHE D 98 38.64 -7.93 -0.33
N ASN D 99 37.39 -8.26 -0.04
CA ASN D 99 37.09 -9.19 1.03
C ASN D 99 35.82 -9.94 0.69
N MET D 100 35.96 -11.21 0.35
CA MET D 100 34.79 -11.99 -0.02
C MET D 100 33.89 -12.26 1.18
N TRP D 101 34.43 -12.17 2.38
CA TRP D 101 33.67 -12.42 3.57
C TRP D 101 33.27 -11.06 4.09
N LYS D 102 32.12 -10.97 4.74
CA LYS D 102 31.64 -9.69 5.22
C LYS D 102 31.46 -8.71 4.06
N ASN D 103 30.94 -9.23 2.95
CA ASN D 103 30.62 -8.46 1.75
C ASN D 103 29.19 -8.00 1.89
N ASN D 104 28.69 -7.25 0.93
CA ASN D 104 27.29 -6.81 0.95
C ASN D 104 26.50 -7.55 -0.10
N MET D 105 27.20 -7.98 -1.15
CA MET D 105 26.52 -8.55 -2.30
C MET D 105 25.98 -9.92 -1.99
N VAL D 106 26.64 -10.64 -1.09
CA VAL D 106 26.24 -11.99 -0.79
C VAL D 106 24.95 -11.99 -0.02
N GLU D 107 24.85 -11.14 0.99
CA GLU D 107 23.64 -11.09 1.77
C GLU D 107 22.49 -10.58 0.94
N GLN D 108 22.76 -9.62 0.05
CA GLN D 108 21.66 -9.12 -0.74
C GLN D 108 21.18 -10.20 -1.69
N MET D 109 22.09 -10.97 -2.28
CA MET D 109 21.68 -12.03 -3.18
C MET D 109 20.83 -13.06 -2.47
N HIS D 110 21.23 -13.42 -1.26
CA HIS D 110 20.49 -14.40 -0.47
C HIS D 110 19.09 -13.92 -0.20
N THR D 111 18.97 -12.66 0.22
CA THR D 111 17.68 -12.09 0.51
C THR D 111 16.80 -12.07 -0.74
N ASP D 112 17.36 -11.67 -1.89
CA ASP D 112 16.57 -11.60 -3.10
C ASP D 112 16.07 -12.96 -3.53
N ILE D 113 16.90 -13.97 -3.39
CA ILE D 113 16.47 -15.29 -3.78
C ILE D 113 15.35 -15.80 -2.93
N ILE D 114 15.44 -15.63 -1.63
CA ILE D 114 14.35 -16.10 -0.81
C ILE D 114 13.09 -15.33 -1.14
N SER D 115 13.20 -14.01 -1.31
CA SER D 115 12.01 -13.24 -1.61
C SER D 115 11.37 -13.70 -2.91
N LEU D 116 12.15 -13.96 -3.95
CA LEU D 116 11.56 -14.42 -5.20
C LEU D 116 10.89 -15.74 -5.02
N TRP D 117 11.53 -16.62 -4.26
CA TRP D 117 11.00 -17.93 -4.04
C TRP D 117 9.62 -17.81 -3.43
N ASP D 118 9.51 -17.01 -2.37
CA ASP D 118 8.25 -16.90 -1.69
C ASP D 118 7.20 -16.24 -2.55
N GLN D 119 7.60 -15.24 -3.33
CA GLN D 119 6.62 -14.53 -4.14
C GLN D 119 6.02 -15.45 -5.18
N SER D 120 6.82 -16.36 -5.71
CA SER D 120 6.34 -17.29 -6.71
C SER D 120 5.40 -18.32 -6.13
N LEU D 121 5.57 -18.67 -4.86
CA LEU D 121 4.67 -19.64 -4.25
C LEU D 121 3.40 -19.02 -3.68
N LYS D 122 3.40 -17.72 -3.41
CA LYS D 122 2.18 -17.14 -2.87
C LYS D 122 0.91 -17.50 -3.67
N PRO D 123 0.80 -17.22 -4.98
CA PRO D 123 -0.40 -17.52 -5.75
C PRO D 123 -0.50 -18.97 -6.23
N CYS D 124 -0.48 -19.94 -5.30
CA CYS D 124 -0.50 -21.38 -5.60
C CYS D 124 -1.48 -22.09 -4.67
N VAL D 125 -1.84 -23.31 -5.04
CA VAL D 125 -2.76 -24.11 -4.27
C VAL D 125 -2.22 -24.57 -2.94
N LYS D 126 -2.99 -24.35 -1.89
CA LYS D 126 -2.62 -24.79 -0.57
C LYS D 126 -3.07 -26.22 -0.43
N LEU D 127 -2.28 -27.06 0.21
CA LEU D 127 -2.66 -28.43 0.40
C LEU D 127 -3.11 -28.71 1.80
N THR D 128 -3.40 -27.67 2.56
CA THR D 128 -3.86 -27.82 3.93
C THR D 128 -4.98 -28.86 4.05
N PRO D 129 -6.02 -28.91 3.17
CA PRO D 129 -7.11 -29.85 3.19
C PRO D 129 -6.67 -31.30 3.06
N LEU D 130 -5.42 -31.54 2.70
CA LEU D 130 -4.99 -32.92 2.57
C LEU D 130 -4.34 -33.51 3.83
N CYS D 131 -4.28 -32.76 4.97
CA CYS D 131 -3.78 -33.27 6.24
C CYS D 131 -4.87 -34.08 6.93
N VAL D 132 -4.97 -35.30 6.44
CA VAL D 132 -5.93 -36.31 6.83
C VAL D 132 -5.19 -37.55 7.19
N THR D 133 -5.86 -38.50 7.82
CA THR D 133 -5.22 -39.76 8.10
C THR D 133 -5.10 -40.52 6.79
N LEU D 134 -3.93 -41.03 6.53
CA LEU D 134 -3.71 -41.81 5.33
C LEU D 134 -3.72 -43.27 5.71
N GLN D 135 -4.22 -44.12 4.81
CA GLN D 135 -4.16 -45.56 5.01
C GLN D 135 -3.08 -46.10 4.08
N CYS D 136 -1.84 -46.32 4.59
CA CYS D 136 -0.66 -46.62 3.78
C CYS D 136 -0.16 -48.05 3.91
N THR D 137 0.06 -48.66 2.76
CA THR D 137 0.63 -49.99 2.67
C THR D 137 1.92 -49.95 1.84
N ASN D 138 2.66 -51.07 1.79
CA ASN D 138 3.92 -51.22 1.05
C ASN D 138 3.67 -51.37 -0.46
N VAL D 139 4.54 -50.74 -1.27
CA VAL D 139 4.55 -50.93 -2.73
C VAL D 139 5.53 -52.06 -2.98
N THR D 140 5.04 -53.20 -3.46
CA THR D 140 5.88 -54.39 -3.63
C THR D 140 5.98 -54.95 -5.07
N ASN D 141 5.12 -54.48 -5.96
CA ASN D 141 5.07 -55.03 -7.31
C ASN D 141 6.24 -54.58 -8.17
N ASN D 142 7.09 -55.55 -8.56
CA ASN D 142 8.30 -55.34 -9.34
C ASN D 142 9.29 -54.39 -8.68
N ILE D 143 9.44 -54.50 -7.37
CA ILE D 143 10.38 -53.65 -6.66
C ILE D 143 11.69 -54.36 -6.42
N THR D 144 12.80 -53.72 -6.78
CA THR D 144 14.10 -54.35 -6.56
C THR D 144 14.44 -54.32 -5.08
N ASP D 145 15.47 -55.05 -4.68
CA ASP D 145 15.79 -55.16 -3.26
C ASP D 145 16.10 -53.85 -2.56
N ASP D 146 16.77 -52.97 -3.27
CA ASP D 146 17.20 -51.70 -2.73
C ASP D 146 16.03 -50.79 -2.41
N MET D 147 14.92 -51.02 -3.08
CA MET D 147 13.72 -50.22 -2.99
C MET D 147 12.57 -50.85 -2.23
N ARG D 148 12.77 -51.98 -1.57
CA ARG D 148 11.63 -52.69 -0.98
C ARG D 148 10.77 -51.84 -0.06
N GLY D 149 11.37 -51.06 0.81
CA GLY D 149 10.56 -50.27 1.75
C GLY D 149 10.46 -48.79 1.39
N GLU D 150 10.92 -48.40 0.22
CA GLU D 150 11.01 -46.97 -0.10
C GLU D 150 9.69 -46.25 -0.38
N LEU D 151 8.73 -46.95 -1.01
CA LEU D 151 7.49 -46.32 -1.42
C LEU D 151 6.27 -46.90 -0.73
N LYS D 152 5.30 -46.02 -0.48
CA LYS D 152 4.02 -46.40 0.11
C LYS D 152 2.87 -46.04 -0.79
N ASN D 153 1.84 -46.86 -0.74
CA ASN D 153 0.60 -46.65 -1.48
C ASN D 153 -0.48 -46.26 -0.48
N CYS D 154 -0.87 -44.96 -0.45
CA CYS D 154 -1.76 -44.39 0.56
C CYS D 154 -3.12 -44.01 0.01
N SER D 155 -4.18 -44.47 0.68
CA SER D 155 -5.52 -44.07 0.26
C SER D 155 -6.08 -43.14 1.30
N PHE D 156 -6.92 -42.22 0.88
CA PHE D 156 -7.49 -41.27 1.82
C PHE D 156 -8.73 -40.54 1.36
N ASN D 157 -9.40 -39.91 2.33
CA ASN D 157 -10.54 -39.06 2.03
C ASN D 157 -10.04 -37.68 1.62
N MET D 158 -10.64 -37.13 0.60
CA MET D 158 -10.29 -35.82 0.04
C MET D 158 -11.54 -34.99 -0.25
N THR D 159 -11.38 -33.66 -0.24
CA THR D 159 -12.48 -32.75 -0.51
C THR D 159 -12.81 -32.73 -1.99
N THR D 160 -13.96 -32.16 -2.29
CA THR D 160 -14.52 -32.00 -3.63
C THR D 160 -14.97 -30.57 -3.87
N GLU D 161 -15.45 -30.29 -5.08
CA GLU D 161 -15.90 -28.94 -5.43
C GLU D 161 -17.01 -28.43 -4.52
N LEU D 162 -17.91 -29.34 -4.14
CA LEU D 162 -19.04 -28.94 -3.30
C LEU D 162 -18.76 -29.32 -1.86
N ARG D 163 -19.27 -28.50 -0.95
CA ARG D 163 -19.08 -28.68 0.48
C ARG D 163 -19.77 -29.90 1.08
N ASP D 164 -20.80 -30.40 0.42
CA ASP D 164 -21.53 -31.54 0.89
C ASP D 164 -21.10 -32.85 0.24
N LYS D 165 -19.98 -32.86 -0.50
CA LYS D 165 -19.52 -34.07 -1.15
C LYS D 165 -18.10 -34.41 -0.73
N LYS D 166 -17.76 -35.69 -0.76
CA LYS D 166 -16.42 -36.18 -0.44
C LYS D 166 -16.00 -37.21 -1.48
N GLN D 167 -14.69 -37.39 -1.66
CA GLN D 167 -14.21 -38.41 -2.59
C GLN D 167 -13.10 -39.25 -1.97
N LYS D 168 -12.94 -40.48 -2.44
CA LYS D 168 -11.84 -41.32 -1.98
C LYS D 168 -10.82 -41.46 -3.09
N VAL D 169 -9.58 -41.14 -2.77
CA VAL D 169 -8.48 -41.15 -3.72
C VAL D 169 -7.27 -41.89 -3.20
N TYR D 170 -6.32 -42.20 -4.07
CA TYR D 170 -5.08 -42.78 -3.57
C TYR D 170 -3.93 -42.19 -4.32
N SER D 171 -2.75 -42.26 -3.71
CA SER D 171 -1.52 -41.78 -4.32
C SER D 171 -0.29 -42.47 -3.75
N LEU D 172 0.83 -42.33 -4.43
CA LEU D 172 2.05 -42.90 -3.88
C LEU D 172 2.86 -41.84 -3.19
N PHE D 173 3.58 -42.26 -2.17
CA PHE D 173 4.49 -41.38 -1.46
C PHE D 173 5.84 -41.99 -1.18
N TYR D 174 6.84 -41.14 -1.10
CA TYR D 174 8.14 -41.58 -0.67
C TYR D 174 8.08 -41.67 0.82
N ARG D 175 8.75 -42.66 1.42
CA ARG D 175 8.66 -42.79 2.86
C ARG D 175 9.19 -41.58 3.62
N LEU D 176 10.07 -40.78 3.05
CA LEU D 176 10.59 -39.64 3.78
C LEU D 176 9.53 -38.57 4.06
N ASP D 177 8.43 -38.58 3.31
CA ASP D 177 7.38 -37.59 3.49
C ASP D 177 6.22 -38.09 4.34
N VAL D 178 6.23 -39.37 4.74
CA VAL D 178 5.09 -39.92 5.46
C VAL D 178 5.50 -40.59 6.76
N VAL D 179 4.84 -40.21 7.85
CA VAL D 179 5.17 -40.76 9.16
C VAL D 179 3.99 -41.33 9.89
N GLN D 180 4.24 -42.18 10.87
CA GLN D 180 3.15 -42.78 11.63
C GLN D 180 2.53 -41.78 12.57
N ILE D 181 1.22 -41.90 12.74
CA ILE D 181 0.51 -41.05 13.68
C ILE D 181 0.75 -41.50 15.11
N ASN D 182 0.67 -42.81 15.34
CA ASN D 182 0.90 -43.42 16.65
C ASN D 182 1.77 -44.70 16.57
N GLU D 183 1.43 -45.62 15.64
CA GLU D 183 2.09 -46.89 15.35
C GLU D 183 1.78 -47.25 13.89
N ASN D 193 -1.53 -51.72 11.91
CA ASN D 193 -1.79 -50.29 11.96
C ASN D 193 -1.15 -49.61 10.72
N LYS D 194 -2.01 -49.01 9.86
CA LYS D 194 -1.66 -48.30 8.62
C LYS D 194 -1.94 -46.81 8.69
N GLU D 195 -2.12 -46.25 9.89
CA GLU D 195 -2.44 -44.83 9.99
C GLU D 195 -1.23 -43.89 10.04
N TYR D 196 -1.11 -43.15 8.93
CA TYR D 196 -0.02 -42.22 8.64
C TYR D 196 -0.45 -40.79 8.35
N ARG D 197 0.47 -39.86 8.52
CA ARG D 197 0.26 -38.45 8.20
C ARG D 197 1.45 -37.91 7.42
N LEU D 198 1.31 -36.76 6.76
CA LEU D 198 2.45 -36.22 6.05
C LEU D 198 3.39 -35.63 7.07
N ILE D 199 4.68 -35.66 6.76
CA ILE D 199 5.68 -35.17 7.68
C ILE D 199 5.46 -33.77 8.20
N ASN D 200 4.94 -32.84 7.41
CA ASN D 200 4.76 -31.48 7.94
C ASN D 200 3.37 -31.11 8.46
N CYS D 201 2.44 -32.08 8.64
CA CYS D 201 1.06 -31.83 9.10
C CYS D 201 0.99 -31.50 10.60
N ASN D 202 2.13 -31.44 11.29
CA ASN D 202 2.13 -31.01 12.67
C ASN D 202 3.04 -29.78 12.79
N THR D 203 3.46 -29.24 11.64
CA THR D 203 4.38 -28.12 11.62
C THR D 203 3.86 -26.90 10.87
N SER D 204 3.46 -27.08 9.62
CA SER D 204 3.09 -25.93 8.79
C SER D 204 2.19 -26.28 7.61
N ALA D 205 1.59 -25.27 7.00
CA ALA D 205 0.82 -25.52 5.79
C ALA D 205 1.77 -25.85 4.68
N ILE D 206 1.37 -26.76 3.82
CA ILE D 206 2.19 -27.12 2.69
C ILE D 206 1.62 -26.50 1.44
N THR D 207 2.42 -25.70 0.73
CA THR D 207 1.95 -25.05 -0.48
C THR D 207 2.40 -25.84 -1.68
N GLN D 208 1.51 -26.14 -2.60
CA GLN D 208 1.93 -26.88 -3.77
C GLN D 208 2.63 -25.95 -4.68
N ALA D 209 3.78 -26.33 -5.18
CA ALA D 209 4.43 -25.44 -6.12
C ALA D 209 3.56 -25.37 -7.35
N CYS D 210 3.47 -24.19 -7.98
CA CYS D 210 2.72 -23.99 -9.21
C CYS D 210 3.36 -24.72 -10.40
N PRO D 211 2.56 -25.42 -11.22
CA PRO D 211 2.92 -26.00 -12.49
C PRO D 211 3.27 -24.85 -13.39
N LYS D 212 4.03 -25.11 -14.43
CA LYS D 212 4.46 -24.12 -15.42
C LYS D 212 5.44 -23.12 -14.85
N VAL D 213 6.12 -23.50 -13.79
CA VAL D 213 7.20 -22.73 -13.23
C VAL D 213 8.36 -23.68 -13.23
N SER D 214 9.43 -23.37 -13.95
CA SER D 214 10.51 -24.35 -14.04
C SER D 214 11.55 -24.27 -12.95
N PHE D 215 11.76 -23.09 -12.42
CA PHE D 215 12.78 -22.82 -11.40
C PHE D 215 14.21 -23.12 -11.90
N GLU D 216 14.39 -23.24 -13.22
CA GLU D 216 15.69 -23.53 -13.79
C GLU D 216 16.57 -22.29 -13.75
N PRO D 217 17.77 -22.33 -13.20
CA PRO D 217 18.61 -21.19 -13.03
C PRO D 217 18.99 -20.53 -14.35
N ILE D 218 18.92 -19.22 -14.34
CA ILE D 218 19.28 -18.32 -15.41
C ILE D 218 20.38 -17.48 -14.86
N PRO D 219 21.52 -17.29 -15.50
CA PRO D 219 22.56 -16.46 -14.94
C PRO D 219 21.97 -15.10 -14.67
N ILE D 220 22.12 -14.59 -13.47
CA ILE D 220 21.61 -13.27 -13.14
C ILE D 220 22.75 -12.29 -13.01
N HIS D 221 22.63 -11.17 -13.70
CA HIS D 221 23.65 -10.17 -13.64
C HIS D 221 23.19 -9.10 -12.69
N TYR D 222 23.99 -8.80 -11.68
CA TYR D 222 23.61 -7.77 -10.72
C TYR D 222 24.27 -6.48 -11.16
N CYS D 223 23.48 -5.39 -11.31
CA CYS D 223 23.94 -4.11 -11.82
C CYS D 223 23.83 -3.01 -10.77
N ALA D 224 24.81 -2.11 -10.77
CA ALA D 224 24.79 -1.00 -9.83
C ALA D 224 24.23 0.24 -10.52
N PRO D 225 23.35 1.01 -9.89
CA PRO D 225 22.76 2.22 -10.41
C PRO D 225 23.63 3.45 -10.35
N ALA D 226 23.38 4.37 -11.27
CA ALA D 226 23.87 5.74 -11.20
C ALA D 226 25.32 5.89 -10.74
N GLY D 227 25.48 6.41 -9.52
CA GLY D 227 26.76 6.79 -8.95
C GLY D 227 27.49 5.68 -8.24
N PHE D 228 27.07 4.45 -8.42
CA PHE D 228 27.74 3.33 -7.82
C PHE D 228 28.49 2.57 -8.90
N ALA D 229 29.50 1.84 -8.51
CA ALA D 229 30.22 1.05 -9.48
C ALA D 229 30.63 -0.26 -8.89
N ILE D 230 30.79 -1.27 -9.74
CA ILE D 230 31.21 -2.54 -9.21
C ILE D 230 32.65 -2.73 -9.62
N LEU D 231 33.50 -2.99 -8.66
CA LEU D 231 34.89 -3.19 -9.01
C LEU D 231 35.12 -4.67 -9.01
N LYS D 232 35.90 -5.13 -9.97
CA LYS D 232 36.22 -6.53 -10.08
C LYS D 232 37.72 -6.80 -9.94
N CYS D 233 38.09 -7.90 -9.25
CA CYS D 233 39.46 -8.38 -9.10
C CYS D 233 39.78 -9.39 -10.21
N LYS D 234 40.81 -9.09 -10.99
CA LYS D 234 41.23 -9.91 -12.13
C LYS D 234 42.44 -10.80 -11.83
N ASP D 235 42.83 -10.87 -10.57
CA ASP D 235 43.94 -11.70 -10.14
C ASP D 235 43.52 -13.15 -10.26
N LYS D 236 44.48 -14.06 -10.33
CA LYS D 236 44.19 -15.47 -10.40
C LYS D 236 44.14 -16.11 -9.03
N LYS D 237 44.91 -15.56 -8.09
CA LYS D 237 45.00 -16.18 -6.77
C LYS D 237 44.87 -15.15 -5.66
N PHE D 238 43.84 -14.31 -5.71
CA PHE D 238 43.75 -13.25 -4.69
C PHE D 238 43.56 -13.81 -3.24
N ASN D 239 43.10 -15.09 -3.09
CA ASN D 239 42.91 -15.85 -1.84
C ASN D 239 41.92 -15.20 -0.84
N GLY D 240 40.76 -14.72 -1.33
CA GLY D 240 39.65 -14.21 -0.49
C GLY D 240 39.77 -12.79 0.04
N THR D 241 40.88 -12.47 0.67
CA THR D 241 41.07 -11.14 1.22
C THR D 241 42.38 -10.47 0.89
N GLY D 242 42.36 -9.15 0.99
CA GLY D 242 43.57 -8.36 0.87
C GLY D 242 43.61 -7.64 -0.47
N PRO D 243 44.68 -6.90 -0.75
CA PRO D 243 44.84 -6.10 -1.94
C PRO D 243 44.91 -6.97 -3.18
N CYS D 244 44.29 -6.49 -4.27
CA CYS D 244 44.25 -7.05 -5.59
C CYS D 244 44.92 -6.00 -6.46
N THR D 245 45.94 -6.40 -7.18
CA THR D 245 46.75 -5.49 -7.98
C THR D 245 46.35 -5.40 -9.44
N ASN D 246 45.31 -6.12 -9.82
CA ASN D 246 44.85 -6.09 -11.19
C ASN D 246 43.35 -6.01 -11.13
N VAL D 247 42.80 -4.80 -11.25
CA VAL D 247 41.37 -4.63 -11.07
C VAL D 247 40.77 -3.87 -12.24
N SER D 248 39.45 -3.97 -12.38
CA SER D 248 38.73 -3.23 -13.41
C SER D 248 37.34 -2.81 -12.95
N THR D 249 36.78 -1.84 -13.63
CA THR D 249 35.44 -1.38 -13.30
C THR D 249 34.41 -1.93 -14.26
N VAL D 250 33.31 -2.44 -13.71
CA VAL D 250 32.24 -2.96 -14.53
C VAL D 250 30.94 -2.36 -14.04
N GLN D 251 29.91 -2.40 -14.89
CA GLN D 251 28.60 -1.93 -14.41
C GLN D 251 27.69 -3.06 -13.86
N CYS D 252 27.90 -4.33 -14.32
CA CYS D 252 27.11 -5.51 -13.96
C CYS D 252 28.07 -6.68 -13.75
N THR D 253 27.63 -7.66 -12.97
CA THR D 253 28.39 -8.90 -12.76
C THR D 253 28.30 -9.80 -13.99
N HIS D 254 29.10 -10.88 -14.01
CA HIS D 254 29.21 -11.80 -15.14
C HIS D 254 28.03 -12.71 -15.40
N GLY D 255 27.14 -12.81 -14.45
CA GLY D 255 25.97 -13.65 -14.57
C GLY D 255 26.12 -14.88 -13.72
N ILE D 256 25.43 -14.89 -12.60
CA ILE D 256 25.54 -15.97 -11.65
C ILE D 256 24.31 -16.84 -11.64
N LYS D 257 24.47 -18.11 -11.93
CA LYS D 257 23.34 -19.01 -11.88
C LYS D 257 23.05 -19.35 -10.41
N PRO D 258 21.84 -19.13 -9.90
CA PRO D 258 21.46 -19.39 -8.52
C PRO D 258 21.21 -20.88 -8.33
N VAL D 259 22.25 -21.66 -8.44
CA VAL D 259 22.13 -23.08 -8.27
C VAL D 259 22.10 -23.36 -6.79
N VAL D 260 21.11 -24.14 -6.36
CA VAL D 260 20.99 -24.48 -4.95
C VAL D 260 21.39 -25.92 -4.71
N SER D 261 22.45 -26.11 -3.91
CA SER D 261 22.98 -27.43 -3.60
C SER D 261 23.70 -27.45 -2.27
N THR D 262 24.02 -28.65 -1.82
CA THR D 262 24.81 -28.81 -0.59
C THR D 262 26.06 -29.63 -0.81
N GLN D 263 27.08 -29.41 0.02
CA GLN D 263 28.37 -30.12 0.01
C GLN D 263 29.19 -29.89 -1.27
N LEU D 264 28.64 -30.24 -2.41
CA LEU D 264 29.30 -29.97 -3.67
C LEU D 264 28.58 -28.85 -4.39
N LEU D 265 29.38 -27.98 -4.96
CA LEU D 265 28.90 -26.83 -5.69
C LEU D 265 28.83 -27.17 -7.13
N LEU D 266 27.67 -26.97 -7.72
CA LEU D 266 27.51 -27.34 -9.10
C LEU D 266 27.33 -26.14 -10.03
N ASN D 267 27.87 -26.26 -11.26
CA ASN D 267 27.79 -25.36 -12.40
C ASN D 267 28.25 -23.91 -12.12
N GLY D 268 29.34 -23.73 -11.31
CA GLY D 268 29.94 -22.42 -10.99
C GLY D 268 31.15 -22.16 -11.87
N SER D 269 32.00 -21.26 -11.45
CA SER D 269 33.19 -20.91 -12.21
C SER D 269 34.38 -21.73 -11.75
N LEU D 270 35.28 -22.00 -12.67
CA LEU D 270 36.51 -22.71 -12.33
C LEU D 270 37.65 -21.78 -12.04
N ALA D 271 38.57 -22.26 -11.23
CA ALA D 271 39.80 -21.56 -10.91
C ALA D 271 40.69 -21.58 -12.13
N GLU D 272 41.50 -20.55 -12.30
CA GLU D 272 42.42 -20.55 -13.41
C GLU D 272 43.70 -21.25 -13.01
N GLU D 273 44.11 -22.22 -13.81
CA GLU D 273 45.34 -22.99 -13.65
C GLU D 273 45.42 -23.93 -12.44
N GLU D 274 45.22 -23.41 -11.23
CA GLU D 274 45.37 -24.19 -10.00
C GLU D 274 44.20 -24.10 -9.03
N VAL D 275 44.07 -25.11 -8.17
CA VAL D 275 43.04 -25.16 -7.15
C VAL D 275 43.23 -24.05 -6.12
N ILE D 276 42.16 -23.36 -5.79
CA ILE D 276 42.25 -22.28 -4.82
C ILE D 276 41.45 -22.62 -3.58
N ILE D 277 42.10 -22.54 -2.43
CA ILE D 277 41.39 -22.84 -1.19
C ILE D 277 41.19 -21.59 -0.37
N ARG D 278 39.93 -21.24 -0.12
CA ARG D 278 39.60 -20.00 0.57
C ARG D 278 38.87 -20.25 1.87
N SER D 279 39.36 -19.67 2.94
CA SER D 279 38.68 -19.84 4.22
C SER D 279 39.02 -18.69 5.14
N GLU D 280 38.07 -18.23 5.93
CA GLU D 280 38.37 -17.20 6.90
C GLU D 280 39.06 -17.89 8.06
N ASN D 281 40.19 -17.37 8.56
CA ASN D 281 40.85 -18.04 9.69
C ASN D 281 41.03 -19.52 9.40
N ILE D 282 41.70 -19.83 8.29
CA ILE D 282 41.80 -21.22 7.89
C ILE D 282 42.41 -22.14 8.93
N THR D 283 43.31 -21.64 9.79
CA THR D 283 43.89 -22.51 10.81
C THR D 283 42.94 -22.57 12.00
N ASN D 284 41.75 -23.10 11.74
CA ASN D 284 40.63 -23.20 12.66
C ASN D 284 39.68 -24.30 12.17
N ASN D 285 38.58 -24.54 12.87
CA ASN D 285 37.57 -25.46 12.37
C ASN D 285 36.24 -24.76 12.52
N ALA D 286 36.34 -23.54 13.04
CA ALA D 286 35.19 -22.66 13.26
C ALA D 286 34.50 -22.21 11.97
N LYS D 287 35.28 -22.03 10.92
CA LYS D 287 34.78 -21.55 9.64
C LYS D 287 34.91 -22.68 8.64
N ASN D 288 34.12 -22.66 7.56
CA ASN D 288 34.29 -23.74 6.60
C ASN D 288 35.39 -23.43 5.60
N ILE D 289 35.68 -24.39 4.74
CA ILE D 289 36.66 -24.25 3.70
C ILE D 289 36.05 -24.35 2.32
N LEU D 290 36.25 -23.32 1.51
CA LEU D 290 35.73 -23.34 0.17
C LEU D 290 36.81 -23.71 -0.82
N VAL D 291 36.59 -24.79 -1.55
CA VAL D 291 37.59 -25.20 -2.50
C VAL D 291 37.10 -24.99 -3.90
N GLN D 292 37.83 -24.21 -4.67
CA GLN D 292 37.46 -23.95 -6.04
C GLN D 292 38.36 -24.78 -6.93
N LEU D 293 37.76 -25.62 -7.74
CA LEU D 293 38.56 -26.49 -8.59
C LEU D 293 38.98 -25.79 -9.83
N ASN D 294 40.11 -26.20 -10.41
CA ASN D 294 40.58 -25.65 -11.67
C ASN D 294 40.17 -26.48 -12.88
N GLU D 295 39.33 -27.46 -12.63
CA GLU D 295 38.79 -28.32 -13.65
C GLU D 295 37.48 -28.82 -13.11
N SER D 296 36.56 -29.17 -13.98
CA SER D 296 35.29 -29.69 -13.52
C SER D 296 35.28 -31.20 -13.41
N VAL D 297 34.39 -31.71 -12.57
CA VAL D 297 34.19 -33.15 -12.48
C VAL D 297 32.75 -33.44 -12.84
N GLN D 298 32.50 -34.30 -13.80
CA GLN D 298 31.09 -34.53 -14.09
C GLN D 298 30.46 -35.54 -13.17
N ILE D 299 29.24 -35.24 -12.77
CA ILE D 299 28.44 -36.15 -11.96
C ILE D 299 27.10 -36.43 -12.70
N ASN D 300 26.84 -37.71 -12.99
CA ASN D 300 25.68 -38.21 -13.75
C ASN D 300 24.61 -38.77 -12.81
N CYS D 301 23.46 -38.07 -12.66
CA CYS D 301 22.41 -38.41 -11.70
C CYS D 301 21.12 -38.82 -12.40
N THR D 302 20.41 -39.76 -11.78
CA THR D 302 19.15 -40.21 -12.32
C THR D 302 18.09 -40.72 -11.34
N ARG D 303 16.85 -40.59 -11.82
CA ARG D 303 15.62 -41.12 -11.23
C ARG D 303 15.04 -41.99 -12.33
N PRO D 304 15.41 -43.28 -12.37
CA PRO D 304 15.16 -44.23 -13.46
C PRO D 304 13.72 -44.71 -13.64
N ASN D 305 12.88 -44.46 -12.66
CA ASN D 305 11.51 -44.96 -12.68
C ASN D 305 10.58 -44.11 -13.52
N ASN D 306 9.76 -44.76 -14.33
CA ASN D 306 8.86 -43.98 -15.17
C ASN D 306 7.59 -43.64 -14.41
N ASN D 307 7.72 -42.60 -13.59
CA ASN D 307 6.65 -42.11 -12.72
C ASN D 307 5.57 -41.41 -13.53
N THR D 308 4.36 -41.37 -12.98
CA THR D 308 3.28 -40.65 -13.65
C THR D 308 2.61 -39.65 -12.74
N ARG D 309 1.80 -38.78 -13.32
CA ARG D 309 1.10 -37.76 -12.57
C ARG D 309 -0.41 -37.95 -12.60
N LYS D 310 -1.02 -37.95 -11.43
CA LYS D 310 -2.47 -38.09 -11.31
C LYS D 310 -3.10 -36.76 -10.88
N SER D 311 -3.83 -36.12 -11.78
CA SER D 311 -4.41 -34.82 -11.47
C SER D 311 -5.72 -34.96 -10.77
N ILE D 312 -5.81 -34.43 -9.55
CA ILE D 312 -7.04 -34.56 -8.78
C ILE D 312 -7.63 -33.21 -8.46
N ARG D 313 -8.89 -33.00 -8.80
CA ARG D 313 -9.48 -31.71 -8.44
C ARG D 313 -9.83 -31.78 -6.98
N ILE D 314 -9.46 -30.74 -6.21
CA ILE D 314 -9.73 -30.73 -4.77
C ILE D 314 -10.70 -29.63 -4.37
N GLY D 315 -10.97 -28.71 -5.28
CA GLY D 315 -11.90 -27.63 -4.98
C GLY D 315 -12.20 -26.80 -6.22
N PRO D 316 -12.97 -25.72 -6.08
CA PRO D 316 -13.44 -24.85 -7.14
C PRO D 316 -12.33 -23.99 -7.71
N GLY D 317 -11.55 -24.63 -8.58
CA GLY D 317 -10.39 -24.04 -9.22
C GLY D 317 -9.07 -24.52 -8.65
N GLN D 318 -9.11 -25.54 -7.78
CA GLN D 318 -7.87 -26.04 -7.19
C GLN D 318 -7.61 -27.48 -7.52
N TRP D 319 -6.38 -27.74 -7.91
CA TRP D 319 -5.91 -29.06 -8.25
C TRP D 319 -4.70 -29.48 -7.45
N PHE D 320 -4.67 -30.75 -7.14
CA PHE D 320 -3.55 -31.41 -6.50
C PHE D 320 -2.88 -32.37 -7.44
N TYR D 321 -1.57 -32.36 -7.49
CA TYR D 321 -0.91 -33.29 -8.37
C TYR D 321 -0.28 -34.41 -7.59
N ALA D 322 -0.86 -35.58 -7.73
CA ALA D 322 -0.47 -36.75 -6.98
C ALA D 322 0.48 -37.62 -7.74
N THR D 323 1.32 -38.35 -7.02
CA THR D 323 2.15 -39.33 -7.70
C THR D 323 1.25 -40.48 -8.06
N GLY D 324 1.24 -40.86 -9.33
CA GLY D 324 0.40 -41.94 -9.80
C GLY D 324 1.17 -43.24 -9.85
N ASP D 325 0.65 -44.20 -10.59
CA ASP D 325 1.28 -45.50 -10.72
C ASP D 325 2.58 -45.37 -11.50
N ILE D 326 3.50 -46.29 -11.28
CA ILE D 326 4.76 -46.29 -11.99
C ILE D 326 4.75 -47.33 -13.09
N ILE D 327 5.16 -46.92 -14.29
CA ILE D 327 5.20 -47.83 -15.42
C ILE D 327 6.55 -48.53 -15.46
N GLY D 328 6.53 -49.85 -15.51
CA GLY D 328 7.77 -50.61 -15.52
C GLY D 328 8.21 -50.95 -14.10
N ASP D 329 9.41 -51.51 -13.99
CA ASP D 329 9.94 -51.94 -12.71
C ASP D 329 10.55 -50.76 -11.94
N ILE D 330 10.71 -50.93 -10.63
CA ILE D 330 11.25 -49.88 -9.79
C ILE D 330 12.66 -50.09 -9.25
N ARG D 331 13.50 -49.10 -9.53
CA ARG D 331 14.90 -49.07 -9.18
C ARG D 331 15.28 -47.83 -8.37
N GLN D 332 16.41 -47.90 -7.67
CA GLN D 332 16.89 -46.80 -6.84
C GLN D 332 17.57 -45.68 -7.62
N ALA D 333 17.25 -44.44 -7.23
CA ALA D 333 17.87 -43.23 -7.78
C ALA D 333 19.32 -43.20 -7.34
N HIS D 334 20.19 -42.69 -8.20
CA HIS D 334 21.62 -42.67 -7.90
C HIS D 334 22.41 -41.64 -8.72
N CYS D 335 23.67 -41.34 -8.29
CA CYS D 335 24.65 -40.49 -9.00
C CYS D 335 25.99 -41.21 -9.23
N ASN D 336 26.54 -41.04 -10.44
CA ASN D 336 27.82 -41.62 -10.83
C ASN D 336 28.91 -40.56 -11.01
N VAL D 337 30.04 -40.75 -10.30
CA VAL D 337 31.26 -39.91 -10.36
C VAL D 337 32.39 -40.82 -10.86
N SER D 338 33.11 -40.41 -11.89
CA SER D 338 34.16 -41.29 -12.40
C SER D 338 35.37 -41.31 -11.48
N LYS D 339 35.87 -42.52 -11.13
CA LYS D 339 37.05 -42.63 -10.26
C LYS D 339 38.24 -42.01 -10.93
N ALA D 340 38.27 -42.14 -12.24
CA ALA D 340 39.33 -41.65 -13.11
C ALA D 340 39.53 -40.15 -13.00
N THR D 341 38.50 -39.40 -12.59
CA THR D 341 38.65 -37.97 -12.46
C THR D 341 38.66 -37.60 -10.98
N TRP D 342 37.82 -38.26 -10.18
CA TRP D 342 37.72 -37.93 -8.76
C TRP D 342 39.02 -38.14 -8.02
N ASN D 343 39.71 -39.26 -8.23
CA ASN D 343 40.90 -39.47 -7.43
C ASN D 343 41.98 -38.44 -7.70
N GLU D 344 42.12 -38.06 -8.97
CA GLU D 344 43.11 -37.07 -9.34
C GLU D 344 42.71 -35.71 -8.80
N THR D 345 41.41 -35.40 -8.92
CA THR D 345 40.91 -34.11 -8.50
C THR D 345 41.12 -33.96 -7.02
N LEU D 346 40.81 -35.00 -6.25
CA LEU D 346 40.95 -34.92 -4.82
C LEU D 346 42.41 -34.82 -4.47
N GLY D 347 43.30 -35.54 -5.16
CA GLY D 347 44.71 -35.46 -4.86
C GLY D 347 45.23 -34.04 -5.07
N LYS D 348 44.74 -33.33 -6.11
CA LYS D 348 45.16 -31.96 -6.34
C LYS D 348 44.72 -31.06 -5.20
N VAL D 349 43.51 -31.29 -4.68
CA VAL D 349 43.03 -30.50 -3.57
C VAL D 349 43.91 -30.74 -2.37
N VAL D 350 44.27 -31.98 -2.13
CA VAL D 350 45.10 -32.30 -0.98
C VAL D 350 46.45 -31.64 -1.09
N LYS D 351 47.07 -31.67 -2.27
CA LYS D 351 48.37 -31.05 -2.40
C LYS D 351 48.31 -29.56 -2.04
N GLN D 352 47.27 -28.87 -2.53
CA GLN D 352 47.06 -27.47 -2.22
C GLN D 352 46.66 -27.21 -0.77
N LEU D 353 45.91 -28.14 -0.18
CA LEU D 353 45.41 -28.04 1.18
C LEU D 353 46.56 -28.14 2.16
N ARG D 354 47.52 -29.04 1.86
CA ARG D 354 48.67 -29.31 2.73
C ARG D 354 49.74 -28.22 2.60
N LYS D 355 49.35 -27.01 2.99
CA LYS D 355 50.16 -25.83 3.00
C LYS D 355 49.91 -25.22 4.34
N HIS D 356 48.68 -25.44 4.79
CA HIS D 356 48.18 -24.78 5.99
C HIS D 356 48.21 -25.70 7.19
N PHE D 357 48.49 -26.98 6.94
CA PHE D 357 48.49 -27.99 7.98
C PHE D 357 49.87 -28.62 8.14
N GLY D 358 50.86 -27.97 7.54
CA GLY D 358 52.23 -28.44 7.55
C GLY D 358 52.47 -29.14 6.24
N ASN D 359 53.72 -29.20 5.78
CA ASN D 359 54.03 -29.81 4.50
C ASN D 359 54.46 -31.26 4.59
N ASN D 360 54.31 -31.83 5.77
CA ASN D 360 54.69 -33.19 6.05
C ASN D 360 53.61 -34.05 6.71
N THR D 361 52.32 -33.88 6.38
CA THR D 361 51.34 -34.70 7.08
C THR D 361 50.32 -35.45 6.23
N ILE D 362 49.54 -36.25 6.95
CA ILE D 362 48.48 -37.08 6.41
C ILE D 362 47.11 -36.43 6.45
N ILE D 363 46.51 -36.41 5.29
CA ILE D 363 45.22 -35.82 5.08
C ILE D 363 44.22 -36.92 4.84
N ARG D 364 43.15 -36.92 5.61
CA ARG D 364 42.15 -37.95 5.46
C ARG D 364 40.81 -37.35 5.13
N PHE D 365 40.02 -38.10 4.39
CA PHE D 365 38.66 -37.70 4.11
C PHE D 365 37.71 -38.69 4.67
N ALA D 366 36.63 -38.17 5.22
CA ALA D 366 35.60 -38.96 5.84
C ALA D 366 34.24 -38.39 5.53
N ASN D 367 33.21 -39.11 5.95
CA ASN D 367 31.86 -38.70 5.68
C ASN D 367 31.35 -37.58 6.59
N SER D 368 30.13 -37.18 6.33
CA SER D 368 29.51 -36.09 7.06
C SER D 368 29.05 -36.49 8.46
N SER D 369 28.85 -35.47 9.29
CA SER D 369 28.37 -35.65 10.65
C SER D 369 26.87 -35.90 10.65
N GLY D 370 26.32 -36.30 11.79
CA GLY D 370 24.88 -36.54 11.84
C GLY D 370 24.09 -35.24 11.80
N GLY D 371 22.86 -35.31 11.29
CA GLY D 371 21.99 -34.16 11.18
C GLY D 371 20.92 -34.40 10.12
N ASP D 372 20.22 -33.34 9.75
CA ASP D 372 19.15 -33.42 8.75
C ASP D 372 19.71 -33.73 7.38
N LEU D 373 18.90 -34.30 6.49
CA LEU D 373 19.37 -34.60 5.15
C LEU D 373 19.85 -33.37 4.42
N GLU D 374 19.27 -32.20 4.74
CA GLU D 374 19.68 -30.96 4.07
C GLU D 374 21.15 -30.60 4.35
N VAL D 375 21.75 -31.14 5.39
CA VAL D 375 23.14 -30.86 5.67
C VAL D 375 24.03 -32.11 5.52
N THR D 376 23.48 -33.31 5.76
CA THR D 376 24.30 -34.51 5.73
C THR D 376 24.45 -35.13 4.36
N THR D 377 23.55 -34.80 3.43
CA THR D 377 23.58 -35.34 2.07
C THR D 377 23.77 -34.24 1.05
N HIS D 378 24.03 -34.65 -0.19
CA HIS D 378 24.19 -33.74 -1.31
C HIS D 378 22.86 -33.51 -2.01
N SER D 379 22.36 -32.28 -1.88
CA SER D 379 21.11 -31.89 -2.44
C SER D 379 21.26 -31.37 -3.86
N PHE D 380 20.39 -31.87 -4.73
CA PHE D 380 20.27 -31.50 -6.15
C PHE D 380 18.86 -31.14 -6.48
N ASN D 381 18.70 -30.34 -7.52
CA ASN D 381 17.38 -30.04 -8.06
C ASN D 381 17.46 -30.23 -9.58
N CYS D 382 17.01 -31.40 -10.08
CA CYS D 382 17.10 -31.81 -11.49
C CYS D 382 15.72 -32.03 -12.08
N GLY D 383 15.29 -31.11 -12.92
CA GLY D 383 13.98 -31.19 -13.57
C GLY D 383 12.87 -30.78 -12.63
N GLY D 384 13.26 -30.36 -11.44
CA GLY D 384 12.33 -30.01 -10.39
C GLY D 384 12.26 -31.12 -9.35
N GLU D 385 12.98 -32.22 -9.56
CA GLU D 385 12.97 -33.30 -8.57
C GLU D 385 14.04 -33.03 -7.52
N PHE D 386 13.76 -33.41 -6.29
CA PHE D 386 14.71 -33.17 -5.19
C PHE D 386 15.41 -34.40 -4.68
N PHE D 387 16.72 -34.41 -4.88
CA PHE D 387 17.56 -35.56 -4.54
C PHE D 387 18.39 -35.25 -3.33
N TYR D 388 18.58 -36.26 -2.50
CA TYR D 388 19.42 -36.24 -1.28
C TYR D 388 20.40 -37.42 -1.32
N CYS D 389 21.58 -37.22 -1.95
CA CYS D 389 22.55 -38.27 -2.29
C CYS D 389 23.63 -38.46 -1.23
N ASN D 390 24.03 -39.73 -1.07
CA ASN D 390 25.06 -40.17 -0.12
C ASN D 390 26.48 -40.05 -0.66
N THR D 391 27.24 -39.10 -0.13
CA THR D 391 28.57 -38.75 -0.57
C THR D 391 29.71 -39.46 0.16
N SER D 392 29.37 -40.41 1.03
CA SER D 392 30.40 -41.13 1.78
C SER D 392 31.25 -42.00 0.87
N GLY D 393 30.74 -42.23 -0.35
CA GLY D 393 31.44 -43.00 -1.37
C GLY D 393 32.52 -42.17 -2.07
N LEU D 394 32.52 -40.85 -1.84
CA LEU D 394 33.50 -39.97 -2.45
C LEU D 394 34.55 -39.57 -1.42
N PHE D 395 34.07 -39.22 -0.23
CA PHE D 395 34.94 -38.74 0.82
C PHE D 395 35.42 -39.83 1.73
N ASN D 396 36.19 -40.73 1.16
CA ASN D 396 36.74 -41.84 1.91
C ASN D 396 38.13 -42.15 1.41
N SER D 397 39.13 -41.52 2.00
CA SER D 397 40.50 -41.70 1.53
C SER D 397 41.56 -41.33 2.56
N THR D 398 42.76 -41.89 2.38
CA THR D 398 43.91 -41.50 3.18
C THR D 398 45.02 -41.06 2.25
N TRP D 399 45.48 -39.83 2.43
CA TRP D 399 46.53 -39.30 1.59
C TRP D 399 47.82 -39.19 2.36
N ILE D 400 48.80 -39.93 1.89
CA ILE D 400 50.10 -39.99 2.53
C ILE D 400 51.05 -39.02 1.84
N SER D 401 51.79 -38.25 2.61
CA SER D 401 52.72 -37.25 2.10
C SER D 401 53.96 -37.85 1.42
N ASN D 402 53.75 -38.56 0.30
CA ASN D 402 54.75 -39.26 -0.51
C ASN D 402 55.10 -38.36 -1.70
N SER D 416 34.21 -45.79 -11.67
CA SER D 416 32.89 -45.27 -11.38
C SER D 416 32.50 -45.50 -9.90
N ILE D 417 32.12 -44.41 -9.21
CA ILE D 417 31.66 -44.39 -7.82
C ILE D 417 30.16 -44.19 -7.86
N THR D 418 29.39 -45.12 -7.31
CA THR D 418 27.95 -44.95 -7.37
C THR D 418 27.45 -44.52 -6.00
N LEU D 419 26.75 -43.40 -6.00
CA LEU D 419 26.19 -42.82 -4.81
C LEU D 419 24.69 -43.09 -4.82
N PRO D 420 24.11 -43.80 -3.85
CA PRO D 420 22.69 -44.04 -3.79
C PRO D 420 22.06 -42.71 -3.43
N CYS D 421 20.82 -42.43 -3.90
CA CYS D 421 20.07 -41.19 -3.61
C CYS D 421 18.66 -41.44 -3.08
N ARG D 422 18.24 -40.55 -2.20
CA ARG D 422 16.89 -40.55 -1.67
C ARG D 422 16.12 -39.40 -2.33
N ILE D 423 14.81 -39.51 -2.44
CA ILE D 423 13.99 -38.43 -3.02
C ILE D 423 12.85 -37.98 -2.12
N LYS D 424 12.63 -36.67 -2.05
CA LYS D 424 11.53 -36.12 -1.24
C LYS D 424 10.59 -35.23 -2.03
N GLN D 425 9.32 -35.18 -1.64
CA GLN D 425 8.40 -34.23 -2.23
C GLN D 425 8.10 -33.04 -1.30
N ILE D 426 8.26 -33.18 0.01
CA ILE D 426 7.96 -32.03 0.86
C ILE D 426 9.28 -31.38 1.25
N ILE D 427 9.43 -30.15 0.80
CA ILE D 427 10.67 -29.41 0.87
C ILE D 427 10.69 -28.17 1.76
N ASN D 428 11.74 -28.07 2.58
CA ASN D 428 12.02 -26.92 3.45
C ASN D 428 13.46 -26.47 3.20
N MET D 429 13.70 -25.75 2.09
CA MET D 429 15.09 -25.49 1.68
C MET D 429 15.78 -24.25 2.23
N TRP D 430 15.08 -23.35 2.88
CA TRP D 430 15.77 -22.15 3.37
C TRP D 430 16.00 -22.25 4.86
N GLN D 431 15.91 -23.46 5.38
CA GLN D 431 16.08 -23.74 6.80
C GLN D 431 15.09 -22.95 7.64
N ARG D 432 13.85 -22.95 7.18
CA ARG D 432 12.74 -22.31 7.85
C ARG D 432 11.70 -23.40 7.94
N ILE D 433 10.91 -23.40 9.00
CA ILE D 433 9.86 -24.40 9.12
C ILE D 433 8.46 -23.82 9.19
N GLY D 434 8.32 -22.53 9.00
CA GLY D 434 6.98 -21.92 9.05
C GLY D 434 6.31 -22.01 7.68
N GLN D 435 7.07 -22.51 6.73
CA GLN D 435 6.68 -22.66 5.35
C GLN D 435 7.10 -24.04 4.88
N ALA D 436 6.40 -24.58 3.90
CA ALA D 436 6.84 -25.81 3.28
C ALA D 436 6.30 -25.86 1.88
N MET D 437 7.03 -26.50 1.00
CA MET D 437 6.58 -26.64 -0.36
C MET D 437 6.38 -28.08 -0.77
N TYR D 438 5.34 -28.34 -1.54
CA TYR D 438 5.16 -29.66 -2.10
C TYR D 438 5.58 -29.63 -3.55
N ALA D 439 6.49 -30.49 -3.90
CA ALA D 439 6.99 -30.58 -5.25
C ALA D 439 6.15 -31.59 -6.03
N PRO D 440 5.40 -31.19 -7.07
CA PRO D 440 4.57 -32.07 -7.85
C PRO D 440 5.48 -33.12 -8.47
N PRO D 441 4.98 -34.31 -8.77
CA PRO D 441 5.67 -35.37 -9.44
C PRO D 441 5.89 -34.99 -10.88
N ILE D 442 6.91 -35.56 -11.47
CA ILE D 442 7.25 -35.35 -12.86
C ILE D 442 6.92 -36.56 -13.70
N GLN D 443 6.09 -36.37 -14.72
CA GLN D 443 5.68 -37.49 -15.54
C GLN D 443 6.68 -37.80 -16.63
N GLY D 444 7.71 -38.51 -16.22
CA GLY D 444 8.81 -38.90 -17.07
C GLY D 444 9.96 -39.45 -16.25
N VAL D 445 11.05 -39.79 -16.92
CA VAL D 445 12.27 -40.33 -16.34
C VAL D 445 13.33 -39.24 -16.34
N ILE D 446 14.06 -39.08 -15.24
CA ILE D 446 15.07 -38.02 -15.15
C ILE D 446 16.50 -38.44 -15.17
N ARG D 447 17.24 -37.75 -16.02
CA ARG D 447 18.68 -37.86 -16.12
C ARG D 447 19.21 -36.42 -16.22
N CYS D 448 20.29 -36.09 -15.49
CA CYS D 448 20.98 -34.79 -15.53
C CYS D 448 22.47 -35.03 -15.32
N VAL D 449 23.30 -34.22 -15.96
CA VAL D 449 24.72 -34.28 -15.74
C VAL D 449 25.17 -32.91 -15.33
N SER D 450 25.81 -32.83 -14.19
CA SER D 450 26.24 -31.54 -13.67
C SER D 450 27.77 -31.48 -13.55
N ASN D 451 28.30 -30.24 -13.51
CA ASN D 451 29.72 -29.94 -13.32
C ASN D 451 30.02 -29.58 -11.85
N ILE D 452 30.86 -30.40 -11.17
CA ILE D 452 31.28 -30.09 -9.79
C ILE D 452 32.40 -29.12 -9.99
N THR D 453 32.24 -27.91 -9.48
CA THR D 453 33.21 -26.85 -9.67
C THR D 453 33.86 -26.48 -8.37
N GLY D 454 33.41 -27.11 -7.30
CA GLY D 454 33.95 -26.80 -6.00
C GLY D 454 33.32 -27.61 -4.88
N LEU D 455 33.92 -27.47 -3.72
CA LEU D 455 33.51 -28.18 -2.52
C LEU D 455 33.39 -27.29 -1.30
N ILE D 456 32.47 -27.60 -0.40
CA ILE D 456 32.53 -26.96 0.89
C ILE D 456 32.89 -28.03 1.89
N LEU D 457 34.04 -27.85 2.50
CA LEU D 457 34.60 -28.81 3.43
C LEU D 457 34.80 -28.26 4.81
N THR D 458 34.76 -29.14 5.77
CA THR D 458 35.09 -28.74 7.13
C THR D 458 36.10 -29.69 7.68
N ARG D 459 36.58 -29.41 8.88
CA ARG D 459 37.55 -30.30 9.49
C ARG D 459 37.26 -30.56 10.95
N ASP D 460 37.74 -31.69 11.43
CA ASP D 460 37.58 -32.04 12.83
C ASP D 460 38.40 -31.12 13.71
N GLY D 461 37.89 -30.85 14.92
CA GLY D 461 38.62 -30.03 15.86
C GLY D 461 39.53 -30.93 16.68
N GLY D 462 40.11 -30.38 17.74
CA GLY D 462 41.04 -31.14 18.57
C GLY D 462 42.42 -30.52 18.51
N SER D 463 43.38 -31.15 19.18
CA SER D 463 44.73 -30.63 19.29
C SER D 463 45.78 -31.72 19.20
N THR D 464 45.96 -32.43 20.30
CA THR D 464 47.01 -33.43 20.42
C THR D 464 46.67 -34.72 19.69
N ASN D 465 46.67 -34.64 18.36
CA ASN D 465 46.35 -35.76 17.48
C ASN D 465 47.51 -36.01 16.51
N SER D 466 48.69 -35.53 16.89
CA SER D 466 49.92 -35.65 16.09
C SER D 466 49.75 -35.15 14.67
N THR D 467 49.13 -33.97 14.53
CA THR D 467 48.87 -33.32 13.26
C THR D 467 48.16 -34.25 12.29
N THR D 468 47.05 -34.82 12.72
CA THR D 468 46.30 -35.69 11.83
C THR D 468 45.11 -34.89 11.36
N GLU D 469 44.93 -34.73 10.05
CA GLU D 469 43.82 -33.88 9.64
C GLU D 469 42.72 -34.63 8.92
N THR D 470 41.51 -34.55 9.46
CA THR D 470 40.36 -35.18 8.83
C THR D 470 39.42 -34.13 8.30
N PHE D 471 39.09 -34.27 7.03
CA PHE D 471 38.20 -33.37 6.34
C PHE D 471 36.90 -34.06 5.99
N ARG D 472 35.82 -33.31 6.10
CA ARG D 472 34.49 -33.83 5.85
C ARG D 472 33.66 -32.87 5.00
N PRO D 473 32.67 -33.32 4.24
CA PRO D 473 31.73 -32.47 3.56
C PRO D 473 31.00 -31.61 4.55
N GLY D 474 30.78 -30.35 4.20
CA GLY D 474 30.07 -29.42 5.07
C GLY D 474 29.18 -28.50 4.26
N GLY D 475 28.90 -27.33 4.82
CA GLY D 475 28.03 -26.37 4.17
C GLY D 475 26.58 -26.60 4.56
N GLY D 476 25.66 -26.22 3.67
CA GLY D 476 24.22 -26.25 3.93
C GLY D 476 23.67 -24.86 4.16
N ASP D 477 24.56 -23.91 4.44
CA ASP D 477 24.17 -22.52 4.60
C ASP D 477 24.34 -21.91 3.24
N MET D 478 23.23 -21.54 2.64
CA MET D 478 23.24 -21.08 1.27
C MET D 478 24.06 -19.85 1.00
N ARG D 479 24.31 -19.04 2.01
CA ARG D 479 25.10 -17.86 1.77
C ARG D 479 26.51 -18.23 1.40
N ASP D 480 26.95 -19.44 1.70
CA ASP D 480 28.29 -19.84 1.36
C ASP D 480 28.38 -20.36 -0.06
N ASN D 481 27.25 -20.65 -0.70
CA ASN D 481 27.32 -21.12 -2.07
C ASN D 481 27.49 -19.91 -2.92
N TRP D 482 26.96 -18.81 -2.42
CA TRP D 482 26.98 -17.57 -3.13
C TRP D 482 28.16 -16.72 -2.74
N ARG D 483 29.23 -17.40 -2.34
CA ARG D 483 30.53 -16.80 -2.11
C ARG D 483 31.49 -17.43 -3.11
N SER D 484 31.00 -18.41 -3.89
CA SER D 484 31.84 -19.10 -4.87
C SER D 484 31.89 -18.25 -6.12
N GLU D 485 31.01 -17.28 -6.13
CA GLU D 485 30.78 -16.27 -7.11
C GLU D 485 30.60 -15.06 -6.22
N LEU D 486 30.78 -13.86 -6.73
CA LEU D 486 30.71 -12.66 -5.90
C LEU D 486 31.87 -12.55 -4.92
N TYR D 487 32.96 -13.28 -5.15
CA TYR D 487 34.11 -13.12 -4.29
C TYR D 487 35.07 -12.10 -4.86
N LYS D 488 34.96 -11.87 -6.15
CA LYS D 488 35.85 -10.97 -6.86
C LYS D 488 35.22 -9.62 -7.05
N TYR D 489 34.02 -9.43 -6.53
CA TYR D 489 33.35 -8.17 -6.75
C TYR D 489 33.07 -7.43 -5.48
N LYS D 490 33.16 -6.11 -5.57
CA LYS D 490 32.78 -5.24 -4.47
C LYS D 490 32.07 -4.01 -5.02
N VAL D 491 31.20 -3.43 -4.23
CA VAL D 491 30.51 -2.24 -4.69
C VAL D 491 31.03 -1.01 -4.00
N VAL D 492 31.31 0.01 -4.78
CA VAL D 492 31.76 1.25 -4.21
C VAL D 492 30.88 2.39 -4.64
N LYS D 493 30.88 3.41 -3.85
CA LYS D 493 30.14 4.62 -4.11
C LYS D 493 31.05 5.65 -4.67
N ILE D 494 30.66 6.25 -5.77
CA ILE D 494 31.49 7.26 -6.38
C ILE D 494 31.17 8.55 -5.67
N GLU D 495 32.22 9.27 -5.28
CA GLU D 495 32.08 10.53 -4.56
C GLU D 495 32.81 11.64 -5.30
N PRO D 496 32.30 12.08 -6.45
CA PRO D 496 32.96 12.89 -7.43
C PRO D 496 33.00 14.36 -7.11
N LEU D 497 33.47 14.71 -5.94
CA LEU D 497 33.59 16.11 -5.59
C LEU D 497 34.67 16.29 -4.56
N GLY D 498 35.58 17.18 -4.85
CA GLY D 498 36.64 17.43 -3.89
C GLY D 498 37.41 18.69 -4.19
N VAL D 499 38.40 18.95 -3.35
CA VAL D 499 39.18 20.16 -3.47
C VAL D 499 40.66 19.88 -3.48
N ALA D 500 41.41 20.84 -3.99
CA ALA D 500 42.86 20.80 -4.00
C ALA D 500 43.38 22.25 -4.16
N PRO D 501 44.59 22.59 -3.71
CA PRO D 501 45.21 23.90 -3.87
C PRO D 501 45.71 24.17 -5.26
N THR D 502 45.67 25.42 -5.67
CA THR D 502 46.32 25.84 -6.90
C THR D 502 46.65 27.31 -6.98
N ARG D 503 47.24 27.70 -8.09
CA ARG D 503 47.57 29.11 -8.33
C ARG D 503 46.41 29.86 -9.00
N CYS D 504 45.33 30.09 -8.24
CA CYS D 504 44.09 30.72 -8.70
C CYS D 504 43.56 31.58 -7.56
N LYS D 505 44.13 32.77 -7.43
CA LYS D 505 43.89 33.62 -6.27
C LYS D 505 42.50 34.24 -6.10
N ARG D 506 41.73 34.37 -7.17
CA ARG D 506 40.40 34.97 -7.00
C ARG D 506 39.35 34.25 -7.81
N ARG D 507 38.10 34.25 -7.27
CA ARG D 507 36.90 33.74 -7.91
C ARG D 507 36.63 34.51 -9.22
N PHE E 11 19.93 26.45 12.77
CA PHE E 11 19.04 26.19 11.64
C PHE E 11 17.98 27.29 11.57
N LEU E 12 16.92 27.23 12.39
CA LEU E 12 15.84 28.22 12.42
C LEU E 12 16.08 29.19 13.55
N GLY E 13 17.28 29.16 14.11
CA GLY E 13 17.65 30.01 15.22
C GLY E 13 17.44 31.49 14.96
N ALA E 14 17.55 31.93 13.72
CA ALA E 14 17.38 33.34 13.41
C ALA E 14 15.92 33.73 13.25
N ALA E 15 15.01 32.78 13.38
CA ALA E 15 13.59 33.05 13.14
C ALA E 15 13.03 34.16 14.01
N GLY E 16 13.51 34.29 15.22
CA GLY E 16 12.99 35.32 16.10
C GLY E 16 13.81 36.58 16.14
N SER E 17 14.80 36.73 15.28
CA SER E 17 15.65 37.88 15.42
C SER E 17 15.10 39.11 14.72
N THR E 18 15.46 39.28 13.48
CA THR E 18 15.03 40.42 12.69
C THR E 18 15.16 40.11 11.22
N MET E 19 14.37 40.75 10.37
CA MET E 19 14.53 40.38 8.97
C MET E 19 15.92 40.58 8.42
N GLY E 20 16.60 41.67 8.80
CA GLY E 20 17.92 41.92 8.29
C GLY E 20 18.93 40.84 8.66
N ALA E 21 19.13 40.62 9.95
CA ALA E 21 20.11 39.67 10.46
C ALA E 21 19.89 38.26 9.99
N ALA E 22 18.65 37.85 9.83
CA ALA E 22 18.34 36.50 9.41
C ALA E 22 18.83 36.21 8.01
N SER E 23 19.15 37.24 7.24
CA SER E 23 19.60 37.05 5.88
C SER E 23 21.01 36.47 5.87
N MET E 24 21.66 36.43 7.04
CA MET E 24 23.00 35.91 7.13
C MET E 24 23.04 34.41 7.39
N THR E 25 21.88 33.75 7.50
CA THR E 25 21.82 32.32 7.77
C THR E 25 21.22 31.52 6.62
N LEU E 26 21.12 32.15 5.46
CA LEU E 26 20.44 31.53 4.33
C LEU E 26 21.08 30.23 3.88
N THR E 27 22.41 30.11 4.01
CA THR E 27 23.10 28.91 3.57
C THR E 27 22.84 27.74 4.48
N VAL E 28 22.45 28.01 5.73
CA VAL E 28 22.24 26.93 6.65
C VAL E 28 20.91 26.31 6.33
N GLN E 29 19.93 27.16 6.15
CA GLN E 29 18.62 26.64 5.87
C GLN E 29 18.56 26.01 4.51
N ALA E 30 19.24 26.57 3.51
CA ALA E 30 19.15 25.95 2.22
C ALA E 30 19.72 24.53 2.21
N ARG E 31 20.86 24.31 2.89
CA ARG E 31 21.46 22.99 2.81
C ARG E 31 20.69 21.96 3.62
N ASN E 32 20.08 22.40 4.71
CA ASN E 32 19.40 21.47 5.57
C ASN E 32 18.08 20.97 5.04
N LEU E 33 17.59 21.54 3.94
CA LEU E 33 16.33 21.07 3.42
C LEU E 33 16.48 20.03 2.34
N LEU E 34 17.72 19.79 1.90
CA LEU E 34 17.97 18.81 0.85
C LEU E 34 18.77 17.64 1.38
N SER E 35 19.71 17.92 2.29
CA SER E 35 20.58 16.89 2.87
C SER E 35 19.87 15.88 3.79
N GLY E 36 18.63 16.19 4.26
CA GLY E 36 17.83 15.39 5.15
C GLY E 36 18.17 15.72 6.59
N LEU E 57 8.60 -5.84 5.17
CA LEU E 57 9.69 -4.88 5.28
C LEU E 57 9.44 -3.63 4.42
N THR E 58 9.19 -3.82 3.09
CA THR E 58 9.03 -2.77 2.07
C THR E 58 7.63 -2.55 1.48
N VAL E 59 6.59 -3.29 1.91
CA VAL E 59 5.29 -3.08 1.27
C VAL E 59 4.56 -1.84 1.78
N TRP E 60 4.46 -1.68 3.10
CA TRP E 60 3.80 -0.50 3.67
C TRP E 60 4.64 0.72 3.36
N GLY E 61 5.91 0.43 3.12
CA GLY E 61 7.00 1.35 2.88
C GLY E 61 6.82 2.13 1.61
N ILE E 62 5.86 1.72 0.78
CA ILE E 62 5.62 2.47 -0.43
C ILE E 62 5.25 3.89 -0.08
N LYS E 63 4.64 4.10 1.08
CA LYS E 63 4.29 5.43 1.49
C LYS E 63 5.54 6.28 1.74
N GLN E 64 6.66 5.64 2.14
CA GLN E 64 7.88 6.37 2.41
C GLN E 64 8.55 6.67 1.08
N LEU E 65 8.37 5.77 0.11
CA LEU E 65 8.97 6.02 -1.19
C LEU E 65 8.26 7.20 -1.82
N GLN E 66 6.94 7.26 -1.65
CA GLN E 66 6.20 8.39 -2.18
C GLN E 66 6.63 9.65 -1.48
N ALA E 67 6.88 9.57 -0.17
CA ALA E 67 7.31 10.76 0.55
C ALA E 67 8.64 11.29 0.02
N ARG E 68 9.56 10.39 -0.33
CA ARG E 68 10.85 10.81 -0.86
C ARG E 68 10.70 11.51 -2.19
N VAL E 69 9.83 10.98 -3.04
CA VAL E 69 9.62 11.60 -4.32
C VAL E 69 9.01 12.96 -4.16
N LEU E 70 8.04 13.09 -3.26
CA LEU E 70 7.43 14.38 -3.05
C LEU E 70 8.43 15.38 -2.51
N ALA E 71 9.34 14.95 -1.64
CA ALA E 71 10.33 15.88 -1.12
C ALA E 71 11.20 16.41 -2.23
N VAL E 72 11.55 15.55 -3.19
CA VAL E 72 12.34 15.98 -4.33
C VAL E 72 11.57 16.98 -5.15
N GLU E 73 10.29 16.70 -5.40
CA GLU E 73 9.53 17.66 -6.18
C GLU E 73 9.44 19.00 -5.46
N ARG E 74 9.29 19.01 -4.13
CA ARG E 74 9.22 20.30 -3.46
C ARG E 74 10.52 21.08 -3.65
N TYR E 75 11.65 20.39 -3.55
CA TYR E 75 12.92 21.06 -3.76
C TYR E 75 12.99 21.67 -5.14
N LEU E 76 12.65 20.86 -6.14
CA LEU E 76 12.74 21.34 -7.50
C LEU E 76 11.74 22.43 -7.76
N ARG E 77 10.57 22.38 -7.15
CA ARG E 77 9.59 23.44 -7.35
C ARG E 77 10.20 24.79 -7.01
N ASP E 78 10.92 24.88 -5.89
CA ASP E 78 11.52 26.17 -5.55
C ASP E 78 12.57 26.57 -6.54
N GLN E 79 13.35 25.60 -6.99
CA GLN E 79 14.40 25.93 -7.93
C GLN E 79 13.83 26.33 -9.27
N GLN E 80 12.71 25.73 -9.62
CA GLN E 80 12.07 25.98 -10.88
C GLN E 80 11.46 27.39 -10.87
N LEU E 81 10.95 27.86 -9.71
CA LEU E 81 10.46 29.23 -9.62
C LEU E 81 11.63 30.18 -9.75
N LEU E 82 12.76 29.85 -9.14
CA LEU E 82 13.91 30.74 -9.23
C LEU E 82 14.35 30.77 -10.68
N GLY E 83 14.25 29.65 -11.36
CA GLY E 83 14.60 29.59 -12.76
C GLY E 83 13.77 30.54 -13.60
N ILE E 84 12.44 30.42 -13.53
CA ILE E 84 11.58 31.27 -14.35
C ILE E 84 11.59 32.74 -13.95
N TRP E 85 11.93 33.03 -12.69
CA TRP E 85 12.04 34.41 -12.24
C TRP E 85 13.43 35.00 -12.56
N GLY E 86 14.35 34.18 -13.07
CA GLY E 86 15.72 34.64 -13.34
C GLY E 86 16.67 34.75 -12.13
N CYS E 87 16.40 33.99 -11.03
CA CYS E 87 17.13 33.99 -9.76
C CYS E 87 17.85 32.66 -9.52
N SER E 88 18.04 31.90 -10.58
CA SER E 88 18.69 30.61 -10.42
C SER E 88 20.11 30.75 -9.94
N GLY E 89 20.49 29.90 -8.99
CA GLY E 89 21.85 29.87 -8.48
C GLY E 89 22.12 30.92 -7.39
N LYS E 90 21.11 31.68 -7.00
CA LYS E 90 21.30 32.73 -6.01
C LYS E 90 20.53 32.51 -4.72
N LEU E 91 21.02 33.11 -3.63
CA LEU E 91 20.30 33.14 -2.37
C LEU E 91 19.70 34.52 -2.15
N ILE E 92 20.37 35.57 -2.66
CA ILE E 92 19.87 36.94 -2.58
C ILE E 92 19.77 37.48 -4.02
N CYS E 93 18.55 37.55 -4.60
CA CYS E 93 18.34 37.94 -6.01
C CYS E 93 17.74 39.33 -6.20
N CYS E 94 18.46 40.16 -6.95
CA CYS E 94 17.94 41.49 -7.26
C CYS E 94 17.07 41.39 -8.50
N THR E 95 15.89 41.96 -8.39
CA THR E 95 14.84 41.94 -9.38
C THR E 95 14.52 43.28 -9.97
N ASN E 96 13.63 43.26 -10.97
CA ASN E 96 13.19 44.46 -11.66
C ASN E 96 11.66 44.56 -11.70
N VAL E 97 11.05 45.03 -10.58
CA VAL E 97 9.60 45.18 -10.39
C VAL E 97 9.38 46.49 -9.62
N SER E 109 7.09 50.93 6.28
CA SER E 109 8.17 51.68 5.69
C SER E 109 9.50 50.86 5.66
N GLU E 110 10.67 51.54 5.60
CA GLU E 110 11.99 50.90 5.56
C GLU E 110 12.40 50.54 6.97
N ILE E 111 11.94 49.37 7.38
CA ILE E 111 12.12 48.93 8.74
C ILE E 111 13.25 47.89 8.83
N TRP E 112 12.95 46.62 8.52
CA TRP E 112 13.92 45.51 8.55
C TRP E 112 14.63 45.27 9.90
N ASP E 113 14.19 45.97 10.95
CA ASP E 113 14.75 45.86 12.28
C ASP E 113 13.73 45.36 13.30
N ASN E 114 12.61 46.05 13.44
CA ASN E 114 11.60 45.75 14.44
C ASN E 114 10.56 44.76 13.96
N MET E 115 10.76 44.23 12.77
CA MET E 115 9.85 43.24 12.23
C MET E 115 10.71 42.06 11.82
N THR E 116 10.18 40.85 11.98
CA THR E 116 10.88 39.64 11.65
C THR E 116 10.18 38.83 10.58
N TRP E 117 10.87 37.82 10.12
CA TRP E 117 10.29 36.87 9.21
C TRP E 117 9.33 36.14 10.17
N LEU E 118 8.20 35.66 9.67
CA LEU E 118 7.07 35.07 10.42
C LEU E 118 6.14 36.15 10.93
N GLN E 119 6.42 37.38 10.59
CA GLN E 119 5.52 38.48 10.90
C GLN E 119 5.23 39.18 9.60
N TRP E 120 6.27 39.75 9.03
CA TRP E 120 6.14 40.53 7.81
C TRP E 120 5.60 39.71 6.66
N ASP E 121 6.10 38.49 6.51
CA ASP E 121 5.65 37.65 5.44
C ASP E 121 4.24 37.12 5.65
N LYS E 122 3.68 37.25 6.85
CA LYS E 122 2.30 36.81 7.00
C LYS E 122 1.44 37.98 6.56
N GLU E 123 1.89 39.20 6.85
CA GLU E 123 1.13 40.38 6.48
C GLU E 123 0.98 40.49 4.97
N ILE E 124 1.98 40.06 4.20
CA ILE E 124 1.85 40.17 2.75
C ILE E 124 1.32 38.89 2.12
N SER E 125 0.78 37.98 2.90
CA SER E 125 0.28 36.72 2.36
C SER E 125 -0.75 36.95 1.25
N ASN E 126 -1.60 37.96 1.43
CA ASN E 126 -2.64 38.24 0.47
C ASN E 126 -2.16 38.99 -0.77
N TYR E 127 -0.92 39.46 -0.75
CA TYR E 127 -0.33 40.22 -1.84
C TYR E 127 0.69 39.39 -2.63
N THR E 128 1.28 38.42 -1.96
CA THR E 128 2.33 37.56 -2.47
C THR E 128 2.06 36.95 -3.83
N GLN E 129 0.83 36.51 -4.10
CA GLN E 129 0.59 35.87 -5.39
C GLN E 129 0.72 36.89 -6.53
N ILE E 130 0.45 38.16 -6.24
CA ILE E 130 0.56 39.20 -7.24
C ILE E 130 2.02 39.36 -7.53
N ILE E 131 2.82 39.35 -6.47
CA ILE E 131 4.25 39.50 -6.62
C ILE E 131 4.83 38.39 -7.45
N TYR E 132 4.42 37.17 -7.18
CA TYR E 132 5.00 36.08 -7.95
C TYR E 132 4.66 36.23 -9.42
N GLY E 133 3.43 36.62 -9.72
CA GLY E 133 3.08 36.83 -11.12
C GLY E 133 3.93 37.93 -11.74
N LEU E 134 4.16 39.01 -11.00
CA LEU E 134 4.96 40.10 -11.50
C LEU E 134 6.40 39.70 -11.72
N LEU E 135 6.95 38.86 -10.84
CA LEU E 135 8.34 38.47 -11.02
C LEU E 135 8.51 37.68 -12.30
N GLU E 136 7.55 36.80 -12.60
CA GLU E 136 7.62 36.03 -13.83
C GLU E 136 7.47 36.93 -15.04
N GLU E 137 6.55 37.90 -14.96
CA GLU E 137 6.31 38.78 -16.09
C GLU E 137 7.54 39.63 -16.37
N SER E 138 8.20 40.09 -15.33
CA SER E 138 9.38 40.88 -15.57
C SER E 138 10.41 40.04 -16.29
N GLN E 139 10.61 38.79 -15.85
CA GLN E 139 11.61 37.98 -16.54
C GLN E 139 11.18 37.71 -17.97
N ASN E 140 9.89 37.53 -18.22
CA ASN E 140 9.46 37.27 -19.59
C ASN E 140 9.83 38.44 -20.50
N GLN E 141 9.84 39.66 -19.97
CA GLN E 141 10.22 40.79 -20.78
C GLN E 141 11.75 40.90 -20.86
N GLN E 142 12.45 40.51 -19.80
CA GLN E 142 13.91 40.57 -19.78
C GLN E 142 14.51 39.63 -20.83
N GLU E 143 13.82 38.51 -21.07
CA GLU E 143 14.19 37.47 -22.02
C GLU E 143 14.22 37.98 -23.46
N LYS E 144 13.61 39.15 -23.71
CA LYS E 144 13.65 39.70 -25.05
C LYS E 144 15.09 39.95 -25.48
N ASN E 145 15.97 40.29 -24.53
CA ASN E 145 17.34 40.61 -24.88
C ASN E 145 18.23 39.36 -24.99
N GLU E 146 17.93 38.53 -26.01
CA GLU E 146 18.56 37.24 -26.33
C GLU E 146 17.91 36.71 -27.61
N VAL F 41 11.62 44.59 -4.84
CA VAL F 41 11.15 43.33 -4.27
C VAL F 41 12.17 42.22 -4.61
N THR F 42 13.14 42.01 -3.71
CA THR F 42 14.25 41.03 -3.74
C THR F 42 13.77 39.65 -3.38
N VAL F 43 14.28 38.65 -4.08
CA VAL F 43 13.89 37.29 -3.78
C VAL F 43 14.96 36.62 -2.93
N TYR F 44 14.54 36.06 -1.81
CA TYR F 44 15.45 35.40 -0.90
C TYR F 44 15.18 33.92 -0.75
N TYR F 45 16.24 33.12 -0.66
CA TYR F 45 16.04 31.71 -0.44
C TYR F 45 16.81 31.24 0.77
N GLY F 46 16.13 30.56 1.69
CA GLY F 46 16.72 30.11 2.94
C GLY F 46 16.18 30.96 4.10
N VAL F 47 15.00 31.52 3.89
CA VAL F 47 14.32 32.37 4.85
C VAL F 47 13.69 31.53 5.97
N PRO F 48 13.92 31.82 7.27
CA PRO F 48 13.45 31.05 8.41
C PRO F 48 11.98 31.19 8.72
N VAL F 49 11.14 30.75 7.81
CA VAL F 49 9.71 30.82 8.05
C VAL F 49 9.03 29.51 7.86
N TRP F 50 7.85 29.41 8.43
CA TRP F 50 7.06 28.22 8.35
C TRP F 50 5.60 28.45 8.53
N LYS F 51 4.83 27.44 8.15
CA LYS F 51 3.40 27.42 8.35
C LYS F 51 2.94 26.11 8.92
N ASP F 52 1.90 26.16 9.71
CA ASP F 52 1.38 24.96 10.32
C ASP F 52 1.02 23.96 9.26
N ALA F 53 1.37 22.69 9.48
CA ALA F 53 1.04 21.74 8.45
C ALA F 53 0.83 20.34 8.97
N GLU F 54 -0.02 19.61 8.28
CA GLU F 54 -0.26 18.23 8.60
C GLU F 54 0.46 17.30 7.65
N THR F 55 1.39 16.55 8.18
CA THR F 55 2.13 15.61 7.36
C THR F 55 2.26 14.31 8.09
N THR F 56 2.92 13.37 7.47
CA THR F 56 3.13 12.10 8.13
C THR F 56 4.52 12.05 8.71
N LEU F 57 4.60 11.80 10.00
CA LEU F 57 5.87 11.72 10.68
C LEU F 57 6.31 10.29 10.66
N PHE F 58 7.60 10.02 10.76
CA PHE F 58 7.98 8.62 10.76
C PHE F 58 8.42 8.25 12.16
N CYS F 59 8.33 6.95 12.50
CA CYS F 59 8.70 6.44 13.81
C CYS F 59 10.16 5.97 13.81
N ALA F 60 10.84 6.28 14.90
CA ALA F 60 12.22 5.90 15.13
C ALA F 60 12.38 5.43 16.57
N SER F 61 13.41 4.63 16.84
CA SER F 61 13.59 4.12 18.20
C SER F 61 15.05 3.94 18.60
N ASP F 62 15.31 3.85 19.90
CA ASP F 62 16.66 3.62 20.37
C ASP F 62 17.02 2.14 20.17
N ALA F 63 18.34 1.84 20.12
CA ALA F 63 18.91 0.49 20.00
C ALA F 63 19.91 0.30 21.13
N HIS F 71 11.07 -8.91 17.83
CA HIS F 71 9.85 -9.56 18.31
C HIS F 71 8.80 -8.60 18.95
N ASN F 72 9.21 -7.35 19.27
CA ASN F 72 8.37 -6.26 19.81
C ASN F 72 7.65 -5.56 18.67
N VAL F 73 6.36 -5.36 18.83
CA VAL F 73 5.59 -4.77 17.77
C VAL F 73 6.07 -3.39 17.30
N TRP F 74 6.65 -2.57 18.17
CA TRP F 74 7.10 -1.30 17.67
C TRP F 74 8.53 -1.43 17.21
N ALA F 75 9.30 -2.28 17.86
CA ALA F 75 10.70 -2.41 17.49
C ALA F 75 10.86 -2.89 16.04
N THR F 76 9.91 -3.68 15.54
CA THR F 76 10.00 -4.22 14.19
C THR F 76 9.41 -3.27 13.15
N HIS F 77 8.92 -2.14 13.61
CA HIS F 77 8.36 -1.09 12.76
C HIS F 77 9.28 0.14 12.73
N CYS F 78 9.64 0.65 13.93
CA CYS F 78 10.41 1.87 14.19
C CYS F 78 11.88 1.47 14.04
N CYS F 79 12.21 1.14 12.78
CA CYS F 79 13.48 0.57 12.37
C CYS F 79 14.60 1.58 12.19
N VAL F 80 14.25 2.83 12.24
CA VAL F 80 15.23 3.89 12.10
C VAL F 80 15.79 4.13 13.49
N PRO F 81 17.10 4.03 13.71
CA PRO F 81 17.68 4.26 15.01
C PRO F 81 17.61 5.74 15.28
N THR F 82 17.48 6.10 16.53
CA THR F 82 17.53 7.51 16.88
C THR F 82 18.93 7.99 17.06
N ASP F 83 19.05 9.31 17.09
CA ASP F 83 20.30 10.02 17.32
C ASP F 83 20.75 9.80 18.76
N PRO F 84 21.93 9.20 19.03
CA PRO F 84 22.46 9.00 20.37
C PRO F 84 22.64 10.34 21.11
N ASN F 85 22.74 11.45 20.36
CA ASN F 85 22.91 12.76 20.96
C ASN F 85 22.04 13.81 20.26
N PRO F 86 20.70 13.79 20.42
CA PRO F 86 19.76 14.65 19.72
C PRO F 86 20.03 16.09 20.06
N GLN F 87 19.86 16.98 19.10
CA GLN F 87 20.06 18.39 19.38
C GLN F 87 18.77 19.16 19.36
N GLU F 88 18.74 20.29 20.05
CA GLU F 88 17.57 21.14 20.03
C GLU F 88 18.02 22.56 19.83
N ILE F 89 17.27 23.34 19.09
CA ILE F 89 17.64 24.73 18.88
C ILE F 89 16.71 25.72 19.52
N HIS F 90 17.20 26.46 20.48
CA HIS F 90 16.35 27.43 21.14
C HIS F 90 16.07 28.58 20.20
N LEU F 91 14.82 29.00 20.10
CA LEU F 91 14.53 30.11 19.26
C LEU F 91 14.34 31.36 20.11
N GLU F 92 15.33 32.21 20.13
CA GLU F 92 15.19 33.38 20.95
C GLU F 92 14.12 34.29 20.34
N ASN F 93 13.24 34.86 21.19
CA ASN F 93 12.15 35.80 20.87
C ASN F 93 11.13 35.25 19.83
N VAL F 94 10.76 33.95 19.90
CA VAL F 94 9.74 33.34 19.03
C VAL F 94 8.56 32.93 19.83
N THR F 95 7.41 33.47 19.47
CA THR F 95 6.17 33.14 20.14
C THR F 95 5.37 32.34 19.14
N GLU F 96 4.88 31.20 19.56
CA GLU F 96 4.16 30.29 18.67
C GLU F 96 2.87 29.86 19.33
N GLU F 97 1.78 29.84 18.56
CA GLU F 97 0.48 29.42 19.10
C GLU F 97 0.34 27.91 19.06
N PHE F 98 0.07 27.32 20.22
CA PHE F 98 -0.10 25.89 20.32
C PHE F 98 -1.54 25.55 20.67
N ASN F 99 -1.99 24.38 20.23
CA ASN F 99 -3.31 23.89 20.60
C ASN F 99 -3.29 22.38 20.63
N MET F 100 -3.19 21.83 21.82
CA MET F 100 -3.03 20.40 21.98
C MET F 100 -4.29 19.63 21.61
N TRP F 101 -5.41 20.31 21.48
CA TRP F 101 -6.66 19.64 21.21
C TRP F 101 -6.90 19.50 19.72
N LYS F 102 -6.04 20.10 18.92
CA LYS F 102 -6.13 20.10 17.47
C LYS F 102 -4.84 19.55 16.89
N ASN F 103 -4.13 18.77 17.67
CA ASN F 103 -2.84 18.26 17.28
C ASN F 103 -2.92 17.00 16.41
N ASN F 104 -2.55 17.13 15.15
CA ASN F 104 -2.65 16.04 14.19
C ASN F 104 -1.65 14.95 14.49
N MET F 105 -0.66 15.24 15.32
CA MET F 105 0.33 14.26 15.68
C MET F 105 -0.34 13.17 16.49
N VAL F 106 -1.36 13.56 17.24
CA VAL F 106 -2.08 12.64 18.09
C VAL F 106 -2.92 11.78 17.23
N GLU F 107 -3.56 12.38 16.24
CA GLU F 107 -4.41 11.60 15.38
C GLU F 107 -3.55 10.60 14.62
N GLN F 108 -2.34 11.01 14.17
CA GLN F 108 -1.50 10.06 13.51
C GLN F 108 -1.09 8.94 14.43
N MET F 109 -0.68 9.26 15.65
CA MET F 109 -0.25 8.20 16.53
C MET F 109 -1.38 7.24 16.76
N HIS F 110 -2.58 7.75 16.97
CA HIS F 110 -3.71 6.87 17.19
C HIS F 110 -3.88 5.92 16.05
N THR F 111 -3.84 6.43 14.83
CA THR F 111 -3.99 5.59 13.68
C THR F 111 -2.86 4.56 13.57
N ASP F 112 -1.62 4.99 13.81
CA ASP F 112 -0.49 4.07 13.69
C ASP F 112 -0.54 2.97 14.73
N ILE F 113 -0.95 3.28 15.95
CA ILE F 113 -0.96 2.25 16.98
C ILE F 113 -1.97 1.20 16.63
N ILE F 114 -3.15 1.62 16.18
CA ILE F 114 -4.17 0.66 15.84
C ILE F 114 -3.73 -0.17 14.66
N SER F 115 -3.19 0.47 13.64
CA SER F 115 -2.78 -0.24 12.46
C SER F 115 -1.74 -1.29 12.77
N LEU F 116 -0.73 -0.96 13.59
CA LEU F 116 0.29 -1.95 13.89
C LEU F 116 -0.28 -3.10 14.65
N TRP F 117 -1.17 -2.80 15.57
CA TRP F 117 -1.75 -3.83 16.38
C TRP F 117 -2.47 -4.82 15.47
N ASP F 118 -3.32 -4.28 14.58
CA ASP F 118 -4.08 -5.14 13.70
C ASP F 118 -3.21 -5.90 12.75
N GLN F 119 -2.15 -5.28 12.25
CA GLN F 119 -1.30 -5.98 11.31
C GLN F 119 -0.60 -7.13 11.99
N SER F 120 -0.21 -6.94 13.25
CA SER F 120 0.49 -7.93 14.01
C SER F 120 -0.37 -9.15 14.27
N LEU F 121 -1.67 -8.96 14.34
CA LEU F 121 -2.57 -10.05 14.59
C LEU F 121 -3.07 -10.73 13.33
N LYS F 122 -2.67 -10.27 12.15
CA LYS F 122 -3.20 -10.94 10.98
C LYS F 122 -2.71 -12.38 10.82
N PRO F 123 -1.40 -12.68 10.87
CA PRO F 123 -0.89 -14.02 10.68
C PRO F 123 -0.97 -14.86 11.95
N CYS F 124 -2.19 -15.07 12.47
CA CYS F 124 -2.44 -15.74 13.75
C CYS F 124 -3.66 -16.64 13.64
N VAL F 125 -3.92 -17.41 14.68
CA VAL F 125 -4.98 -18.40 14.68
C VAL F 125 -6.37 -17.82 14.90
N LYS F 126 -7.30 -18.16 14.03
CA LYS F 126 -8.67 -17.71 14.22
C LYS F 126 -9.29 -18.69 15.20
N LEU F 127 -10.13 -18.21 16.09
CA LEU F 127 -10.72 -19.11 17.06
C LEU F 127 -12.14 -19.47 16.74
N THR F 128 -12.52 -19.26 15.49
CA THR F 128 -13.81 -19.68 15.01
C THR F 128 -14.04 -21.16 15.32
N PRO F 129 -13.06 -22.08 15.12
CA PRO F 129 -13.19 -23.49 15.40
C PRO F 129 -13.51 -23.80 16.86
N LEU F 130 -13.29 -22.84 17.77
CA LEU F 130 -13.60 -23.10 19.15
C LEU F 130 -14.99 -22.63 19.60
N CYS F 131 -15.85 -22.08 18.69
CA CYS F 131 -17.18 -21.62 19.06
C CYS F 131 -18.13 -22.81 19.11
N VAL F 132 -17.97 -23.57 20.18
CA VAL F 132 -18.71 -24.79 20.38
C VAL F 132 -19.35 -24.75 21.75
N THR F 133 -20.34 -25.60 21.98
CA THR F 133 -20.92 -25.65 23.30
C THR F 133 -19.87 -26.14 24.26
N LEU F 134 -19.70 -25.44 25.36
CA LEU F 134 -18.74 -25.80 26.37
C LEU F 134 -19.50 -26.35 27.58
N GLN F 135 -18.93 -27.31 28.29
CA GLN F 135 -19.60 -27.82 29.50
C GLN F 135 -18.81 -27.57 30.79
N CYS F 136 -19.13 -26.51 31.59
CA CYS F 136 -18.39 -26.14 32.80
C CYS F 136 -18.99 -26.64 34.11
N THR F 137 -18.05 -26.80 35.02
CA THR F 137 -18.22 -27.06 36.43
C THR F 137 -17.49 -25.94 37.17
N ASN F 138 -18.09 -25.41 38.22
CA ASN F 138 -17.43 -24.33 38.97
C ASN F 138 -16.16 -24.86 39.56
N VAL F 139 -15.09 -24.07 39.58
CA VAL F 139 -13.89 -24.59 40.19
C VAL F 139 -13.97 -24.21 41.65
N THR F 140 -13.82 -25.18 42.55
CA THR F 140 -13.88 -24.97 44.00
C THR F 140 -12.60 -25.41 44.69
N ASN F 141 -11.55 -25.61 43.93
CA ASN F 141 -10.34 -26.20 44.49
C ASN F 141 -9.40 -25.25 45.19
N ASN F 142 -9.69 -25.06 46.48
CA ASN F 142 -8.97 -24.18 47.42
C ASN F 142 -8.93 -22.73 46.95
N ILE F 143 -10.11 -22.26 46.61
CA ILE F 143 -10.37 -20.92 46.15
C ILE F 143 -10.88 -20.06 47.28
N THR F 144 -10.30 -18.86 47.42
CA THR F 144 -10.74 -17.96 48.47
C THR F 144 -12.10 -17.36 48.20
N ASP F 145 -12.66 -16.70 49.19
CA ASP F 145 -14.02 -16.17 49.07
C ASP F 145 -14.23 -15.17 47.96
N ASP F 146 -13.22 -14.37 47.70
CA ASP F 146 -13.35 -13.31 46.73
C ASP F 146 -13.20 -13.83 45.30
N MET F 147 -12.89 -15.10 45.17
CA MET F 147 -12.72 -15.74 43.88
C MET F 147 -13.80 -16.77 43.63
N ARG F 148 -14.83 -16.80 44.47
CA ARG F 148 -15.85 -17.78 44.22
C ARG F 148 -16.61 -17.38 42.99
N GLY F 149 -16.75 -18.33 42.07
CA GLY F 149 -17.48 -18.10 40.84
C GLY F 149 -16.66 -17.44 39.74
N GLU F 150 -15.39 -17.11 40.00
CA GLU F 150 -14.58 -16.44 38.99
C GLU F 150 -14.01 -17.37 37.95
N LEU F 151 -13.75 -18.62 38.32
CA LEU F 151 -13.17 -19.55 37.37
C LEU F 151 -14.07 -20.72 37.15
N LYS F 152 -14.14 -21.12 35.89
CA LYS F 152 -14.91 -22.28 35.53
C LYS F 152 -14.10 -23.24 34.68
N ASN F 153 -14.31 -24.54 34.88
CA ASN F 153 -13.59 -25.56 34.12
C ASN F 153 -14.48 -26.29 33.12
N CYS F 154 -14.34 -26.00 31.80
CA CYS F 154 -15.16 -26.59 30.72
C CYS F 154 -14.46 -27.62 29.90
N SER F 155 -15.23 -28.63 29.54
CA SER F 155 -14.77 -29.59 28.59
C SER F 155 -15.34 -29.19 27.25
N PHE F 156 -14.62 -29.49 26.18
CA PHE F 156 -15.15 -29.25 24.83
C PHE F 156 -14.47 -30.09 23.74
N ASN F 157 -15.16 -30.24 22.60
CA ASN F 157 -14.70 -30.95 21.40
C ASN F 157 -14.15 -29.95 20.36
N MET F 158 -12.80 -29.94 20.17
CA MET F 158 -12.08 -29.01 19.27
C MET F 158 -11.30 -29.75 18.19
N THR F 159 -10.78 -28.99 17.24
CA THR F 159 -9.99 -29.49 16.13
C THR F 159 -8.60 -29.86 16.58
N THR F 160 -7.90 -30.58 15.73
CA THR F 160 -6.54 -31.05 15.96
C THR F 160 -5.71 -31.01 14.68
N GLU F 161 -4.60 -31.75 14.65
CA GLU F 161 -3.65 -31.75 13.53
C GLU F 161 -4.25 -32.20 12.21
N LEU F 162 -5.11 -33.21 12.27
CA LEU F 162 -5.72 -33.75 11.08
C LEU F 162 -7.17 -33.33 11.04
N ARG F 163 -7.68 -33.04 9.86
CA ARG F 163 -9.05 -32.53 9.77
C ARG F 163 -10.13 -33.59 9.98
N ASP F 164 -9.76 -34.85 9.96
CA ASP F 164 -10.69 -35.93 10.16
C ASP F 164 -10.65 -36.48 11.58
N LYS F 165 -9.95 -35.79 12.48
CA LYS F 165 -9.85 -36.18 13.87
C LYS F 165 -10.31 -35.03 14.76
N LYS F 166 -10.80 -35.37 15.95
CA LYS F 166 -11.21 -34.37 16.93
C LYS F 166 -10.63 -34.76 18.27
N GLN F 167 -10.47 -33.79 19.16
CA GLN F 167 -9.99 -34.08 20.50
C GLN F 167 -10.84 -33.43 21.57
N LYS F 168 -10.95 -34.11 22.70
CA LYS F 168 -11.67 -33.54 23.84
C LYS F 168 -10.67 -32.96 24.79
N VAL F 169 -10.84 -31.69 25.10
CA VAL F 169 -9.91 -31.02 25.97
C VAL F 169 -10.63 -30.35 27.09
N TYR F 170 -9.86 -29.95 28.09
CA TYR F 170 -10.42 -29.24 29.22
C TYR F 170 -9.63 -27.97 29.42
N SER F 171 -10.30 -26.87 29.78
CA SER F 171 -9.58 -25.64 30.07
C SER F 171 -10.30 -24.73 31.03
N LEU F 172 -9.54 -23.83 31.64
CA LEU F 172 -10.18 -22.88 32.51
C LEU F 172 -10.46 -21.58 31.81
N PHE F 173 -11.59 -21.00 32.17
CA PHE F 173 -11.98 -19.71 31.66
C PHE F 173 -12.34 -18.79 32.78
N TYR F 174 -12.16 -17.51 32.56
CA TYR F 174 -12.61 -16.53 33.50
C TYR F 174 -14.08 -16.32 33.19
N ARG F 175 -14.88 -16.10 34.21
CA ARG F 175 -16.31 -15.91 33.98
C ARG F 175 -16.59 -14.78 33.01
N LEU F 176 -15.78 -13.74 33.00
CA LEU F 176 -16.05 -12.60 32.14
C LEU F 176 -16.05 -12.93 30.65
N ASP F 177 -15.42 -14.03 30.26
CA ASP F 177 -15.34 -14.44 28.87
C ASP F 177 -16.39 -15.47 28.48
N VAL F 178 -17.21 -15.92 29.43
CA VAL F 178 -18.13 -17.00 29.12
C VAL F 178 -19.60 -16.71 29.51
N VAL F 179 -20.52 -17.01 28.59
CA VAL F 179 -21.96 -16.80 28.81
C VAL F 179 -22.75 -18.09 28.91
N GLN F 180 -23.60 -18.17 29.94
CA GLN F 180 -24.43 -19.34 30.15
C GLN F 180 -25.61 -19.35 29.25
N ILE F 181 -25.85 -20.50 28.65
CA ILE F 181 -26.98 -20.66 27.76
C ILE F 181 -28.09 -21.45 28.45
N ASN F 182 -29.29 -20.86 28.53
CA ASN F 182 -30.47 -21.46 29.19
C ASN F 182 -31.43 -21.93 28.11
N ASN F 193 -26.54 -30.11 34.36
CA ASN F 193 -25.42 -29.63 33.56
C ASN F 193 -25.71 -28.17 33.17
N LYS F 194 -24.64 -27.39 32.92
CA LYS F 194 -24.68 -25.98 32.53
C LYS F 194 -23.87 -25.81 31.26
N GLU F 195 -24.54 -25.35 30.22
CA GLU F 195 -23.95 -25.18 28.91
C GLU F 195 -23.48 -23.75 28.72
N TYR F 196 -22.32 -23.59 28.13
CA TYR F 196 -21.74 -22.28 27.89
C TYR F 196 -21.21 -22.02 26.49
N ARG F 197 -21.16 -20.74 26.13
CA ARG F 197 -20.58 -20.26 24.87
C ARG F 197 -19.71 -19.07 25.21
N LEU F 198 -18.82 -18.70 24.32
CA LEU F 198 -17.99 -17.53 24.56
C LEU F 198 -18.78 -16.24 24.34
N ILE F 199 -18.33 -15.15 24.95
CA ILE F 199 -19.03 -13.91 24.72
C ILE F 199 -18.91 -13.54 23.27
N ASN F 200 -20.05 -13.26 22.66
CA ASN F 200 -20.13 -12.93 21.24
C ASN F 200 -19.43 -14.01 20.35
N CYS F 201 -19.59 -15.30 20.73
CA CYS F 201 -19.04 -16.50 20.13
C CYS F 201 -19.26 -16.53 18.64
N ASN F 202 -20.49 -16.25 18.25
CA ASN F 202 -20.89 -16.33 16.87
C ASN F 202 -21.18 -15.01 16.18
N THR F 203 -20.75 -13.89 16.75
CA THR F 203 -20.97 -12.62 16.08
C THR F 203 -19.68 -11.87 15.85
N SER F 204 -18.67 -12.13 16.67
CA SER F 204 -17.42 -11.42 16.56
C SER F 204 -16.38 -12.26 15.88
N ALA F 205 -15.41 -11.59 15.31
CA ALA F 205 -14.26 -12.27 14.78
C ALA F 205 -13.20 -12.33 15.86
N ILE F 206 -12.96 -13.50 16.43
CA ILE F 206 -12.01 -13.60 17.52
C ILE F 206 -10.72 -14.23 17.04
N THR F 207 -9.64 -13.48 17.20
CA THR F 207 -8.31 -13.87 16.73
C THR F 207 -7.37 -14.06 17.91
N GLN F 208 -6.65 -15.17 17.93
CA GLN F 208 -5.69 -15.46 18.97
C GLN F 208 -4.49 -14.59 18.81
N ALA F 209 -4.02 -13.98 19.88
CA ALA F 209 -2.80 -13.23 19.72
C ALA F 209 -1.67 -14.21 19.50
N CYS F 210 -0.67 -13.83 18.66
CA CYS F 210 0.52 -14.64 18.42
C CYS F 210 1.43 -14.61 19.67
N PRO F 211 1.88 -15.77 20.17
CA PRO F 211 2.71 -15.93 21.36
C PRO F 211 4.10 -15.35 21.15
N LYS F 212 4.45 -15.12 19.89
CA LYS F 212 5.75 -14.64 19.52
C LYS F 212 5.85 -13.12 19.45
N VAL F 213 4.75 -12.40 19.66
CA VAL F 213 4.85 -10.94 19.57
C VAL F 213 4.60 -10.26 20.89
N SER F 214 5.51 -9.38 21.21
CA SER F 214 5.44 -8.59 22.41
C SER F 214 4.82 -7.24 22.16
N PHE F 215 3.94 -6.85 23.05
CA PHE F 215 3.30 -5.56 22.95
C PHE F 215 3.78 -4.63 24.04
N GLU F 216 4.92 -4.95 24.63
CA GLU F 216 5.46 -4.09 25.67
C GLU F 216 5.77 -2.74 25.03
N PRO F 217 5.36 -1.62 25.61
CA PRO F 217 5.65 -0.32 25.09
C PRO F 217 7.11 -0.01 25.19
N ILE F 218 7.64 0.67 24.19
CA ILE F 218 9.02 1.10 24.21
C ILE F 218 8.91 2.60 23.92
N PRO F 219 9.87 3.43 24.26
CA PRO F 219 9.83 4.87 24.10
C PRO F 219 10.08 5.34 22.68
N ILE F 220 9.12 5.07 21.80
CA ILE F 220 9.21 5.43 20.39
C ILE F 220 9.20 6.92 20.15
N HIS F 221 9.95 7.39 19.17
CA HIS F 221 10.02 8.81 18.86
C HIS F 221 9.41 9.12 17.50
N TYR F 222 8.69 10.23 17.38
CA TYR F 222 8.22 10.63 16.04
C TYR F 222 9.14 11.71 15.51
N CYS F 223 9.62 11.55 14.25
CA CYS F 223 10.60 12.41 13.60
C CYS F 223 10.06 13.05 12.32
N ALA F 224 10.47 14.30 12.11
CA ALA F 224 10.04 15.02 10.93
C ALA F 224 10.74 14.54 9.66
N PRO F 225 10.04 14.48 8.51
CA PRO F 225 10.58 14.24 7.20
C PRO F 225 11.23 15.53 6.72
N ALA F 226 12.12 15.45 5.75
CA ALA F 226 12.74 16.68 5.26
C ALA F 226 11.70 17.66 4.76
N GLY F 227 11.92 18.93 5.09
CA GLY F 227 11.02 20.02 4.72
C GLY F 227 10.14 20.42 5.89
N PHE F 228 10.16 19.62 6.93
CA PHE F 228 9.38 19.84 8.12
C PHE F 228 10.20 19.91 9.38
N ALA F 229 9.62 20.50 10.39
CA ALA F 229 10.24 20.59 11.70
C ALA F 229 9.21 20.48 12.78
N ILE F 230 9.64 20.07 13.97
CA ILE F 230 8.74 19.95 15.09
C ILE F 230 9.12 21.01 16.10
N LEU F 231 8.17 21.79 16.55
CA LEU F 231 8.53 22.79 17.52
C LEU F 231 8.07 22.37 18.90
N LYS F 232 8.88 22.65 19.91
CA LYS F 232 8.50 22.39 21.29
C LYS F 232 8.18 23.65 22.08
N CYS F 233 7.17 23.57 22.95
CA CYS F 233 6.81 24.59 23.93
C CYS F 233 7.47 24.23 25.27
N LYS F 234 8.45 25.02 25.70
CA LYS F 234 9.14 24.71 26.95
C LYS F 234 8.55 25.42 28.16
N ASP F 235 7.52 26.20 27.96
CA ASP F 235 6.93 26.93 29.07
C ASP F 235 6.37 25.90 30.04
N LYS F 236 6.93 25.93 31.24
CA LYS F 236 6.70 24.99 32.32
C LYS F 236 5.27 24.97 32.79
N LYS F 237 4.53 26.05 32.56
CA LYS F 237 3.14 26.13 32.98
C LYS F 237 2.15 26.17 31.82
N PHE F 238 2.57 25.83 30.61
CA PHE F 238 1.64 25.93 29.49
C PHE F 238 0.44 24.98 29.73
N ASN F 239 -0.81 25.51 29.54
CA ASN F 239 -2.08 24.81 29.80
C ASN F 239 -2.73 24.17 28.56
N GLY F 240 -1.99 23.99 27.46
CA GLY F 240 -2.42 23.31 26.23
C GLY F 240 -2.88 24.22 25.09
N THR F 241 -3.21 25.46 25.37
CA THR F 241 -3.62 26.34 24.29
C THR F 241 -3.01 27.71 24.40
N GLY F 242 -2.90 28.38 23.26
CA GLY F 242 -2.49 29.78 23.24
C GLY F 242 -1.00 29.93 22.96
N PRO F 243 -0.48 31.15 23.02
CA PRO F 243 0.87 31.48 22.69
C PRO F 243 1.79 30.87 23.70
N CYS F 244 2.99 30.49 23.25
CA CYS F 244 4.07 29.96 24.05
C CYS F 244 5.34 30.66 23.61
N THR F 245 6.07 31.10 24.61
CA THR F 245 7.37 31.72 24.46
C THR F 245 8.32 30.61 24.80
N ASN F 246 9.66 30.78 24.63
CA ASN F 246 10.64 29.72 24.90
C ASN F 246 10.37 28.46 24.05
N VAL F 247 10.21 28.66 22.73
CA VAL F 247 9.95 27.64 21.73
C VAL F 247 11.27 27.14 21.17
N SER F 248 11.43 25.84 21.03
CA SER F 248 12.65 25.30 20.44
C SER F 248 12.35 24.43 19.25
N THR F 249 13.30 24.33 18.33
CA THR F 249 13.13 23.46 17.17
C THR F 249 13.81 22.13 17.37
N VAL F 250 13.08 21.06 17.13
CA VAL F 250 13.68 19.76 17.29
C VAL F 250 13.42 18.92 16.06
N GLN F 251 14.20 17.86 15.89
CA GLN F 251 13.96 16.94 14.78
C GLN F 251 13.00 15.79 15.11
N CYS F 252 13.00 15.34 16.38
CA CYS F 252 12.23 14.21 16.91
C CYS F 252 11.63 14.59 18.25
N THR F 253 10.53 13.93 18.56
CA THR F 253 9.89 14.08 19.86
C THR F 253 10.69 13.27 20.81
N HIS F 254 10.42 13.43 22.10
CA HIS F 254 11.05 12.60 23.10
C HIS F 254 10.46 11.24 22.95
N GLY F 255 11.00 10.27 23.66
CA GLY F 255 10.44 8.95 23.51
C GLY F 255 9.16 8.86 24.29
N ILE F 256 8.11 8.45 23.62
CA ILE F 256 6.81 8.31 24.24
C ILE F 256 6.37 6.88 24.26
N LYS F 257 6.26 6.33 25.44
CA LYS F 257 5.86 4.96 25.53
C LYS F 257 4.38 4.85 25.22
N PRO F 258 3.95 4.01 24.28
CA PRO F 258 2.58 3.82 23.88
C PRO F 258 1.84 2.96 24.89
N VAL F 259 1.67 3.51 26.07
CA VAL F 259 1.00 2.84 27.16
C VAL F 259 -0.49 3.00 27.01
N VAL F 260 -1.20 1.90 27.13
CA VAL F 260 -2.63 1.91 27.02
C VAL F 260 -3.28 1.74 28.38
N SER F 261 -4.11 2.71 28.76
CA SER F 261 -4.80 2.71 30.05
C SER F 261 -6.08 3.53 29.95
N THR F 262 -6.86 3.58 31.03
CA THR F 262 -8.14 4.25 31.04
C THR F 262 -8.20 5.41 32.03
N GLN F 263 -8.57 5.12 33.25
CA GLN F 263 -8.75 6.14 34.29
C GLN F 263 -7.49 6.85 34.76
N LEU F 264 -6.39 6.12 34.86
CA LEU F 264 -5.13 6.67 35.33
C LEU F 264 -4.13 6.50 34.22
N LEU F 265 -3.35 7.53 34.00
CA LEU F 265 -2.31 7.51 33.00
C LEU F 265 -1.07 7.03 33.67
N LEU F 266 -0.54 5.95 33.14
CA LEU F 266 0.63 5.35 33.72
C LEU F 266 1.85 5.66 32.89
N ASN F 267 2.99 5.89 33.58
CA ASN F 267 4.32 6.13 33.02
C ASN F 267 4.32 7.41 32.15
N GLY F 268 5.49 7.81 31.62
CA GLY F 268 5.62 9.08 30.88
C GLY F 268 6.14 10.18 31.79
N SER F 269 5.90 11.43 31.43
CA SER F 269 6.50 12.56 32.13
C SER F 269 5.67 13.19 33.24
N LEU F 270 6.38 13.92 34.09
CA LEU F 270 5.82 14.67 35.20
C LEU F 270 6.04 16.15 35.04
N ALA F 271 5.13 16.92 35.60
CA ALA F 271 5.21 18.37 35.59
C ALA F 271 6.30 18.82 36.53
N GLU F 272 6.99 19.90 36.22
CA GLU F 272 8.02 20.37 37.15
C GLU F 272 7.51 21.34 38.20
N GLU F 273 6.52 22.15 37.85
CA GLU F 273 6.04 23.18 38.76
C GLU F 273 4.56 23.05 39.07
N GLU F 274 4.25 22.44 40.20
CA GLU F 274 2.90 22.14 40.64
C GLU F 274 2.16 21.25 39.66
N VAL F 275 0.93 20.92 40.02
CA VAL F 275 0.06 20.12 39.19
C VAL F 275 -0.54 20.97 38.11
N ILE F 276 -0.50 20.48 36.89
CA ILE F 276 -1.04 21.28 35.80
C ILE F 276 -2.29 20.64 35.25
N ILE F 277 -3.36 21.42 35.22
CA ILE F 277 -4.62 20.92 34.74
C ILE F 277 -4.95 21.46 33.36
N ARG F 278 -5.09 20.55 32.41
CA ARG F 278 -5.33 20.94 31.03
C ARG F 278 -6.66 20.40 30.51
N SER F 279 -7.45 21.26 29.91
CA SER F 279 -8.71 20.86 29.33
C SER F 279 -8.99 21.75 28.16
N GLU F 280 -9.82 21.32 27.24
CA GLU F 280 -10.20 22.16 26.10
C GLU F 280 -11.14 23.32 26.45
N ASN F 281 -12.14 23.05 27.31
CA ASN F 281 -13.23 23.92 27.74
C ASN F 281 -13.59 23.53 29.18
N ILE F 282 -12.98 24.20 30.20
CA ILE F 282 -13.07 23.79 31.62
C ILE F 282 -14.47 23.82 32.25
N THR F 283 -15.34 24.66 31.73
CA THR F 283 -16.69 24.78 32.26
C THR F 283 -17.66 23.82 31.58
N ASN F 284 -17.17 23.07 30.59
CA ASN F 284 -17.97 22.15 29.81
C ASN F 284 -17.79 20.72 30.29
N ASN F 285 -18.83 20.16 30.86
CA ASN F 285 -18.74 18.84 31.47
C ASN F 285 -18.62 17.72 30.45
N ALA F 286 -18.74 18.05 29.17
CA ALA F 286 -18.58 17.04 28.13
C ALA F 286 -17.12 16.81 27.83
N LYS F 287 -16.24 17.63 28.39
CA LYS F 287 -14.82 17.50 28.13
C LYS F 287 -14.11 16.84 29.27
N ASN F 288 -13.02 16.15 28.96
CA ASN F 288 -12.23 15.54 30.00
C ASN F 288 -11.19 16.52 30.49
N ILE F 289 -10.78 16.33 31.72
CA ILE F 289 -9.72 17.10 32.33
C ILE F 289 -8.48 16.24 32.47
N LEU F 290 -7.37 16.67 31.88
CA LEU F 290 -6.15 15.90 31.99
C LEU F 290 -5.28 16.54 33.05
N VAL F 291 -5.00 15.81 34.12
CA VAL F 291 -4.24 16.37 35.22
C VAL F 291 -2.86 15.78 35.27
N GLN F 292 -1.82 16.61 35.16
CA GLN F 292 -0.45 16.10 35.21
C GLN F 292 0.19 16.32 36.57
N LEU F 293 0.71 15.24 37.12
CA LEU F 293 1.30 15.21 38.47
C LEU F 293 2.75 15.64 38.47
N ASN F 294 3.27 16.01 39.65
CA ASN F 294 4.68 16.39 39.79
C ASN F 294 5.60 15.26 40.21
N GLU F 295 5.03 14.32 40.93
CA GLU F 295 5.75 13.19 41.46
C GLU F 295 4.87 12.04 41.15
N SER F 296 5.44 10.91 40.79
CA SER F 296 4.60 9.79 40.51
C SER F 296 4.07 9.11 41.75
N VAL F 297 2.99 8.38 41.58
CA VAL F 297 2.47 7.56 42.64
C VAL F 297 2.78 6.14 42.26
N GLN F 298 3.51 5.43 43.07
CA GLN F 298 3.88 4.10 42.66
C GLN F 298 2.78 3.11 42.93
N ILE F 299 2.50 2.25 41.94
CA ILE F 299 1.53 1.19 42.09
C ILE F 299 2.21 -0.18 41.91
N ASN F 300 2.05 -1.09 42.88
CA ASN F 300 2.57 -2.47 42.82
C ASN F 300 1.40 -3.42 42.50
N CYS F 301 1.37 -4.00 41.27
CA CYS F 301 0.28 -4.87 40.81
C CYS F 301 0.72 -6.32 40.65
N THR F 302 -0.21 -7.21 40.93
CA THR F 302 0.06 -8.62 40.77
C THR F 302 -1.10 -9.49 40.33
N ARG F 303 -0.71 -10.59 39.73
CA ARG F 303 -1.60 -11.68 39.37
C ARG F 303 -1.00 -12.84 40.15
N PRO F 304 -1.37 -13.00 41.44
CA PRO F 304 -0.73 -13.83 42.44
C PRO F 304 -0.87 -15.32 42.21
N ASN F 305 -1.77 -15.72 41.34
CA ASN F 305 -1.99 -17.13 41.14
C ASN F 305 -0.91 -17.74 40.26
N ASN F 306 -0.30 -18.85 40.74
CA ASN F 306 0.71 -19.56 39.97
C ASN F 306 -0.01 -20.48 38.99
N ASN F 307 -0.30 -19.91 37.80
CA ASN F 307 -1.06 -20.54 36.72
C ASN F 307 -0.14 -21.31 35.82
N THR F 308 -0.68 -22.25 35.07
CA THR F 308 0.15 -22.90 34.11
C THR F 308 -0.44 -22.68 32.76
N ARG F 309 0.28 -23.13 31.77
CA ARG F 309 -0.20 -22.96 30.42
C ARG F 309 -0.11 -24.22 29.62
N LYS F 310 -1.19 -24.56 28.95
CA LYS F 310 -1.17 -25.73 28.13
C LYS F 310 -1.16 -25.34 26.69
N SER F 311 -0.11 -25.74 26.01
CA SER F 311 -0.05 -25.43 24.60
C SER F 311 -0.56 -26.66 23.89
N ILE F 312 -1.67 -26.51 23.20
CA ILE F 312 -2.27 -27.66 22.58
C ILE F 312 -2.40 -27.41 21.10
N ARG F 313 -2.51 -28.47 20.33
CA ARG F 313 -2.60 -28.28 18.90
C ARG F 313 -4.02 -28.00 18.46
N ILE F 314 -4.18 -26.96 17.64
CA ILE F 314 -5.48 -26.57 17.13
C ILE F 314 -5.59 -26.74 15.63
N GLY F 315 -4.46 -26.88 14.97
CA GLY F 315 -4.46 -27.09 13.53
C GLY F 315 -3.10 -27.59 13.12
N PRO F 316 -2.90 -27.88 11.83
CA PRO F 316 -1.69 -28.46 11.24
C PRO F 316 -0.39 -27.75 11.64
N GLY F 317 -0.42 -26.46 11.80
CA GLY F 317 0.77 -25.72 12.20
C GLY F 317 0.35 -24.66 13.18
N GLN F 318 -0.69 -24.96 13.94
CA GLN F 318 -1.23 -23.97 14.84
C GLN F 318 -1.36 -24.46 16.27
N TRP F 319 -0.97 -23.59 17.19
CA TRP F 319 -1.09 -23.88 18.60
C TRP F 319 -2.04 -22.92 19.27
N PHE F 320 -2.82 -23.45 20.19
CA PHE F 320 -3.76 -22.72 21.01
C PHE F 320 -3.29 -22.74 22.45
N TYR F 321 -3.38 -21.63 23.14
CA TYR F 321 -2.93 -21.63 24.52
C TYR F 321 -4.08 -21.59 25.49
N ALA F 322 -4.21 -22.66 26.25
CA ALA F 322 -5.28 -22.82 27.21
C ALA F 322 -4.77 -22.60 28.62
N THR F 323 -5.61 -22.05 29.48
CA THR F 323 -5.20 -21.92 30.88
C THR F 323 -5.31 -23.29 31.50
N GLY F 324 -4.22 -23.74 32.15
CA GLY F 324 -4.26 -25.06 32.76
C GLY F 324 -4.52 -24.98 34.24
N ASP F 325 -4.44 -26.12 34.91
CA ASP F 325 -4.73 -26.17 36.32
C ASP F 325 -3.84 -25.22 37.07
N ILE F 326 -4.40 -24.50 38.00
CA ILE F 326 -3.60 -23.56 38.75
C ILE F 326 -2.78 -24.40 39.70
N ILE F 327 -1.47 -24.13 39.74
CA ILE F 327 -0.53 -24.90 40.52
C ILE F 327 -0.69 -24.59 41.99
N GLY F 328 -0.74 -23.31 42.29
CA GLY F 328 -0.88 -22.87 43.68
C GLY F 328 -2.34 -22.64 44.08
N ASP F 329 -2.51 -21.95 45.19
CA ASP F 329 -3.82 -21.63 45.74
C ASP F 329 -4.40 -20.53 44.89
N ILE F 330 -5.72 -20.35 44.90
CA ILE F 330 -6.31 -19.32 44.08
C ILE F 330 -6.78 -18.09 44.87
N ARG F 331 -6.20 -16.96 44.49
CA ARG F 331 -6.40 -15.66 45.11
C ARG F 331 -6.79 -14.59 44.09
N GLN F 332 -7.34 -13.49 44.58
CA GLN F 332 -7.74 -12.41 43.71
C GLN F 332 -6.58 -11.54 43.29
N ALA F 333 -6.56 -11.15 42.01
CA ALA F 333 -5.56 -10.23 41.49
C ALA F 333 -5.78 -8.86 42.11
N HIS F 334 -4.72 -8.11 42.32
CA HIS F 334 -4.88 -6.80 42.96
C HIS F 334 -3.71 -5.84 42.72
N CYS F 335 -3.94 -4.53 43.01
CA CYS F 335 -2.94 -3.44 42.97
C CYS F 335 -2.87 -2.67 44.29
N ASN F 336 -1.63 -2.39 44.71
CA ASN F 336 -1.32 -1.66 45.93
C ASN F 336 -0.85 -0.22 45.64
N VAL F 337 -1.54 0.76 46.25
CA VAL F 337 -1.25 2.21 46.17
C VAL F 337 -0.89 2.75 47.56
N SER F 338 0.26 3.40 47.71
CA SER F 338 0.62 3.89 49.04
C SER F 338 -0.45 4.86 49.50
N LYS F 339 -0.95 4.69 50.72
CA LYS F 339 -2.06 5.54 51.13
C LYS F 339 -1.69 6.98 51.36
N ALA F 340 -0.57 7.23 52.00
CA ALA F 340 -0.21 8.61 52.27
C ALA F 340 0.09 9.35 50.98
N THR F 341 0.73 8.66 50.03
CA THR F 341 1.11 9.28 48.78
C THR F 341 -0.13 9.66 48.02
N TRP F 342 -1.10 8.76 47.97
CA TRP F 342 -2.32 9.07 47.26
C TRP F 342 -3.05 10.28 47.86
N ASN F 343 -3.14 10.37 49.22
CA ASN F 343 -3.81 11.48 49.90
C ASN F 343 -3.12 12.84 49.61
N GLU F 344 -1.75 12.87 49.59
CA GLU F 344 -0.97 14.08 49.28
C GLU F 344 -1.20 14.48 47.83
N THR F 345 -1.25 13.48 46.95
CA THR F 345 -1.45 13.69 45.54
C THR F 345 -2.77 14.36 45.31
N LEU F 346 -3.83 13.88 45.94
CA LEU F 346 -5.09 14.54 45.73
C LEU F 346 -5.07 15.92 46.32
N GLY F 347 -4.43 16.13 47.45
CA GLY F 347 -4.45 17.48 47.98
C GLY F 347 -3.87 18.49 46.98
N LYS F 348 -2.81 18.09 46.28
CA LYS F 348 -2.21 18.96 45.26
C LYS F 348 -3.18 19.20 44.10
N VAL F 349 -3.88 18.15 43.70
CA VAL F 349 -4.84 18.27 42.61
C VAL F 349 -5.97 19.20 43.00
N VAL F 350 -6.45 19.05 44.23
CA VAL F 350 -7.55 19.85 44.73
C VAL F 350 -7.20 21.31 44.75
N LYS F 351 -6.00 21.67 45.22
CA LYS F 351 -5.65 23.07 45.24
C LYS F 351 -5.71 23.65 43.83
N GLN F 352 -5.20 22.92 42.85
CA GLN F 352 -5.22 23.42 41.49
C GLN F 352 -6.64 23.47 40.93
N LEU F 353 -7.49 22.54 41.34
CA LEU F 353 -8.87 22.59 40.88
C LEU F 353 -9.56 23.82 41.45
N ARG F 354 -9.28 24.16 42.70
CA ARG F 354 -9.92 25.34 43.31
C ARG F 354 -9.59 26.60 42.54
N LYS F 355 -8.41 26.68 41.96
CA LYS F 355 -8.05 27.83 41.15
C LYS F 355 -9.01 28.03 39.96
N HIS F 356 -9.69 26.96 39.52
CA HIS F 356 -10.63 27.05 38.41
C HIS F 356 -12.07 27.06 38.91
N PHE F 357 -12.34 26.41 40.04
CA PHE F 357 -13.72 26.28 40.52
C PHE F 357 -14.10 27.12 41.75
N GLY F 358 -13.16 27.85 42.33
CA GLY F 358 -13.39 28.70 43.48
C GLY F 358 -12.64 28.25 44.73
N ASN F 359 -12.10 29.21 45.47
CA ASN F 359 -11.30 28.92 46.65
C ASN F 359 -12.14 28.68 47.89
N ASN F 360 -13.44 28.74 47.70
CA ASN F 360 -14.40 28.47 48.72
C ASN F 360 -15.31 27.32 48.27
N THR F 361 -14.86 26.58 47.26
CA THR F 361 -15.59 25.46 46.68
C THR F 361 -15.08 24.14 47.21
N ILE F 362 -16.01 23.26 47.56
CA ILE F 362 -15.67 21.94 48.07
C ILE F 362 -15.44 20.98 46.93
N ILE F 363 -14.36 20.23 47.01
CA ILE F 363 -14.04 19.29 45.95
C ILE F 363 -14.25 17.87 46.42
N ARG F 364 -15.01 17.09 45.69
CA ARG F 364 -15.28 15.71 46.06
C ARG F 364 -14.89 14.72 44.98
N PHE F 365 -14.36 13.59 45.40
CA PHE F 365 -14.02 12.53 44.46
C PHE F 365 -14.95 11.35 44.64
N ALA F 366 -15.33 10.78 43.52
CA ALA F 366 -16.24 9.65 43.46
C ALA F 366 -15.86 8.70 42.33
N ASN F 367 -16.40 7.49 42.35
CA ASN F 367 -16.08 6.51 41.33
C ASN F 367 -16.85 6.73 40.04
N SER F 368 -16.64 5.85 39.06
CA SER F 368 -17.29 6.02 37.77
C SER F 368 -18.78 5.92 37.85
N SER F 369 -19.45 6.76 37.07
CA SER F 369 -20.89 6.81 37.01
C SER F 369 -21.53 5.63 36.31
N GLY F 370 -20.76 4.89 35.53
CA GLY F 370 -21.32 3.76 34.81
C GLY F 370 -20.60 3.48 33.50
N GLY F 371 -21.07 2.45 32.80
CA GLY F 371 -20.45 2.03 31.56
C GLY F 371 -19.88 0.64 31.73
N ASP F 372 -19.19 0.16 30.71
CA ASP F 372 -18.61 -1.17 30.73
C ASP F 372 -17.20 -1.16 31.34
N LEU F 373 -16.52 -2.30 31.34
CA LEU F 373 -15.24 -2.37 32.04
C LEU F 373 -14.21 -1.41 31.51
N GLU F 374 -14.24 -1.15 30.22
CA GLU F 374 -13.24 -0.30 29.62
C GLU F 374 -13.28 1.13 30.17
N VAL F 375 -14.39 1.56 30.76
CA VAL F 375 -14.43 2.90 31.31
C VAL F 375 -14.66 2.92 32.82
N THR F 376 -15.24 1.86 33.37
CA THR F 376 -15.51 1.88 34.80
C THR F 376 -14.35 1.38 35.61
N THR F 377 -13.43 0.64 35.01
CA THR F 377 -12.29 0.16 35.75
C THR F 377 -11.04 0.75 35.18
N HIS F 378 -9.97 0.58 35.90
CA HIS F 378 -8.68 0.98 35.42
C HIS F 378 -8.08 -0.17 34.68
N SER F 379 -7.92 -0.05 33.37
CA SER F 379 -7.40 -1.21 32.69
C SER F 379 -5.99 -0.98 32.25
N PHE F 380 -5.26 -2.08 32.20
CA PHE F 380 -3.89 -2.04 31.74
C PHE F 380 -3.37 -3.41 31.38
N ASN F 381 -2.26 -3.43 30.68
CA ASN F 381 -1.59 -4.67 30.34
C ASN F 381 -0.20 -4.78 30.97
N CYS F 382 0.03 -5.85 31.76
CA CYS F 382 1.29 -6.15 32.44
C CYS F 382 1.87 -7.46 31.97
N GLY F 383 2.83 -7.35 31.07
CA GLY F 383 3.51 -8.51 30.53
C GLY F 383 2.65 -9.33 29.62
N GLY F 384 1.62 -8.74 29.04
CA GLY F 384 0.70 -9.48 28.21
C GLY F 384 -0.60 -9.83 28.95
N GLU F 385 -0.65 -9.70 30.27
CA GLU F 385 -1.90 -10.01 30.95
C GLU F 385 -2.81 -8.78 31.05
N PHE F 386 -4.13 -9.00 30.92
CA PHE F 386 -5.11 -7.89 30.96
C PHE F 386 -5.94 -7.75 32.21
N PHE F 387 -5.69 -6.63 32.89
CA PHE F 387 -6.30 -6.28 34.16
C PHE F 387 -7.36 -5.23 34.04
N TYR F 388 -8.39 -5.39 34.85
CA TYR F 388 -9.50 -4.44 35.04
C TYR F 388 -9.69 -4.17 36.54
N CYS F 389 -9.03 -3.11 37.09
CA CYS F 389 -8.95 -2.83 38.52
C CYS F 389 -9.99 -1.82 39.01
N ASN F 390 -10.52 -2.09 40.19
CA ASN F 390 -11.51 -1.26 40.85
C ASN F 390 -10.91 -0.09 41.61
N THR F 391 -11.14 1.11 41.12
CA THR F 391 -10.56 2.33 41.64
C THR F 391 -11.45 3.09 42.58
N SER F 392 -12.54 2.47 43.02
CA SER F 392 -13.45 3.12 43.95
C SER F 392 -12.77 3.30 45.29
N GLY F 393 -11.69 2.57 45.50
CA GLY F 393 -10.91 2.67 46.72
C GLY F 393 -9.99 3.87 46.71
N LEU F 394 -9.86 4.53 45.55
CA LEU F 394 -9.01 5.70 45.46
C LEU F 394 -9.84 6.96 45.40
N PHE F 395 -10.87 6.94 44.57
CA PHE F 395 -11.68 8.13 44.39
C PHE F 395 -12.89 8.15 45.31
N ASN F 396 -12.63 8.28 46.63
CA ASN F 396 -13.64 8.27 47.69
C ASN F 396 -13.26 9.23 48.84
N SER F 397 -13.46 10.55 48.62
CA SER F 397 -13.14 11.59 49.65
C SER F 397 -13.79 12.93 49.37
N THR F 398 -13.92 13.75 50.41
CA THR F 398 -14.37 15.13 50.22
C THR F 398 -13.32 16.03 50.84
N TRP F 399 -12.87 16.99 50.05
CA TRP F 399 -11.83 17.89 50.45
C TRP F 399 -12.38 19.25 50.86
N ILE F 400 -12.12 19.56 52.12
CA ILE F 400 -12.61 20.76 52.79
C ILE F 400 -11.53 21.82 52.77
N SER F 401 -11.91 23.05 52.43
CA SER F 401 -10.94 24.15 52.37
C SER F 401 -10.28 24.59 53.69
N ASN F 402 -10.97 24.40 54.85
CA ASN F 402 -10.51 24.71 56.22
C ASN F 402 -9.73 26.04 56.31
N ASN F 414 1.92 4.55 56.98
CA ASN F 414 2.44 3.20 56.80
C ASN F 414 1.51 2.24 56.00
N ASP F 415 0.22 2.62 55.82
CA ASP F 415 -0.81 1.80 55.16
C ASP F 415 -0.84 1.94 53.64
N SER F 416 -1.74 1.18 53.05
CA SER F 416 -1.91 1.14 51.62
C SER F 416 -3.35 0.90 51.24
N ILE F 417 -3.67 1.22 50.02
CA ILE F 417 -4.97 1.00 49.47
C ILE F 417 -4.91 -0.18 48.53
N THR F 418 -5.75 -1.17 48.74
CA THR F 418 -5.72 -2.30 47.84
C THR F 418 -6.91 -2.24 46.92
N LEU F 419 -6.63 -2.31 45.63
CA LEU F 419 -7.63 -2.29 44.59
C LEU F 419 -7.78 -3.71 44.06
N PRO F 420 -8.93 -4.36 44.17
CA PRO F 420 -9.15 -5.69 43.65
C PRO F 420 -9.18 -5.55 42.16
N CYS F 421 -8.73 -6.58 41.41
CA CYS F 421 -8.71 -6.59 39.94
C CYS F 421 -9.31 -7.86 39.33
N ARG F 422 -9.89 -7.70 38.15
CA ARG F 422 -10.38 -8.83 37.39
C ARG F 422 -9.50 -9.07 36.19
N ILE F 423 -9.43 -10.30 35.74
CA ILE F 423 -8.66 -10.66 34.57
C ILE F 423 -9.59 -11.13 33.47
N LYS F 424 -9.37 -10.65 32.25
CA LYS F 424 -10.23 -11.06 31.13
C LYS F 424 -9.39 -11.42 29.90
N GLN F 425 -9.75 -12.49 29.17
CA GLN F 425 -8.97 -12.87 27.98
C GLN F 425 -9.47 -12.39 26.62
N ILE F 426 -10.78 -12.18 26.43
CA ILE F 426 -11.19 -11.76 25.09
C ILE F 426 -11.39 -10.27 25.13
N ILE F 427 -10.54 -9.56 24.41
CA ILE F 427 -10.49 -8.13 24.50
C ILE F 427 -11.04 -7.36 23.29
N ASN F 428 -11.99 -6.48 23.55
CA ASN F 428 -12.60 -5.66 22.50
C ASN F 428 -11.73 -4.44 22.32
N MET F 429 -10.62 -4.69 21.69
CA MET F 429 -9.56 -3.74 21.59
C MET F 429 -10.04 -2.52 20.81
N TRP F 430 -9.63 -1.36 21.29
CA TRP F 430 -9.92 -0.04 20.74
C TRP F 430 -11.42 0.26 20.64
N GLN F 431 -12.22 -0.49 21.41
CA GLN F 431 -13.67 -0.37 21.47
C GLN F 431 -14.38 -0.62 20.15
N ARG F 432 -13.86 -1.55 19.35
CA ARG F 432 -14.51 -1.91 18.11
C ARG F 432 -15.43 -3.09 18.28
N ILE F 433 -16.69 -2.91 17.93
CA ILE F 433 -17.64 -3.98 18.10
C ILE F 433 -17.45 -4.99 17.01
N GLY F 434 -17.34 -6.25 17.40
CA GLY F 434 -17.16 -7.32 16.44
C GLY F 434 -15.73 -7.76 16.23
N GLN F 435 -14.76 -7.04 16.79
CA GLN F 435 -13.37 -7.45 16.60
C GLN F 435 -12.69 -7.68 17.93
N ALA F 436 -12.20 -8.89 18.16
CA ALA F 436 -11.60 -9.10 19.47
C ALA F 436 -10.39 -10.00 19.42
N MET F 437 -9.50 -9.74 20.34
CA MET F 437 -8.30 -10.51 20.47
C MET F 437 -8.39 -11.45 21.63
N TYR F 438 -7.91 -12.67 21.43
CA TYR F 438 -7.83 -13.58 22.55
C TYR F 438 -6.44 -13.56 23.11
N ALA F 439 -6.34 -13.16 24.35
CA ALA F 439 -5.06 -13.07 24.98
C ALA F 439 -4.72 -14.43 25.54
N PRO F 440 -3.62 -15.06 25.14
CA PRO F 440 -3.25 -16.36 25.59
C PRO F 440 -2.82 -16.15 27.01
N PRO F 441 -2.88 -17.16 27.85
CA PRO F 441 -2.42 -17.17 29.21
C PRO F 441 -0.93 -17.12 29.29
N ILE F 442 -0.48 -16.66 30.43
CA ILE F 442 0.90 -16.60 30.83
C ILE F 442 1.05 -17.39 32.12
N GLN F 443 2.03 -18.27 32.15
CA GLN F 443 2.30 -19.12 33.30
C GLN F 443 3.10 -18.38 34.35
N GLY F 444 2.96 -18.81 35.59
CA GLY F 444 3.72 -18.23 36.68
C GLY F 444 3.01 -17.04 37.27
N VAL F 445 3.65 -16.42 38.23
CA VAL F 445 3.10 -15.26 38.91
C VAL F 445 3.58 -14.01 38.22
N ILE F 446 2.66 -13.12 37.97
CA ILE F 446 2.97 -11.91 37.24
C ILE F 446 3.00 -10.70 38.13
N ARG F 447 4.08 -9.95 38.02
CA ARG F 447 4.18 -8.72 38.77
C ARG F 447 4.63 -7.60 37.85
N CYS F 448 4.20 -6.37 38.16
CA CYS F 448 4.61 -5.15 37.49
C CYS F 448 4.53 -4.00 38.47
N VAL F 449 5.23 -2.94 38.16
CA VAL F 449 5.24 -1.73 38.94
C VAL F 449 5.02 -0.58 37.99
N SER F 450 4.17 0.35 38.33
CA SER F 450 3.95 1.46 37.44
C SER F 450 3.81 2.78 38.15
N ASN F 451 4.02 3.84 37.39
CA ASN F 451 3.93 5.20 37.91
C ASN F 451 2.67 5.94 37.52
N ILE F 452 1.87 6.40 38.47
CA ILE F 452 0.75 7.19 38.01
C ILE F 452 1.38 8.51 37.69
N THR F 453 1.21 8.99 36.48
CA THR F 453 1.79 10.26 36.05
C THR F 453 0.71 11.29 35.82
N GLY F 454 -0.53 10.83 35.67
CA GLY F 454 -1.62 11.76 35.47
C GLY F 454 -2.95 11.09 35.62
N LEU F 455 -3.97 11.91 35.75
CA LEU F 455 -5.34 11.45 35.93
C LEU F 455 -6.26 11.94 34.83
N ILE F 456 -7.30 11.18 34.50
CA ILE F 456 -8.32 11.75 33.62
C ILE F 456 -9.60 11.91 34.41
N LEU F 457 -10.05 13.14 34.57
CA LEU F 457 -11.25 13.42 35.37
C LEU F 457 -12.39 14.08 34.61
N THR F 458 -13.62 13.85 35.06
CA THR F 458 -14.79 14.55 34.54
C THR F 458 -15.61 15.10 35.68
N ARG F 459 -16.50 16.06 35.41
CA ARG F 459 -17.37 16.58 36.46
C ARG F 459 -18.83 16.25 36.27
N ASP F 460 -19.55 16.11 37.38
CA ASP F 460 -20.99 15.90 37.33
C ASP F 460 -21.76 17.10 36.81
N GLY F 461 -22.84 16.83 36.08
CA GLY F 461 -23.71 17.85 35.50
C GLY F 461 -24.68 18.49 36.49
N GLY F 462 -24.14 19.13 37.52
CA GLY F 462 -24.90 19.76 38.60
C GLY F 462 -25.17 21.25 38.34
N SER F 463 -24.82 21.71 37.15
CA SER F 463 -24.94 23.11 36.79
C SER F 463 -24.23 23.97 37.79
N THR F 464 -24.90 25.04 38.21
CA THR F 464 -24.36 25.97 39.16
C THR F 464 -25.06 25.81 40.51
N ASN F 465 -25.89 24.78 40.62
CA ASN F 465 -26.67 24.61 41.84
C ASN F 465 -25.92 23.78 42.86
N SER F 466 -24.76 24.27 43.26
CA SER F 466 -23.92 23.57 44.20
C SER F 466 -22.79 24.39 44.76
N THR F 467 -22.34 24.00 45.94
CA THR F 467 -21.15 24.54 46.58
C THR F 467 -20.01 23.52 46.52
N THR F 468 -20.35 22.35 45.99
CA THR F 468 -19.46 21.20 45.87
C THR F 468 -19.40 20.69 44.43
N GLU F 469 -18.18 20.48 43.96
CA GLU F 469 -17.95 19.90 42.64
C GLU F 469 -17.58 18.44 42.80
N THR F 470 -18.14 17.56 41.98
CA THR F 470 -17.77 16.15 42.10
C THR F 470 -17.04 15.69 40.87
N PHE F 471 -15.89 15.10 41.11
CA PHE F 471 -15.01 14.60 40.09
C PHE F 471 -14.98 13.10 40.08
N ARG F 472 -15.04 12.55 38.89
CA ARG F 472 -15.03 11.12 38.70
C ARG F 472 -13.98 10.79 37.66
N PRO F 473 -13.39 9.61 37.67
CA PRO F 473 -12.50 9.14 36.65
C PRO F 473 -13.17 9.09 35.29
N GLY F 474 -12.39 9.36 34.25
CA GLY F 474 -12.81 9.30 32.86
C GLY F 474 -12.24 8.04 32.21
N GLY F 475 -11.91 8.12 30.93
CA GLY F 475 -11.38 6.95 30.21
C GLY F 475 -12.15 6.73 28.91
N GLY F 476 -11.73 5.73 28.14
CA GLY F 476 -12.39 5.43 26.87
C GLY F 476 -11.52 5.78 25.67
N ASP F 477 -11.68 6.99 25.14
CA ASP F 477 -10.91 7.39 23.96
C ASP F 477 -9.42 7.49 24.26
N MET F 478 -8.67 6.79 23.45
CA MET F 478 -7.22 6.68 23.51
C MET F 478 -6.51 7.94 23.11
N ARG F 479 -7.15 8.77 22.31
CA ARG F 479 -6.49 9.96 21.85
C ARG F 479 -6.09 10.83 23.03
N ASP F 480 -6.90 10.83 24.09
CA ASP F 480 -6.59 11.61 25.26
C ASP F 480 -5.42 11.08 26.04
N ASN F 481 -5.01 9.83 25.85
CA ASN F 481 -3.86 9.38 26.57
C ASN F 481 -2.65 9.90 25.86
N TRP F 482 -2.71 9.87 24.54
CA TRP F 482 -1.58 10.29 23.76
C TRP F 482 -1.38 11.79 23.78
N ARG F 483 -2.46 12.53 24.03
CA ARG F 483 -2.39 13.97 24.19
C ARG F 483 -1.64 14.36 25.45
N SER F 484 -1.47 13.43 26.39
CA SER F 484 -0.80 13.77 27.62
C SER F 484 0.68 13.98 27.39
N GLU F 485 1.26 13.43 26.32
CA GLU F 485 2.67 13.66 26.05
C GLU F 485 2.80 14.59 24.85
N LEU F 486 1.95 14.42 23.86
CA LEU F 486 2.03 15.23 22.67
C LEU F 486 1.23 16.50 22.81
N TYR F 487 1.60 17.32 23.79
CA TYR F 487 0.89 18.58 23.98
C TYR F 487 1.82 19.74 23.76
N LYS F 488 3.10 19.48 23.82
CA LYS F 488 4.09 20.54 23.70
C LYS F 488 4.64 20.59 22.31
N TYR F 489 4.17 19.70 21.44
CA TYR F 489 4.72 19.65 20.11
C TYR F 489 3.80 20.17 19.04
N LYS F 490 4.39 20.80 18.05
CA LYS F 490 3.66 21.28 16.88
C LYS F 490 4.43 20.97 15.61
N VAL F 491 3.76 20.60 14.52
CA VAL F 491 4.47 20.34 13.27
C VAL F 491 4.29 21.45 12.27
N VAL F 492 5.40 21.96 11.76
CA VAL F 492 5.31 23.03 10.79
C VAL F 492 6.10 22.70 9.53
N LYS F 493 5.64 23.25 8.41
CA LYS F 493 6.28 23.11 7.12
C LYS F 493 7.16 24.29 6.87
N ILE F 494 8.37 24.03 6.46
CA ILE F 494 9.30 25.11 6.20
C ILE F 494 9.13 25.63 4.80
N GLU F 495 9.06 26.94 4.69
CA GLU F 495 8.88 27.59 3.40
C GLU F 495 10.01 28.59 3.14
N PRO F 496 11.17 28.14 2.66
CA PRO F 496 12.41 28.88 2.55
C PRO F 496 12.41 29.99 1.52
N LEU F 497 11.44 30.01 0.63
CA LEU F 497 11.42 31.02 -0.42
C LEU F 497 10.51 32.18 -0.03
N GLY F 498 11.00 33.40 -0.19
CA GLY F 498 10.17 34.55 0.11
C GLY F 498 10.77 35.81 -0.47
N VAL F 499 10.07 36.92 -0.34
CA VAL F 499 10.52 38.16 -0.94
C VAL F 499 10.50 39.33 0.01
N ALA F 500 11.23 40.40 -0.30
CA ALA F 500 11.11 41.63 0.48
C ALA F 500 11.65 42.84 -0.29
N PRO F 501 11.11 44.06 -0.13
CA PRO F 501 11.64 45.30 -0.69
C PRO F 501 13.02 45.64 -0.18
N THR F 502 13.95 45.89 -1.09
CA THR F 502 15.32 46.27 -0.78
C THR F 502 15.77 47.36 -1.74
N ARG F 503 16.86 48.04 -1.42
CA ARG F 503 17.38 49.03 -2.36
C ARG F 503 18.31 48.41 -3.41
N CYS F 504 17.72 47.61 -4.32
CA CYS F 504 18.40 46.88 -5.40
C CYS F 504 17.33 46.29 -6.31
N UNK G 1 -21.05 7.13 22.32
CA UNK G 1 -20.11 7.48 21.28
C UNK G 1 -19.66 8.94 21.48
N UNK G 2 -19.57 9.74 20.37
CA UNK G 2 -19.19 11.13 20.39
C UNK G 2 -20.28 12.01 21.00
N UNK G 3 -19.88 12.96 21.81
CA UNK G 3 -20.81 13.90 22.38
C UNK G 3 -21.14 14.96 21.35
N UNK G 4 -21.94 14.57 20.38
CA UNK G 4 -22.30 15.47 19.30
C UNK G 4 -23.06 16.62 19.89
N UNK G 5 -22.82 17.81 19.38
CA UNK G 5 -23.51 18.95 19.91
C UNK G 5 -23.88 19.95 18.87
N UNK G 6 -25.14 20.35 18.93
CA UNK G 6 -25.71 21.32 18.02
C UNK G 6 -25.35 22.69 18.53
N UNK G 7 -25.28 23.65 17.63
CA UNK G 7 -24.95 25.01 18.04
C UNK G 7 -25.84 26.09 17.43
N UNK G 8 -27.15 25.95 17.58
CA UNK G 8 -28.08 26.93 17.07
C UNK G 8 -29.41 26.78 17.78
N UNK G 9 -30.19 27.85 17.83
CA UNK G 9 -31.57 27.81 18.31
C UNK G 9 -32.30 29.10 17.94
N UNK G 10 -32.68 29.29 16.66
CA UNK G 10 -33.22 30.60 16.30
C UNK G 10 -34.18 30.63 15.14
N UNK G 11 -35.02 31.68 15.13
CA UNK G 11 -35.97 31.98 14.07
C UNK G 11 -35.27 32.55 12.86
N UNK G 12 -35.87 32.38 11.68
CA UNK G 12 -35.25 32.91 10.45
C UNK G 12 -36.22 33.56 9.48
N UNK G 13 -36.87 34.65 9.87
CA UNK G 13 -37.78 35.36 8.96
C UNK G 13 -38.67 34.37 8.24
N UNK G 14 -38.71 34.47 6.91
CA UNK G 14 -39.43 33.56 6.05
C UNK G 14 -38.74 33.64 4.70
N UNK G 15 -38.58 32.50 4.03
CA UNK G 15 -37.96 32.40 2.71
C UNK G 15 -36.54 32.95 2.74
N UNK G 16 -35.94 32.87 3.90
CA UNK G 16 -34.60 33.34 4.20
C UNK G 16 -33.59 32.21 4.27
N UNK G 17 -32.33 32.55 4.07
CA UNK G 17 -31.28 31.57 4.26
C UNK G 17 -31.09 31.35 5.75
N UNK G 18 -30.79 30.12 6.13
CA UNK G 18 -30.53 29.79 7.53
C UNK G 18 -29.63 28.58 7.63
N UNK G 19 -28.97 28.39 8.78
CA UNK G 19 -28.21 27.16 8.92
C UNK G 19 -28.05 26.72 10.36
N UNK G 20 -28.00 25.42 10.53
CA UNK G 20 -27.72 24.74 11.78
C UNK G 20 -26.26 24.42 11.77
N UNK G 21 -25.71 24.03 12.89
CA UNK G 21 -24.31 23.65 12.95
C UNK G 21 -24.18 22.57 13.99
N UNK G 22 -23.16 21.68 13.85
CA UNK G 22 -22.95 20.57 14.79
C UNK G 22 -21.48 20.17 14.86
N UNK G 23 -21.00 19.95 16.07
CA UNK G 23 -19.63 19.50 16.28
C UNK G 23 -19.62 18.08 16.79
N UNK G 24 -18.58 17.34 16.45
CA UNK G 24 -18.40 16.00 16.97
C UNK G 24 -17.32 15.99 18.01
N UNK G 25 -17.41 15.05 18.92
CA UNK G 25 -16.37 14.87 19.93
C UNK G 25 -15.30 13.91 19.46
N UNK G 26 -15.46 13.41 18.25
CA UNK G 26 -14.55 12.44 17.69
C UNK G 26 -14.55 12.50 16.19
N UNK G 27 -13.52 11.96 15.57
CA UNK G 27 -13.48 11.91 14.12
C UNK G 27 -14.40 10.81 13.67
N UNK G 28 -15.67 11.14 13.63
CA UNK G 28 -16.73 10.19 13.40
C UNK G 28 -16.88 9.82 11.95
N UNK G 29 -15.91 9.05 11.47
CA UNK G 29 -15.92 8.56 10.11
C UNK G 29 -15.27 7.18 10.04
N UNK G 30 -15.85 6.33 9.21
CA UNK G 30 -15.35 5.00 8.95
C UNK G 30 -14.34 5.10 7.85
N UNK G 31 -13.57 4.04 7.64
CA UNK G 31 -12.63 4.10 6.54
C UNK G 31 -13.34 4.38 5.20
N UNK G 32 -14.57 3.86 5.03
CA UNK G 32 -15.30 4.11 3.78
C UNK G 32 -16.23 5.33 3.80
N UNK G 33 -16.94 5.59 4.90
CA UNK G 33 -17.96 6.66 4.91
C UNK G 33 -18.27 7.25 6.28
N UNK G 34 -18.74 8.50 6.30
CA UNK G 34 -19.18 9.11 7.54
C UNK G 34 -20.68 8.96 7.73
N UNK G 35 -21.08 8.05 8.61
CA UNK G 35 -22.49 7.73 8.83
C UNK G 35 -23.11 8.70 9.79
N UNK G 36 -23.17 9.92 9.33
CA UNK G 36 -23.72 11.03 10.07
C UNK G 36 -25.04 11.32 9.45
N UNK G 37 -25.96 11.82 10.24
CA UNK G 37 -27.25 12.13 9.66
C UNK G 37 -27.91 13.30 10.34
N UNK G 38 -28.82 13.90 9.61
CA UNK G 38 -29.62 14.99 10.16
C UNK G 38 -31.07 14.62 10.03
N UNK G 39 -31.86 14.94 11.05
CA UNK G 39 -33.28 14.64 11.07
C UNK G 39 -34.07 15.71 11.76
N UNK G 40 -35.35 15.79 11.45
CA UNK G 40 -36.20 16.78 12.08
C UNK G 40 -37.57 16.26 12.35
N UNK G 41 -38.23 16.87 13.35
CA UNK G 41 -39.57 16.42 13.68
C UNK G 41 -40.54 17.53 13.98
N UNK G 42 -41.68 17.41 13.33
CA UNK G 42 -42.81 18.29 13.51
C UNK G 42 -43.45 17.89 14.79
N UNK G 43 -44.22 18.77 15.40
CA UNK G 43 -44.88 18.36 16.61
C UNK G 43 -45.79 17.19 16.31
N UNK G 44 -45.86 16.24 17.23
CA UNK G 44 -46.74 15.08 17.12
C UNK G 44 -46.54 14.32 15.81
N UNK G 45 -45.29 14.03 15.49
CA UNK G 45 -44.97 13.32 14.27
C UNK G 45 -43.73 12.46 14.47
N UNK G 46 -43.61 11.41 13.67
CA UNK G 46 -42.40 10.61 13.74
C UNK G 46 -41.26 11.45 13.20
N UNK G 47 -40.08 11.32 13.76
CA UNK G 47 -38.93 12.04 13.23
C UNK G 47 -38.52 11.49 11.89
N UNK G 48 -37.96 12.31 11.01
CA UNK G 48 -37.49 11.77 9.74
C UNK G 48 -36.18 12.39 9.30
N UNK G 49 -35.35 11.59 8.66
CA UNK G 49 -34.07 12.06 8.16
C UNK G 49 -34.22 12.96 6.97
N UNK G 50 -33.39 13.97 6.93
CA UNK G 50 -33.28 14.85 5.80
C UNK G 50 -32.01 14.49 5.04
N UNK G 51 -30.99 14.07 5.80
CA UNK G 51 -29.67 13.74 5.25
C UNK G 51 -29.28 12.34 5.64
N UNK G 52 -29.06 11.51 4.61
CA UNK G 52 -28.73 10.08 4.68
C UNK G 52 -27.28 9.80 5.02
N UNK G 53 -26.47 10.78 4.79
CA UNK G 53 -25.04 10.67 5.01
C UNK G 53 -24.56 12.00 5.39
N UNK G 54 -23.29 12.13 5.75
CA UNK G 54 -22.83 13.42 6.18
C UNK G 54 -23.17 14.49 5.17
N UNK G 55 -23.17 14.20 3.89
CA UNK G 55 -23.56 15.24 2.96
C UNK G 55 -24.42 14.71 1.82
N UNK G 56 -25.47 13.96 2.14
CA UNK G 56 -26.34 13.44 1.08
C UNK G 56 -27.79 13.39 1.51
N UNK G 57 -28.68 13.79 0.60
CA UNK G 57 -30.13 13.84 0.84
C UNK G 57 -30.77 12.48 1.03
N UNK G 58 -31.74 12.45 1.93
CA UNK G 58 -32.54 11.27 2.22
C UNK G 58 -33.84 11.19 1.44
N UNK G 59 -33.86 10.32 0.44
CA UNK G 59 -35.02 10.10 -0.41
C UNK G 59 -35.59 11.41 -0.90
N UNK G 60 -36.87 11.65 -0.61
CA UNK G 60 -37.53 12.84 -1.09
C UNK G 60 -36.89 14.12 -0.56
N UNK G 61 -36.42 14.10 0.68
CA UNK G 61 -35.83 15.27 1.30
C UNK G 61 -36.59 16.52 0.86
N UNK G 62 -35.84 17.52 0.41
CA UNK G 62 -36.38 18.71 -0.22
C UNK G 62 -35.28 19.36 -1.01
N UNK G 63 -35.60 20.10 -2.05
CA UNK G 63 -34.55 20.81 -2.78
C UNK G 63 -33.80 21.82 -1.91
N UNK G 64 -34.52 22.42 -0.97
CA UNK G 64 -33.98 23.42 -0.06
C UNK G 64 -33.15 22.82 1.05
N UNK G 65 -33.26 21.52 1.26
CA UNK G 65 -32.60 20.85 2.37
C UNK G 65 -31.18 20.54 1.97
N UNK G 66 -30.38 21.58 1.95
CA UNK G 66 -29.03 21.51 1.46
C UNK G 66 -28.21 20.49 2.21
N UNK G 67 -27.35 19.80 1.47
CA UNK G 67 -26.46 18.83 2.06
C UNK G 67 -25.55 19.56 2.99
N UNK G 68 -25.23 18.91 4.08
CA UNK G 68 -24.39 19.56 5.05
C UNK G 68 -22.94 19.69 4.64
N UNK G 69 -22.33 20.73 5.16
CA UNK G 69 -20.91 20.87 5.09
C UNK G 69 -20.45 19.68 5.86
N UNK G 70 -19.34 19.06 5.52
CA UNK G 70 -19.04 17.85 6.25
C UNK G 70 -17.58 17.46 6.35
N UNK G 71 -17.38 16.47 7.22
CA UNK G 71 -16.15 15.76 7.52
C UNK G 71 -15.04 16.60 8.10
N UNK G 72 -15.39 17.53 8.98
CA UNK G 72 -14.39 18.32 9.66
C UNK G 72 -14.48 18.06 11.16
N UNK G 73 -15.02 16.87 11.51
CA UNK G 73 -15.36 16.48 12.87
C UNK G 73 -16.39 17.49 13.34
N UNK G 74 -17.09 17.99 12.34
CA UNK G 74 -18.14 18.96 12.36
C UNK G 74 -18.90 18.84 11.05
N UNK G 75 -20.12 19.32 11.07
CA UNK G 75 -20.95 19.40 9.89
C UNK G 75 -21.96 20.50 10.04
N UNK G 76 -22.49 20.99 8.93
CA UNK G 76 -23.54 21.99 9.07
C UNK G 76 -24.57 21.92 7.96
N UNK G 77 -25.81 21.72 8.37
CA UNK G 77 -26.94 21.60 7.48
C UNK G 77 -27.63 22.92 7.25
N UNK G 78 -27.43 23.44 6.05
CA UNK G 78 -27.97 24.73 5.65
C UNK G 78 -29.35 24.56 5.09
N UNK G 79 -30.13 25.62 5.05
CA UNK G 79 -31.41 25.58 4.40
C UNK G 79 -31.60 26.82 3.55
N UNK G 80 -32.14 26.61 2.36
CA UNK G 80 -32.41 27.74 1.49
C UNK G 80 -33.86 28.08 1.50
N UNK G 81 -34.19 29.36 1.38
CA UNK G 81 -35.59 29.74 1.27
C UNK G 81 -36.45 29.05 2.32
N UNK G 82 -36.12 29.18 3.60
CA UNK G 82 -36.87 28.40 4.57
C UNK G 82 -38.37 28.60 4.39
N UNK G 83 -39.06 27.46 4.28
CA UNK G 83 -40.49 27.38 4.07
C UNK G 83 -41.26 27.62 5.33
N UNK G 84 -42.53 28.00 5.19
CA UNK G 84 -43.40 28.19 6.33
C UNK G 84 -43.53 26.91 7.16
N UNK G 85 -43.45 25.76 6.50
CA UNK G 85 -43.58 24.47 7.16
C UNK G 85 -42.30 24.03 7.85
N UNK G 86 -41.20 24.76 7.68
CA UNK G 86 -39.92 24.39 8.24
C UNK G 86 -39.82 24.90 9.67
N UNK G 87 -40.66 24.36 10.51
CA UNK G 87 -40.80 24.77 11.89
C UNK G 87 -40.89 23.53 12.72
N UNK G 88 -39.71 22.98 12.99
CA UNK G 88 -39.53 21.69 13.60
C UNK G 88 -38.25 21.67 14.41
N UNK G 89 -38.17 20.74 15.34
CA UNK G 89 -36.92 20.58 16.05
C UNK G 89 -36.00 19.82 15.12
N UNK G 90 -34.71 20.11 15.14
CA UNK G 90 -33.80 19.35 14.30
C UNK G 90 -32.54 18.98 15.04
N UNK G 91 -32.01 17.79 14.75
CA UNK G 91 -30.85 17.30 15.48
C UNK G 91 -29.93 16.37 14.67
N UNK G 92 -28.67 16.29 15.13
CA UNK G 92 -27.55 15.49 14.61
C UNK G 92 -27.67 14.05 15.11
N UNK G 93 -27.21 13.12 14.31
CA UNK G 93 -27.07 11.74 14.79
C UNK G 93 -25.73 11.16 14.36
N UNK G 94 -25.11 10.40 15.27
CA UNK G 94 -23.85 9.72 15.00
C UNK G 94 -23.99 8.22 15.06
N UNK G 95 -23.97 7.56 13.90
CA UNK G 95 -24.18 6.13 13.88
C UNK G 95 -22.91 5.32 14.06
N UNK G 96 -22.36 5.36 15.26
CA UNK G 96 -21.16 4.61 15.59
C UNK G 96 -21.18 4.21 17.05
N UNK G 97 -20.61 3.04 17.37
CA UNK G 97 -20.51 2.57 18.76
C UNK G 97 -21.86 2.67 19.46
N UNK G 98 -21.91 3.37 20.59
CA UNK G 98 -23.15 3.60 21.32
C UNK G 98 -23.76 4.84 20.67
N UNK G 99 -24.81 4.65 19.90
CA UNK G 99 -25.28 5.75 19.06
C UNK G 99 -25.67 6.95 19.87
N UNK G 100 -25.33 8.11 19.35
CA UNK G 100 -25.56 9.36 20.05
C UNK G 100 -26.26 10.41 19.22
N UNK G 101 -26.99 11.28 19.91
CA UNK G 101 -27.68 12.38 19.25
C UNK G 101 -27.35 13.69 19.92
N UNK G 102 -27.39 14.74 19.14
CA UNK G 102 -27.21 16.09 19.64
C UNK G 102 -28.52 16.63 20.17
N UNK G 103 -28.44 17.65 21.01
CA UNK G 103 -29.64 18.34 21.44
C UNK G 103 -30.18 19.03 20.22
N UNK G 104 -31.49 19.12 20.12
CA UNK G 104 -32.08 19.75 18.95
C UNK G 104 -32.09 21.26 18.97
N UNK G 105 -32.01 21.83 17.78
CA UNK G 105 -32.21 23.26 17.56
C UNK G 105 -33.66 23.44 17.19
N UNK G 106 -34.31 24.51 17.62
CA UNK G 106 -35.71 24.67 17.21
C UNK G 106 -35.88 25.77 16.19
N UNK G 107 -36.36 25.39 15.02
CA UNK G 107 -36.61 26.34 13.95
C UNK G 107 -37.85 27.12 14.27
N UNK G 108 -37.93 28.34 13.78
CA UNK G 108 -39.10 29.17 13.99
C UNK G 108 -39.21 30.26 12.94
N UNK G 109 -40.42 30.74 12.71
CA UNK G 109 -40.61 31.90 11.85
C UNK G 109 -40.31 33.13 12.66
N UNK G 110 -39.88 34.21 12.01
CA UNK G 110 -39.69 35.45 12.78
C UNK G 110 -40.77 36.47 12.39
N UNK G 111 -41.15 37.36 13.34
CA UNK G 111 -42.13 38.46 13.17
C UNK G 111 -43.46 37.96 12.59
N UNK H 1 -39.88 2.01 5.12
CA UNK H 1 -40.68 1.23 6.03
C UNK H 1 -41.44 2.16 6.97
N UNK H 2 -42.78 2.01 7.02
CA UNK H 2 -43.68 2.77 7.89
C UNK H 2 -43.90 2.02 9.20
N UNK H 3 -43.22 2.46 10.26
CA UNK H 3 -43.28 1.83 11.57
C UNK H 3 -44.43 2.40 12.37
N UNK H 4 -45.22 1.52 12.96
CA UNK H 4 -46.40 1.92 13.70
C UNK H 4 -46.31 1.69 15.19
N UNK H 5 -46.10 2.75 15.94
CA UNK H 5 -45.96 2.66 17.39
C UNK H 5 -47.33 2.71 18.00
N UNK H 6 -48.04 1.62 17.82
CA UNK H 6 -49.45 1.47 18.16
C UNK H 6 -49.72 1.66 19.65
N UNK H 7 -48.71 1.53 20.48
CA UNK H 7 -48.89 1.66 21.91
C UNK H 7 -49.50 3.02 22.31
N UNK H 8 -49.14 4.10 21.61
CA UNK H 8 -49.66 5.46 21.87
C UNK H 8 -49.29 6.08 23.25
N UNK H 9 -49.70 5.45 24.34
CA UNK H 9 -49.44 5.95 25.68
C UNK H 9 -49.41 4.82 26.69
N UNK H 10 -48.71 5.00 27.80
CA UNK H 10 -48.67 3.95 28.79
C UNK H 10 -48.43 4.44 30.19
N UNK H 11 -49.30 5.27 30.74
CA UNK H 11 -49.04 5.76 32.08
C UNK H 11 -48.96 4.59 33.05
N UNK H 12 -48.01 4.64 33.98
CA UNK H 12 -47.83 3.58 34.94
C UNK H 12 -47.34 4.10 36.28
N UNK H 13 -47.56 3.29 37.31
CA UNK H 13 -47.09 3.58 38.66
C UNK H 13 -45.58 3.42 38.73
N UNK H 14 -44.96 4.08 39.68
CA UNK H 14 -43.53 3.89 39.86
C UNK H 14 -43.30 2.45 40.29
N UNK H 15 -42.13 1.91 39.98
CA UNK H 15 -41.76 0.55 40.31
C UNK H 15 -42.71 -0.47 39.71
N UNK H 16 -43.13 -0.24 38.49
CA UNK H 16 -43.98 -1.14 37.75
C UNK H 16 -43.39 -1.29 36.37
N UNK H 17 -43.48 -2.47 35.78
CA UNK H 17 -42.93 -2.66 34.44
C UNK H 17 -43.82 -2.06 33.38
N UNK H 18 -43.21 -1.72 32.26
CA UNK H 18 -43.94 -1.21 31.10
C UNK H 18 -43.33 -1.72 29.83
N UNK H 19 -44.13 -1.75 28.77
CA UNK H 19 -43.66 -2.24 27.48
C UNK H 19 -44.33 -1.51 26.33
N UNK H 20 -43.67 -1.55 25.17
CA UNK H 20 -44.16 -0.94 23.94
C UNK H 20 -43.75 -1.78 22.75
N UNK H 21 -44.47 -1.66 21.65
CA UNK H 21 -44.12 -2.44 20.47
C UNK H 21 -44.47 -1.73 19.17
N UNK H 22 -43.76 -2.10 18.07
CA UNK H 22 -43.94 -1.54 16.72
C UNK H 22 -44.18 -2.61 15.66
N UNK H 23 -45.15 -2.32 14.82
CA UNK H 23 -45.48 -3.12 13.65
C UNK H 23 -44.97 -2.39 12.43
N UNK H 24 -44.79 -3.04 11.28
CA UNK H 24 -44.36 -2.25 10.13
C UNK H 24 -44.90 -2.74 8.80
N UNK H 25 -45.15 -1.79 7.90
CA UNK H 25 -45.57 -2.05 6.51
C UNK H 25 -44.38 -2.35 5.58
N UNK H 26 -43.59 -3.34 5.95
CA UNK H 26 -42.36 -3.73 5.25
C UNK H 26 -41.92 -5.13 5.65
N UNK H 27 -41.01 -5.72 4.90
CA UNK H 27 -40.48 -7.02 5.32
C UNK H 27 -39.79 -6.91 6.66
N UNK H 28 -39.92 -7.94 7.50
CA UNK H 28 -39.25 -7.93 8.80
C UNK H 28 -37.80 -8.34 8.66
N UNK H 29 -37.04 -7.44 8.07
CA UNK H 29 -35.65 -7.60 7.75
C UNK H 29 -34.90 -6.31 8.00
N UNK H 30 -34.95 -5.85 9.25
CA UNK H 30 -34.35 -4.59 9.64
C UNK H 30 -33.85 -4.68 11.06
N UNK H 31 -32.85 -3.87 11.38
CA UNK H 31 -32.27 -3.83 12.70
C UNK H 31 -33.02 -2.85 13.54
N UNK H 32 -33.78 -3.36 14.49
CA UNK H 32 -34.60 -2.51 15.33
C UNK H 32 -33.74 -1.87 16.41
N UNK H 33 -34.14 -0.67 16.79
CA UNK H 33 -33.50 0.07 17.85
C UNK H 33 -34.52 0.94 18.57
N UNK H 34 -34.25 1.23 19.83
CA UNK H 34 -35.13 2.09 20.62
C UNK H 34 -34.37 3.25 21.19
N UNK H 35 -35.04 4.40 21.27
CA UNK H 35 -34.49 5.64 21.83
C UNK H 35 -35.61 6.42 22.48
N UNK H 36 -35.28 7.31 23.39
CA UNK H 36 -36.35 8.10 23.99
C UNK H 36 -35.93 9.48 24.36
N UNK H 37 -36.88 10.41 24.32
CA UNK H 37 -36.59 11.76 24.74
C UNK H 37 -37.43 12.14 25.93
N UNK H 38 -36.74 12.39 27.01
CA UNK H 38 -37.34 12.78 28.27
C UNK H 38 -37.80 14.20 28.09
N UNK H 39 -38.69 14.67 28.92
CA UNK H 39 -39.05 16.04 28.75
C UNK H 39 -37.81 16.89 28.90
N UNK H 40 -37.68 17.92 28.06
CA UNK H 40 -36.54 18.84 28.10
C UNK H 40 -35.21 18.11 28.00
N UNK H 41 -35.12 17.18 27.06
CA UNK H 41 -33.90 16.43 26.86
C UNK H 41 -33.74 15.97 25.42
N UNK H 42 -32.50 15.70 25.05
CA UNK H 42 -32.15 15.17 23.75
C UNK H 42 -32.58 13.73 23.68
N UNK H 43 -32.85 13.23 22.48
CA UNK H 43 -33.16 11.83 22.37
C UNK H 43 -31.91 11.03 22.70
N UNK H 44 -32.08 9.90 23.34
CA UNK H 44 -30.92 9.06 23.60
C UNK H 44 -31.23 7.62 23.35
N UNK H 45 -30.26 6.90 22.78
CA UNK H 45 -30.47 5.50 22.49
C UNK H 45 -30.62 4.73 23.75
N UNK H 46 -31.51 3.76 23.76
CA UNK H 46 -31.69 2.90 24.90
C UNK H 46 -31.16 1.51 24.61
N UNK H 47 -31.47 0.99 23.43
CA UNK H 47 -31.07 -0.37 23.06
C UNK H 47 -31.08 -0.57 21.56
N UNK H 48 -30.28 -1.50 21.05
CA UNK H 48 -30.34 -1.79 19.62
C UNK H 48 -29.66 -3.09 19.20
N UNK H 49 -30.04 -3.59 18.03
CA UNK H 49 -29.23 -4.62 17.38
C UNK H 49 -28.20 -3.88 16.54
N UNK H 50 -26.97 -4.37 16.48
CA UNK H 50 -25.98 -3.74 15.61
C UNK H 50 -26.42 -3.96 14.20
N UNK H 51 -26.27 -2.95 13.35
CA UNK H 51 -26.71 -3.15 11.99
C UNK H 51 -25.87 -4.17 11.22
N UNK H 52 -24.55 -4.16 11.42
CA UNK H 52 -23.70 -5.05 10.62
C UNK H 52 -23.21 -6.28 11.36
N UNK H 53 -22.87 -6.15 12.63
CA UNK H 53 -22.30 -7.28 13.36
C UNK H 53 -23.37 -8.21 13.92
N UNK H 54 -24.61 -7.75 13.85
CA UNK H 54 -25.78 -8.46 14.35
C UNK H 54 -25.66 -8.83 15.83
N UNK H 55 -25.10 -7.96 16.64
CA UNK H 55 -24.95 -8.21 18.06
C UNK H 55 -25.97 -7.40 18.82
N UNK H 56 -26.45 -7.89 19.95
CA UNK H 56 -27.36 -7.07 20.75
C UNK H 56 -26.57 -6.22 21.72
N UNK H 57 -27.03 -5.01 21.97
CA UNK H 57 -26.40 -4.14 22.95
C UNK H 57 -27.42 -3.24 23.61
N UNK H 58 -27.10 -2.73 24.78
CA UNK H 58 -28.00 -1.81 25.47
C UNK H 58 -27.21 -0.77 26.23
N UNK H 59 -27.84 0.36 26.45
CA UNK H 59 -27.21 1.47 27.15
C UNK H 59 -26.85 1.09 28.57
N UNK H 60 -25.74 1.63 29.05
CA UNK H 60 -25.33 1.37 30.42
C UNK H 60 -26.38 1.79 31.41
N UNK H 61 -27.10 2.85 31.08
CA UNK H 61 -28.12 3.41 31.94
C UNK H 61 -29.44 2.68 31.84
N UNK H 62 -29.52 1.64 31.02
CA UNK H 62 -30.76 0.92 30.81
C UNK H 62 -30.56 -0.57 30.98
N UNK H 63 -29.91 -0.96 32.07
CA UNK H 63 -29.64 -2.39 32.33
C UNK H 63 -30.90 -3.15 32.73
N UNK H 64 -31.95 -2.41 33.10
CA UNK H 64 -33.24 -2.97 33.49
C UNK H 64 -34.11 -3.22 32.27
N UNK H 65 -33.61 -2.83 31.10
CA UNK H 65 -34.34 -2.95 29.85
C UNK H 65 -34.12 -4.29 29.20
N UNK H 66 -35.07 -4.67 28.37
CA UNK H 66 -34.98 -5.87 27.56
C UNK H 66 -35.69 -5.64 26.25
N UNK H 67 -35.30 -6.37 25.21
CA UNK H 67 -35.98 -6.23 23.94
C UNK H 67 -35.91 -7.52 23.15
N UNK H 68 -36.89 -7.71 22.29
CA UNK H 68 -36.93 -8.88 21.43
C UNK H 68 -37.76 -8.62 20.19
N UNK H 69 -37.50 -9.37 19.13
CA UNK H 69 -38.33 -9.27 17.94
C UNK H 69 -39.14 -10.54 17.74
N UNK H 70 -40.45 -10.39 17.65
CA UNK H 70 -41.37 -11.48 17.45
C UNK H 70 -41.70 -11.61 15.99
N UNK H 71 -42.30 -12.71 15.59
CA UNK H 71 -42.70 -12.82 14.20
C UNK H 71 -43.67 -11.70 13.79
N UNK H 72 -44.56 -11.27 14.69
CA UNK H 72 -45.53 -10.24 14.34
C UNK H 72 -45.08 -8.77 14.55
N UNK H 73 -44.31 -8.50 15.62
CA UNK H 73 -43.93 -7.12 15.97
C UNK H 73 -42.66 -7.06 16.81
N UNK H 74 -41.99 -5.90 16.80
CA UNK H 74 -40.83 -5.70 17.65
C UNK H 74 -41.27 -5.14 18.98
N UNK H 75 -40.61 -5.53 20.06
CA UNK H 75 -41.03 -4.99 21.35
C UNK H 75 -39.90 -4.77 22.33
N UNK H 76 -40.14 -3.88 23.28
CA UNK H 76 -39.18 -3.58 24.33
C UNK H 76 -39.90 -3.30 25.63
N UNK H 77 -39.18 -3.52 26.73
CA UNK H 77 -39.72 -3.33 28.05
C UNK H 77 -38.69 -2.94 29.07
N UNK H 78 -39.14 -2.35 30.16
CA UNK H 78 -38.24 -2.05 31.27
C UNK H 78 -38.96 -2.24 32.58
N UNK H 79 -38.24 -2.77 33.57
CA UNK H 79 -38.87 -3.02 34.87
C UNK H 79 -38.83 -1.90 35.90
N UNK H 80 -37.74 -1.17 35.97
CA UNK H 80 -37.60 -0.21 37.05
C UNK H 80 -38.22 1.14 36.76
N UNK H 81 -39.53 1.18 36.67
CA UNK H 81 -40.16 2.46 36.37
C UNK H 81 -39.89 3.43 37.50
N UNK H 82 -39.68 4.66 37.14
CA UNK H 82 -39.42 5.73 38.09
C UNK H 82 -39.93 7.02 37.50
N UNK H 83 -40.17 8.03 38.30
CA UNK H 83 -40.62 9.30 37.72
C UNK H 83 -39.62 9.85 36.71
N UNK H 84 -38.35 9.61 36.95
CA UNK H 84 -37.28 10.07 36.08
C UNK H 84 -37.30 9.38 34.72
N UNK H 85 -37.99 8.26 34.63
CA UNK H 85 -38.08 7.46 33.43
C UNK H 85 -39.22 7.90 32.55
N UNK H 86 -40.00 8.90 32.96
CA UNK H 86 -41.10 9.30 32.09
C UNK H 86 -40.52 9.99 30.87
N UNK H 87 -40.84 9.48 29.69
CA UNK H 87 -40.30 9.99 28.43
C UNK H 87 -41.15 9.57 27.27
N UNK H 88 -40.98 10.23 26.14
CA UNK H 88 -41.66 9.79 24.93
C UNK H 88 -40.76 8.81 24.19
N UNK H 89 -41.09 7.53 24.27
CA UNK H 89 -40.23 6.49 23.71
C UNK H 89 -40.62 6.12 22.30
N UNK H 90 -39.65 5.83 21.45
CA UNK H 90 -39.96 5.48 20.08
C UNK H 90 -39.00 4.45 19.53
N UNK H 91 -39.44 3.67 18.52
CA UNK H 91 -38.65 2.69 17.80
C UNK H 91 -38.11 3.32 16.53
N UNK H 92 -37.03 2.74 16.07
CA UNK H 92 -36.41 3.14 14.84
C UNK H 92 -35.76 1.94 14.19
N UNK H 93 -35.51 2.03 12.90
CA UNK H 93 -34.86 0.89 12.26
C UNK H 93 -33.91 1.26 11.15
N UNK H 94 -32.96 0.36 10.95
CA UNK H 94 -31.92 0.47 9.91
C UNK H 94 -31.77 -0.80 9.09
N UNK H 95 -31.26 -0.64 7.89
CA UNK H 95 -30.90 -1.76 7.04
C UNK H 95 -29.75 -2.42 7.75
N UNK H 96 -29.45 -3.67 7.42
CA UNK H 96 -28.36 -4.36 8.11
C UNK H 96 -26.99 -4.02 7.54
N UNK H 97 -26.51 -4.75 6.56
CA UNK H 97 -25.16 -4.49 6.05
C UNK H 97 -25.10 -3.37 5.02
N UNK H 98 -26.25 -2.79 4.73
CA UNK H 98 -26.45 -1.70 3.80
C UNK H 98 -27.07 -0.54 4.56
N UNK H 99 -26.66 -0.41 5.82
CA UNK H 99 -27.10 0.60 6.76
C UNK H 99 -26.58 1.97 6.44
N UNK H 100 -27.36 2.98 6.78
CA UNK H 100 -26.97 4.37 6.66
C UNK H 100 -27.59 5.12 7.83
N UNK H 101 -27.21 4.72 9.04
CA UNK H 101 -27.81 5.19 10.29
C UNK H 101 -29.27 4.77 10.31
N UNK H 102 -30.02 5.18 11.34
CA UNK H 102 -31.43 4.81 11.38
C UNK H 102 -32.16 5.58 10.31
N UNK H 103 -33.08 4.93 9.61
CA UNK H 103 -33.85 5.61 8.58
C UNK H 103 -35.31 5.75 8.94
N UNK H 104 -35.87 4.71 9.54
CA UNK H 104 -37.29 4.75 9.82
C UNK H 104 -37.52 5.02 11.27
N UNK H 105 -38.52 5.84 11.56
CA UNK H 105 -38.95 6.13 12.93
C UNK H 105 -40.43 6.02 13.07
N UNK H 106 -40.86 5.62 14.24
CA UNK H 106 -42.27 5.60 14.60
C UNK H 106 -42.58 6.78 15.51
N UNK H 107 -43.86 7.11 15.62
CA UNK H 107 -44.28 8.13 16.57
C UNK H 107 -44.00 7.61 17.96
N UNK H 108 -43.71 8.47 18.90
CA UNK H 108 -43.43 8.00 20.25
C UNK H 108 -44.66 7.66 21.09
N UNK H 109 -44.47 6.76 22.07
CA UNK H 109 -45.49 6.43 23.05
C UNK H 109 -45.24 7.18 24.37
N UNK H 110 -46.29 7.82 24.88
CA UNK H 110 -46.20 8.62 26.11
C UNK H 110 -46.28 7.79 27.38
N UNK H 111 -45.18 7.12 27.67
CA UNK H 111 -45.08 6.23 28.84
C UNK H 111 -44.77 6.99 30.13
N UNK H 112 -45.75 7.74 30.63
CA UNK H 112 -45.62 8.55 31.85
C UNK H 112 -45.44 7.67 33.11
N UNK H 113 -44.68 8.17 34.12
CA UNK H 113 -44.41 7.47 35.39
C UNK H 113 -44.39 8.48 36.53
C1 NAG I . -40.19 -20.55 -1.84
C2 NAG I . -41.63 -19.88 -1.77
C3 NAG I . -41.91 -19.53 -0.27
C4 NAG I . -41.82 -20.82 0.62
C5 NAG I . -40.39 -21.44 0.44
C6 NAG I . -40.16 -22.75 1.20
C7 NAG I . -41.91 -18.58 -3.88
C8 NAG I . -41.80 -17.30 -4.65
N2 NAG I . -41.60 -18.63 -2.58
O3 NAG I . -43.22 -18.96 -0.16
O4 NAG I . -41.91 -20.38 1.99
O5 NAG I . -40.14 -21.74 -0.99
O6 NAG I . -38.83 -23.23 1.00
O7 NAG I . -42.31 -19.59 -4.47
C1 NAG I . -43.13 -20.79 2.76
C2 NAG I . -42.80 -20.50 4.27
C3 NAG I . -44.03 -20.91 5.14
C4 NAG I . -45.30 -20.12 4.65
C5 NAG I . -45.55 -20.44 3.13
C6 NAG I . -46.72 -19.65 2.55
C7 NAG I . -40.42 -20.75 5.02
C8 NAG I . -39.22 -21.62 5.25
N2 NAG I . -41.59 -21.30 4.62
O3 NAG I . -43.79 -20.59 6.52
O4 NAG I . -46.43 -20.51 5.44
O5 NAG I . -44.33 -20.09 2.34
O6 NAG I . -47.95 -19.93 3.21
O7 NAG I . -40.32 -19.53 5.23
C1 NAG J . -34.40 -14.14 -30.21
C2 NAG J . -34.07 -15.62 -29.74
C3 NAG J . -34.45 -16.58 -30.90
C4 NAG J . -35.96 -16.44 -31.31
C5 NAG J . -36.20 -14.93 -31.71
C6 NAG J . -37.64 -14.62 -32.05
C7 NAG J . -32.07 -16.17 -28.38
C8 NAG J . -30.57 -16.20 -28.21
N2 NAG J . -32.61 -15.70 -29.50
O3 NAG J . -34.20 -17.91 -30.44
O4 NAG J . -36.25 -17.22 -32.51
O5 NAG J . -35.81 -14.05 -30.59
O6 NAG J . -37.86 -13.22 -32.17
O7 NAG J . -32.77 -16.58 -27.44
C1 NAG J . -36.54 -18.70 -32.34
C2 NAG J . -37.58 -19.11 -33.46
C3 NAG J . -37.88 -20.65 -33.29
C4 NAG J . -36.55 -21.47 -33.40
C5 NAG J . -35.55 -20.98 -32.29
C6 NAG J . -34.18 -21.66 -32.32
C7 NAG J . -39.27 -17.41 -34.14
C8 NAG J . -40.53 -16.65 -33.85
N2 NAG J . -38.84 -18.34 -33.28
O3 NAG J . -38.78 -21.08 -34.31
O4 NAG J . -36.84 -22.86 -33.23
O5 NAG J . -35.33 -19.52 -32.45
O6 NAG J . -33.51 -21.53 -33.58
O7 NAG J . -38.66 -17.17 -35.20
C1 NAG K . -42.45 -0.98 -24.79
C2 NAG K . -42.71 -0.33 -23.36
C3 NAG K . -43.91 -1.08 -22.70
C4 NAG K . -45.17 -0.98 -23.60
C5 NAG K . -44.83 -1.60 -25.00
C6 NAG K . -45.94 -1.46 -26.05
C7 NAG K . -40.69 0.48 -22.14
C8 NAG K . -39.38 0.20 -21.46
N2 NAG K . -41.47 -0.53 -22.56
O3 NAG K . -44.19 -0.44 -21.44
O4 NAG K . -46.21 -1.79 -22.98
O5 NAG K . -43.66 -0.88 -25.59
O6 NAG K . -45.64 -2.23 -27.21
O7 NAG K . -41.03 1.67 -22.31
C1 NAG K . -47.57 -1.14 -22.74
C2 NAG K . -48.65 -2.29 -22.68
C3 NAG K . -50.05 -1.60 -22.45
C4 NAG K . -50.03 -0.76 -21.14
C5 NAG K . -48.90 0.33 -21.25
C6 NAG K . -48.74 1.16 -19.99
C7 NAG K . -48.30 -4.29 -24.12
C8 NAG K . -48.27 -4.90 -25.49
N2 NAG K . -48.66 -3.00 -23.98
O3 NAG K . -51.05 -2.62 -22.34
O4 NAG K . -51.31 -0.15 -20.96
O5 NAG K . -47.59 -0.34 -21.52
O6 NAG K . -49.92 1.89 -19.67
O7 NAG K . -47.99 -4.99 -23.14
C1 NAG L . -26.57 6.44 -20.22
C2 NAG L . -26.51 5.21 -19.22
C3 NAG L . -27.82 5.20 -18.38
C4 NAG L . -27.97 6.53 -17.59
C5 NAG L . -27.98 7.72 -18.62
C6 NAG L . -27.99 9.09 -17.94
C7 NAG L . -25.54 2.99 -19.70
C8 NAG L . -25.53 1.74 -20.52
N2 NAG L . -26.42 3.96 -19.98
O3 NAG L . -27.77 4.11 -17.45
O4 NAG L . -29.23 6.46 -16.86
O5 NAG L . -26.75 7.68 -19.44
O6 NAG L . -27.79 10.15 -18.86
O7 NAG L . -24.71 3.10 -18.79
C1 NAG L . -29.21 6.93 -15.43
C2 NAG L . -30.68 7.30 -15.01
C3 NAG L . -30.64 7.80 -13.53
C4 NAG L . -30.06 6.66 -12.62
C5 NAG L . -28.61 6.33 -13.12
C6 NAG L . -27.99 5.13 -12.41
C7 NAG L . -32.40 8.24 -16.56
C8 NAG L . -32.84 9.28 -17.55
N2 NAG L . -31.21 8.35 -15.92
O3 NAG L . -31.98 8.12 -13.11
O4 NAG L . -29.99 7.09 -11.22
O5 NAG L . -28.67 5.92 -14.54
O6 NAG L . -28.54 3.91 -12.87
O7 NAG L . -33.16 7.29 -16.33
C1 BMA L . -31.17 6.73 -10.34
C2 BMA L . -30.64 6.20 -8.95
C3 BMA L . -31.87 5.83 -8.07
C4 BMA L . -32.82 7.07 -7.91
C5 BMA L . -33.27 7.56 -9.33
C6 BMA L . -34.12 8.84 -9.30
O2 BMA L . -29.82 7.18 -8.32
O3 BMA L . -31.40 5.41 -6.79
O4 BMA L . -33.94 6.68 -7.13
O5 BMA L . -32.07 7.87 -10.15
O6 BMA L . -35.36 8.65 -8.62
C1 NAG M . 24.05 -27.94 -14.81
C2 NAG M . 22.63 -28.24 -14.15
C3 NAG M . 21.96 -29.41 -14.94
C4 NAG M . 21.78 -29.03 -16.45
C5 NAG M . 23.23 -28.72 -17.02
C6 NAG M . 23.28 -28.24 -18.47
C7 NAG M . 22.05 -28.32 -11.73
C8 NAG M . 22.34 -28.82 -10.34
N2 NAG M . 22.84 -28.69 -12.74
O3 NAG M . 20.67 -29.68 -14.38
O4 NAG M . 21.18 -30.21 -17.07
O5 NAG M . 23.83 -27.62 -16.22
O6 NAG M . 22.43 -27.11 -18.72
O7 NAG M . 21.08 -27.56 -11.90
C1 NAG M . 20.22 -29.98 -18.21
C2 NAG M . 20.04 -31.37 -18.92
C3 NAG M . 19.08 -31.16 -20.15
C4 NAG M . 17.72 -30.59 -19.65
C5 NAG M . 17.98 -29.23 -18.90
C6 NAG M . 16.70 -28.64 -18.31
C7 NAG M . 21.66 -33.19 -19.44
C8 NAG M . 23.07 -33.65 -19.69
N2 NAG M . 21.39 -31.88 -19.30
O3 NAG M . 18.88 -32.41 -20.84
O4 NAG M . 16.85 -30.38 -20.76
O5 NAG M . 18.94 -29.44 -17.78
O6 NAG M . 15.71 -28.41 -19.32
O7 NAG M . 20.75 -34.03 -19.40
C1 NAG N . 5.72 1.21 33.43
C2 NAG N . 5.00 -0.02 32.73
C3 NAG N . 5.38 -1.33 33.48
C4 NAG N . 6.93 -1.54 33.49
C5 NAG N . 7.58 -0.27 34.16
C6 NAG N . 9.11 -0.29 34.17
C7 NAG N . 2.63 -0.28 31.97
C8 NAG N . 1.17 -0.02 32.17
N2 NAG N . 3.53 0.21 32.85
O3 NAG N . 4.78 -2.45 32.83
O4 NAG N . 7.21 -2.72 34.30
O5 NAG N . 7.17 0.97 33.44
O6 NAG N . 9.65 0.90 34.73
O7 NAG N . 3.01 -0.95 30.99
C1 NAG N . 8.10 -3.78 33.69
C2 NAG N . 8.72 -4.65 34.85
C3 NAG N . 9.67 -5.72 34.20
C4 NAG N . 8.87 -6.61 33.20
C5 NAG N . 8.23 -5.67 32.11
C6 NAG N . 7.30 -6.40 31.15
C7 NAG N . 9.33 -3.91 37.15
C8 NAG N . 9.96 -2.89 38.05
N2 NAG N . 9.45 -3.77 35.80
O3 NAG N . 10.25 -6.53 35.24
O4 NAG N . 9.83 -7.51 32.56
O5 NAG N . 7.38 -4.64 32.76
O6 NAG N . 6.06 -6.75 31.77
O7 NAG N . 8.72 -4.86 37.65
C1 BMA N . 9.54 -8.99 32.62
C2 BMA N . 10.18 -9.64 31.36
C3 BMA N . 9.84 -11.13 31.36
C4 BMA N . 10.39 -11.72 32.64
C5 BMA N . 9.74 -11.02 33.84
C6 BMA N . 10.28 -11.58 35.12
O2 BMA N . 11.58 -9.48 31.40
O3 BMA N . 10.49 -11.76 30.22
O4 BMA N . 10.11 -13.11 32.69
O5 BMA N . 10.04 -9.59 33.82
O6 BMA N . 10.30 -13.00 35.09
C1 MAN N . 9.62 -12.03 28.98
C2 MAN N . 8.94 -13.45 29.09
C3 MAN N . 10.04 -14.54 28.97
C4 MAN N . 10.82 -14.38 27.62
C5 MAN N . 11.45 -12.93 27.59
C6 MAN N . 12.18 -12.63 26.28
O2 MAN N . 7.94 -13.61 28.09
O3 MAN N . 9.42 -15.84 29.00
O4 MAN N . 11.83 -15.38 27.55
O5 MAN N . 10.38 -11.92 27.74
O6 MAN N . 13.28 -13.50 26.06
C1 NAG O . -0.54 -5.45 49.20
C2 NAG O . 0.37 -6.67 48.72
C3 NAG O . -0.12 -7.96 49.47
C4 NAG O . -0.01 -7.73 51.03
C5 NAG O . -0.86 -6.47 51.42
C6 NAG O . -0.70 -6.08 52.89
C7 NAG O . 1.09 -6.24 46.37
C8 NAG O . 0.91 -6.39 44.89
N2 NAG O . 0.24 -6.84 47.24
O3 NAG O . 0.68 -9.08 49.08
O4 NAG O . -0.65 -8.86 51.71
O5 NAG O . -0.40 -5.29 50.64
O6 NAG O . -1.73 -5.18 53.29
O7 NAG O . 2.04 -5.54 46.78
C1 NAG O . 0.25 -9.91 52.34
C2 NAG O . -0.59 -10.60 53.48
C3 NAG O . 0.30 -11.72 54.13
C4 NAG O . 0.76 -12.74 53.04
C5 NAG O . 1.57 -11.97 51.93
C6 NAG O . 1.97 -12.88 50.77
C7 NAG O . -2.23 -9.20 54.75
C8 NAG O . -2.51 -8.15 55.79
N2 NAG O . -0.96 -9.59 54.50
O3 NAG O . -0.44 -12.42 55.15
O4 NAG O . 1.57 -13.75 53.65
O5 NAG O . 0.72 -10.88 51.37
O6 NAG O . 2.82 -13.95 51.20
O7 NAG O . -3.19 -9.69 54.14
C1 NAG P . -40.32 -25.69 -14.88
C2 NAG P . -39.99 -27.23 -14.62
C3 NAG P . -39.37 -27.83 -15.93
C4 NAG P . -40.36 -27.64 -17.13
C5 NAG P . -40.63 -26.11 -17.32
C6 NAG P . -41.64 -25.80 -18.43
C7 NAG P . -39.26 -27.49 -12.24
C8 NAG P . -38.15 -27.46 -11.22
N2 NAG P . -38.97 -27.34 -13.54
O3 NAG P . -39.13 -29.23 -15.74
O4 NAG P . -39.76 -28.19 -18.31
O5 NAG P . -41.20 -25.56 -16.05
O6 NAG P . -41.18 -26.27 -19.70
O7 NAG P . -40.42 -27.66 -11.85
C1 NAG Q . -30.78 -30.73 4.99
C2 NAG Q . -31.47 -31.08 3.59
C3 NAG Q . -32.53 -32.21 3.85
C4 NAG Q . -31.85 -33.47 4.47
C5 NAG Q . -31.16 -33.05 5.81
C6 NAG Q . -30.37 -34.21 6.45
C7 NAG Q . -31.92 -29.29 1.90
C8 NAG Q . -32.78 -28.15 1.43
N2 NAG Q . -32.21 -29.89 3.07
O3 NAG Q . -33.13 -32.60 2.60
O4 NAG Q . -32.83 -34.47 4.70
O5 NAG Q . -30.18 -31.96 5.54
O6 NAG Q . -31.19 -35.35 6.73
O7 NAG Q . -30.96 -29.65 1.19
C1 NAG R . -26.62 13.69 -40.26
C2 NAG R . -27.18 13.21 -41.67
C3 NAG R . -27.59 14.46 -42.50
C4 NAG R . -28.68 15.26 -41.71
C5 NAG R . -28.11 15.69 -40.31
C6 NAG R . -29.12 16.37 -39.41
C7 NAG R . -26.32 11.39 -43.12
C8 NAG R . -25.19 10.53 -43.63
N2 NAG R . -26.08 12.43 -42.31
O3 NAG R . -28.15 14.06 -43.76
O4 NAG R . -29.03 16.41 -42.49
O5 NAG R . -27.66 14.47 -39.57
O6 NAG R . -28.53 16.76 -38.17
O7 NAG R . -27.47 11.09 -43.48
C1 NAG S . -38.38 6.84 -23.49
C2 NAG S . -39.29 6.89 -24.80
C3 NAG S . -39.62 8.39 -25.12
C4 NAG S . -40.33 9.06 -23.92
C5 NAG S . -39.36 8.97 -22.67
C6 NAG S . -39.95 9.56 -21.40
C7 NAG S . -38.67 5.15 -26.50
C8 NAG S . -37.71 4.63 -27.52
N2 NAG S . -38.47 6.35 -25.92
O3 NAG S . -40.48 8.42 -26.26
O4 NAG S . -40.59 10.43 -24.24
O5 NAG S . -39.07 7.54 -22.41
O6 NAG S . -39.03 9.40 -20.30
O7 NAG S . -39.65 4.46 -26.18
C1 NAG T . -28.96 11.47 -26.18
C2 NAG T . -28.25 12.23 -24.97
C3 NAG T . -29.03 13.57 -24.72
C4 NAG T . -29.01 14.45 -26.02
C5 NAG T . -29.67 13.63 -27.19
C6 NAG T . -29.57 14.35 -28.53
C7 NAG T . -27.20 10.85 -23.19
C8 NAG T . -27.34 9.84 -22.09
N2 NAG T . -28.31 11.35 -23.78
O3 NAG T . -28.40 14.30 -23.65
O4 NAG T . -29.73 15.64 -25.76
O5 NAG T . -28.96 12.33 -27.37
O6 NAG T . -30.17 13.57 -29.58
O7 NAG T . -26.07 11.20 -23.54
C1 NAG U . -31.26 -15.81 -35.27
C2 NAG U . -31.34 -16.69 -33.96
C3 NAG U . -31.71 -18.16 -34.40
C4 NAG U . -33.09 -18.14 -35.15
C5 NAG U . -32.99 -17.20 -36.40
C6 NAG U . -34.32 -17.03 -37.12
C7 NAG U . -29.77 -15.90 -32.19
C8 NAG U . -28.44 -16.01 -31.49
N2 NAG U . -30.04 -16.70 -33.24
O3 NAG U . -31.79 -19.00 -33.25
O4 NAG U . -33.38 -19.48 -35.58
O5 NAG U . -32.56 -15.84 -35.96
O6 NAG U . -34.18 -16.20 -38.26
O7 NAG U . -30.60 -15.06 -31.77
C1 NAG V . -37.75 -10.96 -39.95
C2 NAG V . -38.70 -11.18 -38.69
C3 NAG V . -39.82 -12.20 -39.08
C4 NAG V . -40.62 -11.65 -40.30
C5 NAG V . -39.63 -11.43 -41.51
C6 NAG V . -40.29 -10.81 -42.73
C7 NAG V . -37.79 -11.12 -36.37
C8 NAG V . -36.84 -11.68 -35.33
N2 NAG V . -37.86 -11.71 -37.57
O3 NAG V . -40.72 -12.38 -37.97
O4 NAG V . -41.64 -12.60 -40.65
O5 NAG V . -38.56 -10.48 -41.09
O6 NAG V . -39.34 -10.55 -43.74
O7 NAG V . -38.49 -10.14 -36.08
C1 NAG W . 34.26 16.50 -40.89
C2 NAG W . 35.40 17.34 -40.14
C3 NAG W . 36.77 16.97 -40.78
C4 NAG W . 37.02 15.43 -40.62
C5 NAG W . 35.85 14.64 -41.31
C6 NAG W . 35.94 13.13 -41.11
C7 NAG W . 34.46 19.51 -39.32
C8 NAG W . 34.00 20.94 -39.57
N2 NAG W . 35.09 18.80 -40.29
O3 NAG W . 37.82 17.68 -40.12
O4 NAG W . 38.26 15.11 -41.25
O5 NAG W . 34.54 15.06 -40.72
O6 NAG W . 34.81 12.46 -41.66
O7 NAG W . 34.24 19.01 -38.20
C1 NAG X . 20.54 7.06 -40.72
C2 NAG X . 20.07 7.87 -42.01
C3 NAG X . 19.05 6.99 -42.81
C4 NAG X . 19.75 5.65 -43.22
C5 NAG X . 20.24 4.91 -41.91
C6 NAG X . 21.01 3.62 -42.22
C7 NAG X . 20.09 10.34 -41.62
C8 NAG X . 19.49 11.56 -40.98
N2 NAG X . 19.45 9.14 -41.56
O3 NAG X . 18.63 7.68 -43.99
O4 NAG X . 18.80 4.84 -43.92
O5 NAG X . 21.17 5.79 -41.15
O6 NAG X . 20.21 2.67 -42.92
O7 NAG X . 21.17 10.46 -42.21
C1 NAG Y . 58.90 23.27 -2.63
C2 NAG Y . 60.17 22.64 -3.39
C3 NAG Y . 61.46 23.23 -2.74
C4 NAG Y . 61.46 24.78 -2.88
C5 NAG Y . 60.19 25.36 -2.17
C6 NAG Y . 60.05 26.87 -2.31
C7 NAG Y . 59.96 20.29 -4.23
C8 NAG Y . 59.84 18.82 -3.97
N2 NAG Y . 60.13 21.16 -3.22
O3 NAG Y . 62.62 22.70 -3.41
O4 NAG Y . 62.65 25.30 -2.27
O5 NAG Y . 58.96 24.74 -2.77
O6 NAG Y . 61.14 27.58 -1.72
O7 NAG Y . 59.92 20.68 -5.42
C1 NAG Z . 42.06 11.40 10.75
C2 NAG Z . 43.67 11.50 10.63
C3 NAG Z . 44.26 10.07 10.82
C4 NAG Z . 43.83 9.48 12.20
C5 NAG Z . 42.25 9.43 12.26
C6 NAG Z . 41.71 8.91 13.58
C7 NAG Z . 44.52 13.20 9.00
C8 NAG Z . 44.63 13.64 7.58
N2 NAG Z . 43.99 11.99 9.27
O3 NAG Z . 45.69 10.13 10.77
O4 NAG Z . 44.36 8.16 12.34
O5 NAG Z . 41.71 10.81 12.05
O6 NAG Z . 41.99 7.52 13.76
O7 NAG Z . 44.93 13.94 9.90
C1 NAG AA . 45.25 -16.18 2.59
C2 NAG AA . 45.87 -14.85 3.22
C3 NAG AA . 46.20 -15.11 4.72
C4 NAG AA . 44.89 -15.51 5.47
C5 NAG AA . 44.29 -16.80 4.80
C6 NAG AA . 42.98 -17.25 5.44
C7 NAG AA . 47.37 -13.36 1.90
C8 NAG AA . 48.62 -13.18 1.09
N2 NAG AA . 47.12 -14.55 2.46
O3 NAG AA . 46.71 -13.91 5.33
O4 NAG AA . 45.18 -15.75 6.85
O5 NAG AA . 44.04 -16.54 3.36
O6 NAG AA . 43.09 -17.49 6.84
O7 NAG AA . 46.61 -12.38 2.04
C1 NAG BA . 31.60 -28.74 -17.79
C2 NAG BA . 30.85 -27.53 -18.52
C3 NAG BA . 31.14 -27.63 -20.05
C4 NAG BA . 32.68 -27.57 -20.30
C5 NAG BA . 33.37 -28.76 -19.54
C6 NAG BA . 34.89 -28.72 -19.63
C7 NAG BA . 28.72 -26.82 -17.44
C8 NAG BA . 27.29 -27.10 -17.09
N2 NAG BA . 29.38 -27.65 -18.26
O3 NAG BA . 30.52 -26.53 -20.74
O4 NAG BA . 32.93 -27.67 -21.71
O5 NAG BA . 33.03 -28.68 -18.08
O6 NAG BA . 35.49 -29.79 -18.89
O7 NAG BA . 29.26 -25.80 -16.97
C1 NAG CA . 26.13 -45.87 -13.10
C2 NAG CA . 25.06 -45.61 -14.26
C3 NAG CA . 24.20 -46.89 -14.45
C4 NAG CA . 25.11 -48.11 -14.79
C5 NAG CA . 26.15 -48.31 -13.63
C6 NAG CA . 27.14 -49.44 -13.91
C7 NAG CA . 24.34 -43.22 -14.30
C8 NAG CA . 23.47 -42.12 -13.77
N2 NAG CA . 24.19 -44.48 -13.85
O3 NAG CA . 23.27 -46.69 -15.53
O4 NAG CA . 24.31 -49.28 -14.94
O5 NAG CA . 26.95 -47.06 -13.45
O6 NAG CA . 26.48 -50.69 -14.05
O7 NAG CA . 25.19 -42.94 -15.17
C1 NAG DA . 28.11 -38.97 -18.12
C2 NAG DA . 29.38 -39.94 -18.00
C3 NAG DA . 30.37 -39.62 -19.16
C4 NAG DA . 29.65 -39.80 -20.54
C5 NAG DA . 28.41 -38.85 -20.59
C6 NAG DA . 27.58 -39.01 -21.87
C7 NAG DA . 30.14 -40.59 -15.70
C8 NAG DA . 30.69 -40.19 -14.36
N2 NAG DA . 30.03 -39.68 -16.68
O3 NAG DA . 31.50 -40.50 -19.10
O4 NAG DA . 30.58 -39.50 -21.58
O5 NAG DA . 27.50 -39.16 -19.46
O6 NAG DA . 26.46 -38.13 -21.87
O7 NAG DA . 29.80 -41.78 -15.88
C1 NAG EA . 6.21 -53.12 5.06
C2 NAG EA . 7.64 -53.62 4.56
C3 NAG EA . 8.56 -53.82 5.82
C4 NAG EA . 8.67 -52.46 6.60
C5 NAG EA . 7.23 -52.00 7.02
C6 NAG EA . 7.23 -50.65 7.74
C7 NAG EA . 7.76 -55.08 2.51
C8 NAG EA . 8.41 -54.07 1.58
N2 NAG EA . 7.46 -54.90 3.81
O3 NAG EA . 9.87 -54.23 5.39
O4 NAG EA . 9.49 -52.67 7.75
O5 NAG EA . 6.35 -51.86 5.81
O6 NAG EA . 7.93 -50.69 8.98
O7 NAG EA . 7.47 -56.19 2.05
C1 NAG FA . 50.32 4.19 -14.95
C2 NAG FA . 49.63 5.33 -15.82
C3 NAG FA . 50.42 5.47 -17.16
C4 NAG FA . 51.91 5.84 -16.84
C5 NAG FA . 52.54 4.70 -15.94
C6 NAG FA . 53.96 5.03 -15.49
C7 NAG FA . 47.19 5.81 -15.93
C8 NAG FA . 45.76 5.37 -16.03
N2 NAG FA . 48.20 4.93 -16.07
O3 NAG FA . 49.85 6.50 -17.97
O4 NAG FA . 52.62 5.95 -18.08
O5 NAG FA . 51.72 4.56 -14.71
O6 NAG FA . 54.50 3.98 -14.69
O7 NAG FA . 47.41 7.02 -15.73
C1 NAG GA . 14.94 39.93 22.04
C2 NAG GA . 16.18 40.24 21.10
C3 NAG GA . 17.23 41.07 21.91
C4 NAG GA . 16.57 42.38 22.42
C5 NAG GA . 15.34 42.01 23.34
C6 NAG GA . 14.59 43.24 23.85
C7 NAG GA . 16.98 38.66 19.36
C8 NAG GA . 17.35 37.27 18.94
N2 NAG GA . 16.73 38.94 20.65
O3 NAG GA . 18.34 41.42 21.05
O4 NAG GA . 17.53 43.13 23.17
O5 NAG GA . 14.37 41.19 22.55
O6 NAG GA . 15.40 44.06 24.70
O7 NAG GA . 16.92 39.55 18.50
C1 NAG HA . -18.29 -34.45 22.28
C2 NAG HA . -19.28 -33.80 23.36
C3 NAG HA . -20.01 -34.96 24.12
C4 NAG HA . -20.79 -35.86 23.11
C5 NAG HA . -19.78 -36.44 22.06
C6 NAG HA . -20.47 -37.27 20.98
C7 NAG HA . -18.94 -31.78 24.78
C8 NAG HA . -18.17 -31.05 25.83
N2 NAG HA . -18.51 -32.97 24.33
O3 NAG HA . -20.93 -34.43 25.08
O4 NAG HA . -21.45 -36.91 23.82
O5 NAG HA . -19.06 -35.32 21.38
O6 NAG HA . -21.23 -38.34 21.53
O7 NAG HA . -19.99 -31.27 24.34
C1 NAG IA . 6.78 -1.99 45.67
C2 NAG IA . 6.46 -1.09 46.93
C3 NAG IA . 7.79 -0.40 47.42
C4 NAG IA . 8.85 -1.49 47.76
C5 NAG IA . 9.12 -2.36 46.48
C6 NAG IA . 10.13 -3.48 46.74
C7 NAG IA . 4.24 0.07 46.99
C8 NAG IA . 3.32 1.11 46.42
N2 NAG IA . 5.50 -0.03 46.52
O3 NAG IA . 7.51 0.38 48.59
O4 NAG IA . 10.06 -0.84 48.19
O5 NAG IA . 7.82 -2.97 46.02
O6 NAG IA . 11.40 -2.98 47.15
O7 NAG IA . 3.83 -0.68 47.89
C1 NAG JA . 4.93 -22.44 40.13
C2 NAG JA . 6.23 -21.80 40.78
C3 NAG JA . 7.49 -22.41 40.06
C4 NAG JA . 7.49 -23.97 40.21
C5 NAG JA . 6.17 -24.54 39.60
C6 NAG JA . 6.01 -26.05 39.78
C7 NAG JA . 5.80 -19.45 41.51
C8 NAG JA . 5.88 -17.98 41.23
N2 NAG JA . 6.26 -20.33 40.59
O3 NAG JA . 8.69 -21.89 40.64
O4 NAG JA . 8.62 -24.50 39.52
O5 NAG JA . 5.00 -23.90 40.28
O6 NAG JA . 6.98 -26.78 39.05
O7 NAG JA . 5.33 -19.83 42.59
C1 NAG KA . -5.99 13.21 54.00
C2 NAG KA . -5.72 12.60 55.45
C3 NAG KA . -6.88 13.04 56.39
C4 NAG KA . -6.96 14.60 56.44
C5 NAG KA . -7.18 15.15 54.98
C6 NAG KA . -7.20 16.68 54.89
C7 NAG KA . -4.45 10.45 55.24
C8 NAG KA . -4.43 8.97 55.01
N2 NAG KA . -5.62 11.11 55.34
O3 NAG KA . -6.64 12.55 57.72
O4 NAG KA . -8.05 14.99 57.29
O5 NAG KA . -6.07 14.67 54.10
O6 NAG KA . -8.32 17.25 55.57
O7 NAG KA . -3.37 11.06 55.32
C1 NAG LA . -15.83 5.57 51.34
C2 NAG LA . -15.34 4.20 51.98
C3 NAG LA . -16.40 3.73 53.03
C4 NAG LA . -16.60 4.83 54.12
C5 NAG LA . -17.06 6.16 53.42
C6 NAG LA . -17.21 7.33 54.38
C7 NAG LA . -14.02 2.78 50.39
C8 NAG LA . -13.99 1.82 49.23
N2 NAG LA . -15.21 3.19 50.89
O3 NAG LA . -15.95 2.52 53.66
O4 NAG LA . -17.59 4.38 55.04
O5 NAG LA . -16.04 6.57 52.40
O6 NAG LA . -17.66 8.51 53.70
O7 NAG LA . -12.94 3.18 50.86
C1 NAG MA . 12.45 31.53 29.07
C2 NAG MA . 13.17 30.55 30.10
C3 NAG MA . 13.45 31.34 31.42
C4 NAG MA . 14.35 32.58 31.11
C5 NAG MA . 13.61 33.50 30.05
C6 NAG MA . 14.45 34.70 29.62
C7 NAG MA . 12.54 28.15 29.88
C8 NAG MA . 11.48 27.08 29.96
N2 NAG MA . 12.26 29.39 30.31
O3 NAG MA . 14.13 30.48 32.36
O4 NAG MA . 14.58 33.30 32.32
O5 NAG MA . 13.32 32.70 28.82
O6 NAG MA . 14.71 35.59 30.72
O7 NAG MA . 13.65 27.87 29.41
C1 NAG NA . -16.52 27.01 27.41
C2 NAG NA . -16.73 27.55 25.93
C3 NAG NA . -17.90 28.60 25.93
C4 NAG NA . -19.20 27.90 26.45
C5 NAG NA . -18.95 27.35 27.89
C6 NAG NA . -20.12 26.53 28.43
C7 NAG NA . -14.79 27.72 24.39
C8 NAG NA . -13.46 28.33 24.04
N2 NAG NA . -15.46 28.16 25.46
O3 NAG NA . -18.13 29.08 24.60
O4 NAG NA . -20.26 28.86 26.46
O5 NAG NA . -17.79 26.42 27.87
O6 NAG NA . -19.78 25.95 29.69
O7 NAG NA . -15.24 26.81 23.67
C1 NAG OA . -4.94 28.93 29.20
C2 NAG OA . -6.52 28.95 28.95
C3 NAG OA . -6.87 30.27 28.18
C4 NAG OA . -6.44 31.50 29.03
C5 NAG OA . -4.89 31.43 29.30
C6 NAG OA . -4.41 32.53 30.22
C7 NAG OA . -7.81 26.87 28.50
C8 NAG OA . -8.20 25.78 27.55
N2 NAG OA . -6.92 27.79 28.11
O3 NAG OA . -8.27 30.32 27.93
O4 NAG OA . -6.76 32.68 28.28
O5 NAG OA . -4.57 30.13 29.98
O6 NAG OA . -3.01 32.43 30.46
O7 NAG OA . -8.31 26.90 29.64
#